data_3DWM
# 
_entry.id   3DWM 
# 
_audit_conform.dict_name       mmcif_pdbx.dic 
_audit_conform.dict_version    5.377 
_audit_conform.dict_location   http://mmcif.pdb.org/dictionaries/ascii/mmcif_pdbx.dic 
# 
loop_
_database_2.database_id 
_database_2.database_code 
_database_2.pdbx_database_accession 
_database_2.pdbx_DOI 
PDB   3DWM         pdb_00003dwm 10.2210/pdb3dwm/pdb 
RCSB  RCSB048580   ?            ?                   
WWPDB D_1000048580 ?            ?                   
# 
loop_
_pdbx_database_related.db_name 
_pdbx_database_related.db_id 
_pdbx_database_related.details 
_pdbx_database_related.content_type 
PDB 3DWG 'Crystal structure of Mycobacterium tuberculosis CysM-CysO complex, a cysteine synthase B - antigen complex' unspecified 
PDB 3DWI 'Crystal structure of Mycobacterium tuberculosis CysM, a cysteine synthase B'                                unspecified 
# 
_pdbx_database_status.status_code                     REL 
_pdbx_database_status.entry_id                        3DWM 
_pdbx_database_status.recvd_initial_deposition_date   2008-07-22 
_pdbx_database_status.deposit_site                    RCSB 
_pdbx_database_status.process_site                    RCSB 
_pdbx_database_status.status_code_sf                  REL 
_pdbx_database_status.status_code_mr                  ? 
_pdbx_database_status.SG_entry                        ? 
_pdbx_database_status.pdb_format_compatible           Y 
_pdbx_database_status.status_code_cs                  ? 
_pdbx_database_status.status_code_nmr_data            ? 
_pdbx_database_status.methods_development_category    ? 
# 
loop_
_audit_author.name 
_audit_author.pdbx_ordinal 
'Jurgenson, C.T.' 1 
'Burns, K.E.'     2 
'Begley, T.P.'    3 
'Ealick, S.E.'    4 
# 
_citation.id                        primary 
_citation.title                     
'Crystal structure of a sulfur carrier protein complex found in the cysteine biosynthetic pathway of Mycobacterium tuberculosis.' 
_citation.journal_abbrev            Biochemistry 
_citation.journal_volume            47 
_citation.page_first                10354 
_citation.page_last                 10364 
_citation.year                      2008 
_citation.journal_id_ASTM           BICHAW 
_citation.country                   US 
_citation.journal_id_ISSN           0006-2960 
_citation.journal_id_CSD            0033 
_citation.book_publisher            ? 
_citation.pdbx_database_id_PubMed   18771296 
_citation.pdbx_database_id_DOI      10.1021/bi800915j 
# 
loop_
_citation_author.citation_id 
_citation_author.name 
_citation_author.ordinal 
_citation_author.identifier_ORCID 
primary 'Jurgenson, C.T.' 1 ? 
primary 'Burns, K.E.'     2 ? 
primary 'Begley, T.P.'    3 ? 
primary 'Ealick, S.E.'    4 ? 
# 
_cell.entry_id           3DWM 
_cell.length_a           87.934 
_cell.length_b           62.988 
_cell.length_c           36.537 
_cell.angle_alpha        90.00 
_cell.angle_beta         114.65 
_cell.angle_gamma        90.00 
_cell.Z_PDB              8 
_cell.pdbx_unique_axis   ? 
_cell.length_a_esd       ? 
_cell.length_b_esd       ? 
_cell.length_c_esd       ? 
_cell.angle_alpha_esd    ? 
_cell.angle_beta_esd     ? 
_cell.angle_gamma_esd    ? 
# 
_symmetry.entry_id                         3DWM 
_symmetry.space_group_name_H-M             'C 1 2 1' 
_symmetry.pdbx_full_space_group_name_H-M   ? 
_symmetry.cell_setting                     ? 
_symmetry.Int_Tables_number                5 
_symmetry.space_group_name_Hall            ? 
# 
loop_
_entity.id 
_entity.type 
_entity.src_method 
_entity.pdbx_description 
_entity.formula_weight 
_entity.pdbx_number_of_molecules 
_entity.pdbx_ec 
_entity.pdbx_mutation 
_entity.pdbx_fragment 
_entity.details 
1 polymer man '9.5 kDa culture filtrate antigen cfp10A' 9564.656 2  ? ? ? ? 
2 water   nat water                                     18.015   24 ? ? ? ? 
# 
_entity_poly.entity_id                      1 
_entity_poly.type                           'polypeptide(L)' 
_entity_poly.nstd_linkage                   no 
_entity_poly.nstd_monomer                   no 
_entity_poly.pdbx_seq_one_letter_code       
;MNVTVSIPTILRPHTGGQKSVSASGDTLGAVISDLEANYSGISERLMDPSSPGKLHRFVNIYVNDEDVRFSGGLATAIAD
GDSVTILPAVAGG
;
_entity_poly.pdbx_seq_one_letter_code_can   
;MNVTVSIPTILRPHTGGQKSVSASGDTLGAVISDLEANYSGISERLMDPSSPGKLHRFVNIYVNDEDVRFSGGLATAIAD
GDSVTILPAVAGG
;
_entity_poly.pdbx_strand_id                 A,B 
_entity_poly.pdbx_target_identifier         ? 
# 
loop_
_entity_poly_seq.entity_id 
_entity_poly_seq.num 
_entity_poly_seq.mon_id 
_entity_poly_seq.hetero 
1 1  MET n 
1 2  ASN n 
1 3  VAL n 
1 4  THR n 
1 5  VAL n 
1 6  SER n 
1 7  ILE n 
1 8  PRO n 
1 9  THR n 
1 10 ILE n 
1 11 LEU n 
1 12 ARG n 
1 13 PRO n 
1 14 HIS n 
1 15 THR n 
1 16 GLY n 
1 17 GLY n 
1 18 GLN n 
1 19 LYS n 
1 20 SER n 
1 21 VAL n 
1 22 SER n 
1 23 ALA n 
1 24 SER n 
1 25 GLY n 
1 26 ASP n 
1 27 THR n 
1 28 LEU n 
1 29 GLY n 
1 30 ALA n 
1 31 VAL n 
1 32 ILE n 
1 33 SER n 
1 34 ASP n 
1 35 LEU n 
1 36 GLU n 
1 37 ALA n 
1 38 ASN n 
1 39 TYR n 
1 40 SER n 
1 41 GLY n 
1 42 ILE n 
1 43 SER n 
1 44 GLU n 
1 45 ARG n 
1 46 LEU n 
1 47 MET n 
1 48 ASP n 
1 49 PRO n 
1 50 SER n 
1 51 SER n 
1 52 PRO n 
1 53 GLY n 
1 54 LYS n 
1 55 LEU n 
1 56 HIS n 
1 57 ARG n 
1 58 PHE n 
1 59 VAL n 
1 60 ASN n 
1 61 ILE n 
1 62 TYR n 
1 63 VAL n 
1 64 ASN n 
1 65 ASP n 
1 66 GLU n 
1 67 ASP n 
1 68 VAL n 
1 69 ARG n 
1 70 PHE n 
1 71 SER n 
1 72 GLY n 
1 73 GLY n 
1 74 LEU n 
1 75 ALA n 
1 76 THR n 
1 77 ALA n 
1 78 ILE n 
1 79 ALA n 
1 80 ASP n 
1 81 GLY n 
1 82 ASP n 
1 83 SER n 
1 84 VAL n 
1 85 THR n 
1 86 ILE n 
1 87 LEU n 
1 88 PRO n 
1 89 ALA n 
1 90 VAL n 
1 91 ALA n 
1 92 GLY n 
1 93 GLY n 
# 
_entity_src_gen.entity_id                          1 
_entity_src_gen.pdbx_src_id                        1 
_entity_src_gen.pdbx_alt_source_flag               sample 
_entity_src_gen.pdbx_seq_type                      ? 
_entity_src_gen.pdbx_beg_seq_num                   ? 
_entity_src_gen.pdbx_end_seq_num                   ? 
_entity_src_gen.gene_src_common_name               ? 
_entity_src_gen.gene_src_genus                     ? 
_entity_src_gen.pdbx_gene_src_gene                 'cfp10A, Rv1335, MT1376.1, MTCY130.20' 
_entity_src_gen.gene_src_species                   ? 
_entity_src_gen.gene_src_strain                    H37Rv 
_entity_src_gen.gene_src_tissue                    ? 
_entity_src_gen.gene_src_tissue_fraction           ? 
_entity_src_gen.gene_src_details                   ? 
_entity_src_gen.pdbx_gene_src_fragment             ? 
_entity_src_gen.pdbx_gene_src_scientific_name      'Mycobacterium tuberculosis' 
_entity_src_gen.pdbx_gene_src_ncbi_taxonomy_id     83332 
_entity_src_gen.pdbx_gene_src_variant              ? 
_entity_src_gen.pdbx_gene_src_cell_line            ? 
_entity_src_gen.pdbx_gene_src_atcc                 25618 
_entity_src_gen.pdbx_gene_src_organ                ? 
_entity_src_gen.pdbx_gene_src_organelle            ? 
_entity_src_gen.pdbx_gene_src_cell                 ? 
_entity_src_gen.pdbx_gene_src_cellular_location    ? 
_entity_src_gen.host_org_common_name               ? 
_entity_src_gen.pdbx_host_org_scientific_name      'Escherichia coli' 
_entity_src_gen.pdbx_host_org_ncbi_taxonomy_id     562 
_entity_src_gen.host_org_genus                     ? 
_entity_src_gen.pdbx_host_org_gene                 ? 
_entity_src_gen.pdbx_host_org_organ                ? 
_entity_src_gen.host_org_species                   ? 
_entity_src_gen.pdbx_host_org_tissue               ? 
_entity_src_gen.pdbx_host_org_tissue_fraction      ? 
_entity_src_gen.pdbx_host_org_strain               'BL21(DE3)' 
_entity_src_gen.pdbx_host_org_variant              ? 
_entity_src_gen.pdbx_host_org_cell_line            ? 
_entity_src_gen.pdbx_host_org_atcc                 ? 
_entity_src_gen.pdbx_host_org_culture_collection   ? 
_entity_src_gen.pdbx_host_org_cell                 ? 
_entity_src_gen.pdbx_host_org_organelle            ? 
_entity_src_gen.pdbx_host_org_cellular_location    ? 
_entity_src_gen.pdbx_host_org_vector_type          Plasmid 
_entity_src_gen.pdbx_host_org_vector               ? 
_entity_src_gen.host_org_details                   ? 
_entity_src_gen.expression_system_id               ? 
_entity_src_gen.plasmid_name                       pET16b 
_entity_src_gen.plasmid_details                    ? 
_entity_src_gen.pdbx_description                   ? 
# 
_struct_ref.id                         1 
_struct_ref.db_name                    UNP 
_struct_ref.db_code                    CF1A_MYCTU 
_struct_ref.pdbx_db_accession          P0A646 
_struct_ref.entity_id                  1 
_struct_ref.pdbx_seq_one_letter_code   
;MNVTVSIPTILRPHTGGQKSVSASGDTLGAVISDLEANYSGISERLMDPSSPGKLHRFVNIYVNDEDVRFSGGLATAIAD
GDSVTILPAVAGG
;
_struct_ref.pdbx_align_begin           1 
_struct_ref.pdbx_db_isoform            ? 
# 
loop_
_struct_ref_seq.align_id 
_struct_ref_seq.ref_id 
_struct_ref_seq.pdbx_PDB_id_code 
_struct_ref_seq.pdbx_strand_id 
_struct_ref_seq.seq_align_beg 
_struct_ref_seq.pdbx_seq_align_beg_ins_code 
_struct_ref_seq.seq_align_end 
_struct_ref_seq.pdbx_seq_align_end_ins_code 
_struct_ref_seq.pdbx_db_accession 
_struct_ref_seq.db_align_beg 
_struct_ref_seq.pdbx_db_align_beg_ins_code 
_struct_ref_seq.db_align_end 
_struct_ref_seq.pdbx_db_align_end_ins_code 
_struct_ref_seq.pdbx_auth_seq_align_beg 
_struct_ref_seq.pdbx_auth_seq_align_end 
1 1 3DWM A 1 ? 93 ? P0A646 1 ? 93 ? 1 93 
2 1 3DWM B 1 ? 93 ? P0A646 1 ? 93 ? 1 93 
# 
loop_
_chem_comp.id 
_chem_comp.type 
_chem_comp.mon_nstd_flag 
_chem_comp.name 
_chem_comp.pdbx_synonyms 
_chem_comp.formula 
_chem_comp.formula_weight 
ALA 'L-peptide linking' y ALANINE         ? 'C3 H7 N O2'     89.093  
ARG 'L-peptide linking' y ARGININE        ? 'C6 H15 N4 O2 1' 175.209 
ASN 'L-peptide linking' y ASPARAGINE      ? 'C4 H8 N2 O3'    132.118 
ASP 'L-peptide linking' y 'ASPARTIC ACID' ? 'C4 H7 N O4'     133.103 
GLN 'L-peptide linking' y GLUTAMINE       ? 'C5 H10 N2 O3'   146.144 
GLU 'L-peptide linking' y 'GLUTAMIC ACID' ? 'C5 H9 N O4'     147.129 
GLY 'peptide linking'   y GLYCINE         ? 'C2 H5 N O2'     75.067  
HIS 'L-peptide linking' y HISTIDINE       ? 'C6 H10 N3 O2 1' 156.162 
HOH non-polymer         . WATER           ? 'H2 O'           18.015  
ILE 'L-peptide linking' y ISOLEUCINE      ? 'C6 H13 N O2'    131.173 
LEU 'L-peptide linking' y LEUCINE         ? 'C6 H13 N O2'    131.173 
LYS 'L-peptide linking' y LYSINE          ? 'C6 H15 N2 O2 1' 147.195 
MET 'L-peptide linking' y METHIONINE      ? 'C5 H11 N O2 S'  149.211 
PHE 'L-peptide linking' y PHENYLALANINE   ? 'C9 H11 N O2'    165.189 
PRO 'L-peptide linking' y PROLINE         ? 'C5 H9 N O2'     115.130 
SER 'L-peptide linking' y SERINE          ? 'C3 H7 N O3'     105.093 
THR 'L-peptide linking' y THREONINE       ? 'C4 H9 N O3'     119.119 
TYR 'L-peptide linking' y TYROSINE        ? 'C9 H11 N O3'    181.189 
VAL 'L-peptide linking' y VALINE          ? 'C5 H11 N O2'    117.146 
# 
_exptl.entry_id          3DWM 
_exptl.method            'X-RAY DIFFRACTION' 
_exptl.crystals_number   1 
# 
_exptl_crystal.id                    1 
_exptl_crystal.density_meas          ? 
_exptl_crystal.density_Matthews      2.40 
_exptl_crystal.density_percent_sol   48.83 
_exptl_crystal.description           ? 
_exptl_crystal.F_000                 ? 
_exptl_crystal.preparation           ? 
# 
_exptl_crystal_grow.crystal_id      1 
_exptl_crystal_grow.method          'VAPOR DIFFUSION, HANGING DROP' 
_exptl_crystal_grow.temp            295 
_exptl_crystal_grow.temp_details    ? 
_exptl_crystal_grow.pH              7.5 
_exptl_crystal_grow.pdbx_details    
'0.2 M NaNO3, 20% w/v PEG 3350, plus Rv3206 in a 1:1 mass ratio, pH 7.5, VAPOR DIFFUSION, HANGING DROP, temperature 295K' 
_exptl_crystal_grow.pdbx_pH_range   . 
# 
_diffrn.id                     1 
_diffrn.ambient_temp           100 
_diffrn.ambient_temp_details   ? 
_diffrn.crystal_id             1 
# 
_diffrn_detector.diffrn_id              1 
_diffrn_detector.detector               'IMAGE PLATE' 
_diffrn_detector.type                   'RIGAKU RAXIS IV++' 
_diffrn_detector.pdbx_collection_date   2007-03-14 
_diffrn_detector.details                ? 
# 
_diffrn_radiation.diffrn_id                        1 
_diffrn_radiation.wavelength_id                    1 
_diffrn_radiation.pdbx_monochromatic_or_laue_m_l   M 
_diffrn_radiation.monochromator                    Graphite 
_diffrn_radiation.pdbx_diffrn_protocol             'SINGLE WAVELENGTH' 
_diffrn_radiation.pdbx_scattering_type             x-ray 
# 
_diffrn_radiation_wavelength.id           1 
_diffrn_radiation_wavelength.wavelength   1.5418 
_diffrn_radiation_wavelength.wt           1.0 
# 
_diffrn_source.diffrn_id                   1 
_diffrn_source.source                      'ROTATING ANODE' 
_diffrn_source.type                        RIGAKU 
_diffrn_source.pdbx_synchrotron_site       ? 
_diffrn_source.pdbx_synchrotron_beamline   ? 
_diffrn_source.pdbx_wavelength             ? 
_diffrn_source.pdbx_wavelength_list        1.5418 
# 
_reflns.entry_id                     3DWM 
_reflns.observed_criterion_sigma_F   ? 
_reflns.observed_criterion_sigma_I   ? 
_reflns.d_resolution_high            2.69 
_reflns.d_resolution_low             39.97 
_reflns.number_all                   ? 
_reflns.number_obs                   5022 
_reflns.percent_possible_obs         99.2 
_reflns.pdbx_Rmerge_I_obs            ? 
_reflns.pdbx_Rsym_value              0.145 
_reflns.pdbx_netI_over_sigmaI        14.5 
_reflns.B_iso_Wilson_estimate        ? 
_reflns.pdbx_redundancy              4.0 
_reflns.R_free_details               ? 
_reflns.limit_h_max                  ? 
_reflns.limit_h_min                  ? 
_reflns.limit_k_max                  ? 
_reflns.limit_k_min                  ? 
_reflns.limit_l_max                  ? 
_reflns.limit_l_min                  ? 
_reflns.observed_criterion_F_max     ? 
_reflns.observed_criterion_F_min     ? 
_reflns.pdbx_chi_squared             ? 
_reflns.pdbx_scaling_rejects         ? 
_reflns.pdbx_ordinal                 1 
_reflns.pdbx_diffrn_id               1 
# 
_reflns_shell.d_res_high             2.69 
_reflns_shell.d_res_low              2.76 
_reflns_shell.percent_possible_all   95.4 
_reflns_shell.Rmerge_I_obs           ? 
_reflns_shell.pdbx_Rsym_value        0.392 
_reflns_shell.meanI_over_sigI_obs    3.5 
_reflns_shell.pdbx_redundancy        3.0 
_reflns_shell.percent_possible_obs   ? 
_reflns_shell.number_unique_all      ? 
_reflns_shell.number_measured_all    ? 
_reflns_shell.number_measured_obs    ? 
_reflns_shell.number_unique_obs      ? 
_reflns_shell.pdbx_chi_squared       ? 
_reflns_shell.pdbx_ordinal           1 
_reflns_shell.pdbx_diffrn_id         1 
# 
_refine.entry_id                                 3DWM 
_refine.ls_number_reflns_obs                     4791 
_refine.ls_number_reflns_all                     5022 
_refine.pdbx_ls_sigma_I                          ? 
_refine.pdbx_ls_sigma_F                          ? 
_refine.pdbx_data_cutoff_high_absF               ? 
_refine.pdbx_data_cutoff_low_absF                ? 
_refine.pdbx_data_cutoff_high_rms_absF           ? 
_refine.ls_d_res_low                             39.97 
_refine.ls_d_res_high                            2.69 
_refine.ls_percent_reflns_obs                    98.18 
_refine.ls_R_factor_obs                          0.19785 
_refine.ls_R_factor_all                          ? 
_refine.ls_R_factor_R_work                       0.19542 
_refine.ls_R_factor_R_free                       0.25162 
_refine.ls_R_factor_R_free_error                 ? 
_refine.ls_R_factor_R_free_error_details         ? 
_refine.ls_percent_reflns_R_free                 4.6 
_refine.ls_number_reflns_R_free                  231 
_refine.ls_number_parameters                     ? 
_refine.ls_number_restraints                     ? 
_refine.occupancy_min                            ? 
_refine.occupancy_max                            ? 
_refine.correlation_coeff_Fo_to_Fc               0.949 
_refine.correlation_coeff_Fo_to_Fc_free          0.909 
_refine.B_iso_mean                               49.931 
_refine.aniso_B[1][1]                            -0.17 
_refine.aniso_B[2][2]                            0.09 
_refine.aniso_B[3][3]                            -0.34 
_refine.aniso_B[1][2]                            0.00 
_refine.aniso_B[1][3]                            -0.50 
_refine.aniso_B[2][3]                            0.00 
_refine.solvent_model_details                    MASK 
_refine.solvent_model_param_ksol                 ? 
_refine.solvent_model_param_bsol                 ? 
_refine.pdbx_solvent_vdw_probe_radii             1.20 
_refine.pdbx_solvent_ion_probe_radii             0.80 
_refine.pdbx_solvent_shrinkage_radii             0.80 
_refine.pdbx_ls_cross_valid_method               THROUGHOUT 
_refine.details                                  'HYDROGENS HAVE BEEN ADDED IN THE RIDING POSITIONS' 
_refine.pdbx_starting_model                      'PDB entry 3DWG, chain C' 
_refine.pdbx_method_to_determine_struct          'MOLECULAR REPLACEMENT' 
_refine.pdbx_isotropic_thermal_model             ? 
_refine.pdbx_stereochemistry_target_values       'MAXIMUM LIKELIHOOD' 
_refine.pdbx_stereochem_target_val_spec_case     ? 
_refine.pdbx_R_Free_selection_details            RANDOM 
_refine.pdbx_overall_ESU_R                       ? 
_refine.pdbx_overall_ESU_R_Free                  0.359 
_refine.overall_SU_ML                            0.264 
_refine.overall_SU_B                             13.295 
_refine.ls_redundancy_reflns_obs                 ? 
_refine.B_iso_min                                ? 
_refine.B_iso_max                                ? 
_refine.overall_SU_R_Cruickshank_DPI             ? 
_refine.overall_SU_R_free                        ? 
_refine.ls_wR_factor_R_free                      ? 
_refine.ls_wR_factor_R_work                      ? 
_refine.overall_FOM_free_R_set                   ? 
_refine.overall_FOM_work_R_set                   ? 
_refine.pdbx_overall_phase_error                 ? 
_refine.pdbx_refine_id                           'X-RAY DIFFRACTION' 
_refine.pdbx_diffrn_id                           1 
_refine.pdbx_TLS_residual_ADP_flag               ? 
_refine.pdbx_overall_SU_R_free_Cruickshank_DPI   ? 
_refine.pdbx_overall_SU_R_Blow_DPI               ? 
_refine.pdbx_overall_SU_R_free_Blow_DPI          ? 
# 
_refine_hist.pdbx_refine_id                   'X-RAY DIFFRACTION' 
_refine_hist.cycle_id                         LAST 
_refine_hist.pdbx_number_atoms_protein        1264 
_refine_hist.pdbx_number_atoms_nucleic_acid   0 
_refine_hist.pdbx_number_atoms_ligand         0 
_refine_hist.number_atoms_solvent             24 
_refine_hist.number_atoms_total               1288 
_refine_hist.d_res_high                       2.69 
_refine_hist.d_res_low                        39.97 
# 
loop_
_refine_ls_restr.type 
_refine_ls_restr.dev_ideal 
_refine_ls_restr.dev_ideal_target 
_refine_ls_restr.weight 
_refine_ls_restr.number 
_refine_ls_restr.pdbx_refine_id 
_refine_ls_restr.pdbx_restraint_function 
r_bond_refined_d       0.020  0.022  ? 1286 'X-RAY DIFFRACTION' ? 
r_angle_refined_deg    1.982  1.970  ? 1760 'X-RAY DIFFRACTION' ? 
r_dihedral_angle_1_deg 6.510  5.000  ? 176  'X-RAY DIFFRACTION' ? 
r_dihedral_angle_2_deg 31.814 23.778 ? 45   'X-RAY DIFFRACTION' ? 
r_dihedral_angle_3_deg 19.371 15.000 ? 181  'X-RAY DIFFRACTION' ? 
r_dihedral_angle_4_deg 6.298  15.000 ? 8    'X-RAY DIFFRACTION' ? 
r_chiral_restr         0.121  0.200  ? 217  'X-RAY DIFFRACTION' ? 
r_gen_planes_refined   0.006  0.020  ? 976  'X-RAY DIFFRACTION' ? 
r_nbd_refined          0.248  0.200  ? 606  'X-RAY DIFFRACTION' ? 
r_nbtor_refined        0.323  0.200  ? 882  'X-RAY DIFFRACTION' ? 
r_xyhbond_nbd_refined  0.139  0.200  ? 48   'X-RAY DIFFRACTION' ? 
r_symmetry_vdw_refined 0.241  0.200  ? 32   'X-RAY DIFFRACTION' ? 
r_mcbond_it            0.706  1.500  ? 892  'X-RAY DIFFRACTION' ? 
r_mcangle_it           1.236  2.000  ? 1416 'X-RAY DIFFRACTION' ? 
r_scbond_it            1.895  3.000  ? 420  'X-RAY DIFFRACTION' ? 
r_scangle_it           3.018  4.500  ? 344  'X-RAY DIFFRACTION' ? 
# 
loop_
_refine_ls_restr_ncs.dom_id 
_refine_ls_restr_ncs.pdbx_auth_asym_id 
_refine_ls_restr_ncs.pdbx_number 
_refine_ls_restr_ncs.rms_dev_position 
_refine_ls_restr_ncs.weight_position 
_refine_ls_restr_ncs.pdbx_type 
_refine_ls_restr_ncs.pdbx_ens_id 
_refine_ls_restr_ncs.pdbx_refine_id 
_refine_ls_restr_ncs.pdbx_ordinal 
_refine_ls_restr_ncs.ncs_model_details 
_refine_ls_restr_ncs.rms_dev_B_iso 
_refine_ls_restr_ncs.weight_B_iso 
_refine_ls_restr_ncs.pdbx_asym_id 
_refine_ls_restr_ncs.pdbx_rms 
_refine_ls_restr_ncs.pdbx_weight 
1 A 340 0.03 0.05 'tight positional'  1 'X-RAY DIFFRACTION' 1 ? ? ? ? ? ? 
1 B 267 0.04 0.50 'medium positional' 1 'X-RAY DIFFRACTION' 2 ? ? ? ? ? ? 
1 A 340 0.07 0.50 'tight thermal'     1 'X-RAY DIFFRACTION' 3 ? ? ? ? ? ? 
1 B 267 0.10 2.00 'medium thermal'    1 'X-RAY DIFFRACTION' 4 ? ? ? ? ? ? 
# 
_refine_ls_shell.pdbx_total_number_of_bins_used   20 
_refine_ls_shell.d_res_high                       2.69 
_refine_ls_shell.d_res_low                        2.76 
_refine_ls_shell.number_reflns_R_work             271 
_refine_ls_shell.R_factor_R_work                  0.284 
_refine_ls_shell.percent_reflns_obs               79.94 
_refine_ls_shell.R_factor_R_free                  0.479 
_refine_ls_shell.R_factor_R_free_error            ? 
_refine_ls_shell.percent_reflns_R_free            ? 
_refine_ls_shell.number_reflns_R_free             16 
_refine_ls_shell.number_reflns_all                ? 
_refine_ls_shell.R_factor_all                     ? 
_refine_ls_shell.number_reflns_obs                ? 
_refine_ls_shell.redundancy_reflns_obs            ? 
_refine_ls_shell.pdbx_refine_id                   'X-RAY DIFFRACTION' 
# 
loop_
_struct_ncs_dom.id 
_struct_ncs_dom.details 
_struct_ncs_dom.pdbx_ens_id 
1 A 1 
2 B 1 
# 
loop_
_struct_ncs_dom_lim.pdbx_ens_id 
_struct_ncs_dom_lim.dom_id 
_struct_ncs_dom_lim.pdbx_component_id 
_struct_ncs_dom_lim.beg_label_asym_id 
_struct_ncs_dom_lim.beg_label_comp_id 
_struct_ncs_dom_lim.beg_label_seq_id 
_struct_ncs_dom_lim.beg_label_alt_id 
_struct_ncs_dom_lim.end_label_asym_id 
_struct_ncs_dom_lim.end_label_comp_id 
_struct_ncs_dom_lim.end_label_seq_id 
_struct_ncs_dom_lim.end_label_alt_id 
_struct_ncs_dom_lim.beg_auth_asym_id 
_struct_ncs_dom_lim.beg_auth_comp_id 
_struct_ncs_dom_lim.beg_auth_seq_id 
_struct_ncs_dom_lim.end_auth_asym_id 
_struct_ncs_dom_lim.end_auth_comp_id 
_struct_ncs_dom_lim.end_auth_seq_id 
_struct_ncs_dom_lim.pdbx_refine_code 
_struct_ncs_dom_lim.selection_details 
1 1 1 A VAL 3  . A GLN 18 . A VAL 3  A GLN 18 2 ? 
1 2 1 B VAL 3  . B GLN 18 . B VAL 3  B GLN 18 2 ? 
1 1 2 A SER 20 . A SER 43 . A SER 20 A SER 43 2 ? 
1 2 2 B SER 20 . B SER 43 . B SER 20 B SER 43 2 ? 
1 1 3 A ARG 45 . A ALA 89 . A ARG 45 A ALA 89 2 ? 
1 2 3 B ARG 45 . B ALA 89 . B ARG 45 B ALA 89 2 ? 
# 
_struct_ncs_ens.id        1 
_struct_ncs_ens.details   ? 
# 
_struct.entry_id                  3DWM 
_struct.title                     'Crystal structure of Mycobacterium tuberculosis CysO, an antigen' 
_struct.pdbx_model_details        ? 
_struct.pdbx_CASP_flag            ? 
_struct.pdbx_model_type_details   ? 
# 
_struct_keywords.entry_id        3DWM 
_struct_keywords.pdbx_keywords   TRANSFERASE 
_struct_keywords.text            'Ubiquitin like, Sulfur carrier protein, TRANSFERASE' 
# 
loop_
_struct_asym.id 
_struct_asym.pdbx_blank_PDB_chainid_flag 
_struct_asym.pdbx_modified 
_struct_asym.entity_id 
_struct_asym.details 
A N N 1 ? 
B N N 1 ? 
C N N 2 ? 
D N N 2 ? 
# 
_struct_biol.id   1 
# 
loop_
_struct_conf.conf_type_id 
_struct_conf.id 
_struct_conf.pdbx_PDB_helix_id 
_struct_conf.beg_label_comp_id 
_struct_conf.beg_label_asym_id 
_struct_conf.beg_label_seq_id 
_struct_conf.pdbx_beg_PDB_ins_code 
_struct_conf.end_label_comp_id 
_struct_conf.end_label_asym_id 
_struct_conf.end_label_seq_id 
_struct_conf.pdbx_end_PDB_ins_code 
_struct_conf.beg_auth_comp_id 
_struct_conf.beg_auth_asym_id 
_struct_conf.beg_auth_seq_id 
_struct_conf.end_auth_comp_id 
_struct_conf.end_auth_asym_id 
_struct_conf.end_auth_seq_id 
_struct_conf.pdbx_PDB_helix_class 
_struct_conf.details 
_struct_conf.pdbx_PDB_helix_length 
HELX_P HELX_P1  1  PRO A 8  ? GLY A 16 ? PRO A 8  GLY A 16 5 ? 9  
HELX_P HELX_P2  2  THR A 27 ? TYR A 39 ? THR A 27 TYR A 39 1 ? 13 
HELX_P HELX_P3  3  ILE A 42 ? LEU A 46 ? ILE A 42 LEU A 46 5 ? 5  
HELX_P HELX_P4  4  ARG A 69 ? SER A 71 ? ARG A 69 SER A 71 5 ? 3  
HELX_P HELX_P5  5  GLY A 72 ? THR A 76 ? GLY A 72 THR A 76 5 ? 5  
HELX_P HELX_P6  6  PRO B 8  ? GLY B 16 ? PRO B 8  GLY B 16 5 ? 9  
HELX_P HELX_P7  7  THR B 27 ? TYR B 39 ? THR B 27 TYR B 39 1 ? 13 
HELX_P HELX_P8  8  ILE B 42 ? LEU B 46 ? ILE B 42 LEU B 46 5 ? 5  
HELX_P HELX_P9  9  ARG B 69 ? SER B 71 ? ARG B 69 SER B 71 5 ? 3  
HELX_P HELX_P10 10 GLY B 72 ? THR B 76 ? GLY B 72 THR B 76 5 ? 5  
# 
_struct_conf_type.id          HELX_P 
_struct_conf_type.criteria    ? 
_struct_conf_type.reference   ? 
# 
loop_
_struct_sheet.id 
_struct_sheet.type 
_struct_sheet.number_strands 
_struct_sheet.details 
A ? 5 ? 
B ? 5 ? 
# 
loop_
_struct_sheet_order.sheet_id 
_struct_sheet_order.range_id_1 
_struct_sheet_order.range_id_2 
_struct_sheet_order.offset 
_struct_sheet_order.sense 
A 1 2 ? anti-parallel 
A 2 3 ? parallel      
A 3 4 ? anti-parallel 
A 4 5 ? anti-parallel 
B 1 2 ? anti-parallel 
B 2 3 ? parallel      
B 3 4 ? anti-parallel 
B 4 5 ? anti-parallel 
# 
loop_
_struct_sheet_range.sheet_id 
_struct_sheet_range.id 
_struct_sheet_range.beg_label_comp_id 
_struct_sheet_range.beg_label_asym_id 
_struct_sheet_range.beg_label_seq_id 
_struct_sheet_range.pdbx_beg_PDB_ins_code 
_struct_sheet_range.end_label_comp_id 
_struct_sheet_range.end_label_asym_id 
_struct_sheet_range.end_label_seq_id 
_struct_sheet_range.pdbx_end_PDB_ins_code 
_struct_sheet_range.beg_auth_comp_id 
_struct_sheet_range.beg_auth_asym_id 
_struct_sheet_range.beg_auth_seq_id 
_struct_sheet_range.end_auth_comp_id 
_struct_sheet_range.end_auth_asym_id 
_struct_sheet_range.end_auth_seq_id 
A 1 SER A 20 ? ALA A 23 ? SER A 20 ALA A 23 
A 2 VAL A 3  ? SER A 6  ? VAL A 3  SER A 6  
A 3 SER A 83 ? PRO A 88 ? SER A 83 PRO A 88 
A 4 VAL A 59 ? VAL A 63 ? VAL A 59 VAL A 63 
A 5 GLU A 66 ? ASP A 67 ? GLU A 66 ASP A 67 
B 1 SER B 20 ? ALA B 23 ? SER B 20 ALA B 23 
B 2 VAL B 3  ? SER B 6  ? VAL B 3  SER B 6  
B 3 SER B 83 ? PRO B 88 ? SER B 83 PRO B 88 
B 4 VAL B 59 ? VAL B 63 ? VAL B 59 VAL B 63 
B 5 GLU B 66 ? ASP B 67 ? GLU B 66 ASP B 67 
# 
loop_
_pdbx_struct_sheet_hbond.sheet_id 
_pdbx_struct_sheet_hbond.range_id_1 
_pdbx_struct_sheet_hbond.range_id_2 
_pdbx_struct_sheet_hbond.range_1_label_atom_id 
_pdbx_struct_sheet_hbond.range_1_label_comp_id 
_pdbx_struct_sheet_hbond.range_1_label_asym_id 
_pdbx_struct_sheet_hbond.range_1_label_seq_id 
_pdbx_struct_sheet_hbond.range_1_PDB_ins_code 
_pdbx_struct_sheet_hbond.range_1_auth_atom_id 
_pdbx_struct_sheet_hbond.range_1_auth_comp_id 
_pdbx_struct_sheet_hbond.range_1_auth_asym_id 
_pdbx_struct_sheet_hbond.range_1_auth_seq_id 
_pdbx_struct_sheet_hbond.range_2_label_atom_id 
_pdbx_struct_sheet_hbond.range_2_label_comp_id 
_pdbx_struct_sheet_hbond.range_2_label_asym_id 
_pdbx_struct_sheet_hbond.range_2_label_seq_id 
_pdbx_struct_sheet_hbond.range_2_PDB_ins_code 
_pdbx_struct_sheet_hbond.range_2_auth_atom_id 
_pdbx_struct_sheet_hbond.range_2_auth_comp_id 
_pdbx_struct_sheet_hbond.range_2_auth_asym_id 
_pdbx_struct_sheet_hbond.range_2_auth_seq_id 
A 1 2 O VAL A 21 ? O VAL A 21 N VAL A 5  ? N VAL A 5  
A 2 3 N SER A 6  ? N SER A 6  O VAL A 84 ? O VAL A 84 
A 3 4 O LEU A 87 ? O LEU A 87 N ASN A 60 ? N ASN A 60 
A 4 5 N VAL A 63 ? N VAL A 63 O GLU A 66 ? O GLU A 66 
B 1 2 O VAL B 21 ? O VAL B 21 N VAL B 5  ? N VAL B 5  
B 2 3 N SER B 6  ? N SER B 6  O VAL B 84 ? O VAL B 84 
B 3 4 O LEU B 87 ? O LEU B 87 N ASN B 60 ? N ASN B 60 
B 4 5 N VAL B 63 ? N VAL B 63 O GLU B 66 ? O GLU B 66 
# 
_atom_sites.entry_id                    3DWM 
_atom_sites.fract_transf_matrix[1][1]   -0.01187959 
_atom_sites.fract_transf_matrix[1][2]   0.00280365 
_atom_sites.fract_transf_matrix[1][3]   -0.00275233 
_atom_sites.fract_transf_matrix[2][1]   -0.00263178 
_atom_sites.fract_transf_matrix[2][2]   0.00376694 
_atom_sites.fract_transf_matrix[2][3]   0.01519642 
_atom_sites.fract_transf_matrix[3][1]   -0.00462687 
_atom_sites.fract_transf_matrix[3][2]   0.02868531 
_atom_sites.fract_transf_matrix[3][3]   -0.00791190 
_atom_sites.fract_transf_vector[1]      -0.249952 
_atom_sites.fract_transf_vector[2]      -0.641419 
_atom_sites.fract_transf_vector[3]      0.470390 
# 
loop_
_atom_type.symbol 
C 
N 
O 
S 
# 
loop_
_atom_site.group_PDB 
_atom_site.id 
_atom_site.type_symbol 
_atom_site.label_atom_id 
_atom_site.label_alt_id 
_atom_site.label_comp_id 
_atom_site.label_asym_id 
_atom_site.label_entity_id 
_atom_site.label_seq_id 
_atom_site.pdbx_PDB_ins_code 
_atom_site.Cartn_x 
_atom_site.Cartn_y 
_atom_site.Cartn_z 
_atom_site.occupancy 
_atom_site.B_iso_or_equiv 
_atom_site.pdbx_formal_charge 
_atom_site.auth_seq_id 
_atom_site.auth_comp_id 
_atom_site.auth_asym_id 
_atom_site.auth_atom_id 
_atom_site.pdbx_PDB_model_num 
ATOM   1    N N   . ASN A 1 2  ? 10.789  -19.922 -6.866  1.00 54.56 ? 2   ASN A N   1 
ATOM   2    C CA  . ASN A 1 2  ? 9.316   -19.826 -6.973  1.00 55.66 ? 2   ASN A CA  1 
ATOM   3    C C   . ASN A 1 2  ? 8.500   -19.995 -5.622  1.00 56.51 ? 2   ASN A C   1 
ATOM   4    O O   . ASN A 1 2  ? 8.032   -21.132 -5.305  1.00 57.52 ? 2   ASN A O   1 
ATOM   5    C CB  . ASN A 1 2  ? 8.801   -20.835 -8.049  1.00 55.61 ? 2   ASN A CB  1 
ATOM   6    N N   . VAL A 1 3  ? 8.288   -18.898 -4.859  1.00 55.49 ? 3   VAL A N   1 
ATOM   7    C CA  . VAL A 1 3  ? 7.240   -18.886 -3.779  1.00 54.97 ? 3   VAL A CA  1 
ATOM   8    C C   . VAL A 1 3  ? 6.013   -17.995 -4.059  1.00 53.98 ? 3   VAL A C   1 
ATOM   9    O O   . VAL A 1 3  ? 6.131   -16.994 -4.748  1.00 53.95 ? 3   VAL A O   1 
ATOM   10   C CB  . VAL A 1 3  ? 7.846   -18.664 -2.304  1.00 55.69 ? 3   VAL A CB  1 
ATOM   11   C CG1 . VAL A 1 3  ? 9.402   -18.632 -2.331  1.00 55.73 ? 3   VAL A CG1 1 
ATOM   12   C CG2 . VAL A 1 3  ? 7.215   -17.472 -1.529  1.00 53.74 ? 3   VAL A CG2 1 
ATOM   13   N N   . THR A 1 4  ? 4.850   -18.369 -3.540  1.00 52.80 ? 4   THR A N   1 
ATOM   14   C CA  . THR A 1 4  ? 3.625   -17.588 -3.747  1.00 52.49 ? 4   THR A CA  1 
ATOM   15   C C   . THR A 1 4  ? 3.357   -16.733 -2.555  1.00 51.42 ? 4   THR A C   1 
ATOM   16   O O   . THR A 1 4  ? 3.553   -17.169 -1.421  1.00 52.10 ? 4   THR A O   1 
ATOM   17   C CB  . THR A 1 4  ? 2.413   -18.496 -3.790  1.00 53.09 ? 4   THR A CB  1 
ATOM   18   O OG1 . THR A 1 4  ? 2.734   -19.626 -4.597  1.00 55.96 ? 4   THR A OG1 1 
ATOM   19   C CG2 . THR A 1 4  ? 1.172   -17.765 -4.359  1.00 53.78 ? 4   THR A CG2 1 
ATOM   20   N N   . VAL A 1 5  ? 2.863   -15.529 -2.779  1.00 49.94 ? 5   VAL A N   1 
ATOM   21   C CA  . VAL A 1 5  ? 2.638   -14.644 -1.660  1.00 48.12 ? 5   VAL A CA  1 
ATOM   22   C C   . VAL A 1 5  ? 1.231   -14.200 -1.747  1.00 47.88 ? 5   VAL A C   1 
ATOM   23   O O   . VAL A 1 5  ? 0.823   -13.673 -2.781  1.00 48.07 ? 5   VAL A O   1 
ATOM   24   C CB  . VAL A 1 5  ? 3.562   -13.420 -1.679  1.00 47.76 ? 5   VAL A CB  1 
ATOM   25   C CG1 . VAL A 1 5  ? 3.392   -12.654 -0.409  1.00 44.56 ? 5   VAL A CG1 1 
ATOM   26   C CG2 . VAL A 1 5  ? 5.019   -13.847 -1.820  1.00 46.54 ? 5   VAL A CG2 1 
ATOM   27   N N   . SER A 1 6  ? 0.490   -14.401 -0.666  1.00 47.14 ? 6   SER A N   1 
ATOM   28   C CA  . SER A 1 6  ? -0.877  -13.955 -0.622  1.00 46.82 ? 6   SER A CA  1 
ATOM   29   C C   . SER A 1 6  ? -0.836  -12.581 -0.015  1.00 47.37 ? 6   SER A C   1 
ATOM   30   O O   . SER A 1 6  ? -0.253  -12.393 1.048   1.00 47.75 ? 6   SER A O   1 
ATOM   31   C CB  . SER A 1 6  ? -1.717  -14.915 0.189   1.00 46.45 ? 6   SER A CB  1 
ATOM   32   O OG  . SER A 1 6  ? -2.747  -14.234 0.853   1.00 45.91 ? 6   SER A OG  1 
ATOM   33   N N   . ILE A 1 7  ? -1.463  -11.634 -0.711  1.00 47.80 ? 7   ILE A N   1 
ATOM   34   C CA  . ILE A 1 7  ? -1.461  -10.193 -0.401  1.00 47.43 ? 7   ILE A CA  1 
ATOM   35   C C   . ILE A 1 7  ? -2.812  -9.754  0.115   1.00 47.12 ? 7   ILE A C   1 
ATOM   36   O O   . ILE A 1 7  ? -3.810  -10.003 -0.556  1.00 47.51 ? 7   ILE A O   1 
ATOM   37   C CB  . ILE A 1 7  ? -1.198  -9.401  -1.702  1.00 47.71 ? 7   ILE A CB  1 
ATOM   38   C CG1 . ILE A 1 7  ? 0.128   -9.882  -2.333  1.00 49.06 ? 7   ILE A CG1 1 
ATOM   39   C CG2 . ILE A 1 7  ? -1.241  -7.863  -1.474  1.00 47.25 ? 7   ILE A CG2 1 
ATOM   40   C CD1 . ILE A 1 7  ? 1.364   -9.914  -1.358  1.00 47.41 ? 7   ILE A CD1 1 
ATOM   41   N N   . PRO A 1 8  ? -2.866  -9.075  1.281   1.00 46.90 ? 8   PRO A N   1 
ATOM   42   C CA  . PRO A 1 8  ? -4.206  -8.777  1.811   1.00 46.96 ? 8   PRO A CA  1 
ATOM   43   C C   . PRO A 1 8  ? -4.797  -7.578  1.088   1.00 47.23 ? 8   PRO A C   1 
ATOM   44   O O   . PRO A 1 8  ? -4.037  -6.841  0.442   1.00 46.81 ? 8   PRO A O   1 
ATOM   45   C CB  . PRO A 1 8  ? -3.943  -8.500  3.298   1.00 46.80 ? 8   PRO A CB  1 
ATOM   46   C CG  . PRO A 1 8  ? -2.544  -7.968  3.331   1.00 46.63 ? 8   PRO A CG  1 
ATOM   47   C CD  . PRO A 1 8  ? -1.800  -8.566  2.160   1.00 46.70 ? 8   PRO A CD  1 
ATOM   48   N N   . THR A 1 9  ? -6.126  -7.393  1.170   1.00 47.99 ? 9   THR A N   1 
ATOM   49   C CA  . THR A 1 9  ? -6.807  -6.378  0.324   1.00 48.87 ? 9   THR A CA  1 
ATOM   50   C C   . THR A 1 9  ? -6.067  -5.025  0.414   1.00 49.48 ? 9   THR A C   1 
ATOM   51   O O   . THR A 1 9  ? -5.609  -4.484  -0.610  1.00 49.84 ? 9   THR A O   1 
ATOM   52   C CB  . THR A 1 9  ? -8.329  -6.219  0.609   1.00 48.58 ? 9   THR A CB  1 
ATOM   53   O OG1 . THR A 1 9  ? -8.516  -5.945  1.986   1.00 49.91 ? 9   THR A OG1 1 
ATOM   54   C CG2 . THR A 1 9  ? -9.113  -7.470  0.307   1.00 48.38 ? 9   THR A CG2 1 
ATOM   55   N N   . ILE A 1 10 ? -5.869  -4.538  1.644   1.00 50.03 ? 10  ILE A N   1 
ATOM   56   C CA  . ILE A 1 10 ? -5.127  -3.281  1.882   1.00 50.59 ? 10  ILE A CA  1 
ATOM   57   C C   . ILE A 1 10 ? -3.804  -3.069  1.092   1.00 50.08 ? 10  ILE A C   1 
ATOM   58   O O   . ILE A 1 10 ? -3.579  -1.982  0.566   1.00 50.26 ? 10  ILE A O   1 
ATOM   59   C CB  . ILE A 1 10 ? -4.971  -2.927  3.421   1.00 50.46 ? 10  ILE A CB  1 
ATOM   60   C CG1 . ILE A 1 10 ? -4.677  -1.417  3.563   1.00 51.60 ? 10  ILE A CG1 1 
ATOM   61   C CG2 . ILE A 1 10 ? -3.933  -3.818  4.111   1.00 49.97 ? 10  ILE A CG2 1 
ATOM   62   C CD1 . ILE A 1 10 ? -4.763  -0.824  4.996   1.00 52.21 ? 10  ILE A CD1 1 
ATOM   63   N N   . LEU A 1 11 ? -2.973  -4.101  0.956   1.00 49.57 ? 11  LEU A N   1 
ATOM   64   C CA  . LEU A 1 11 ? -1.757  -4.009  0.119   1.00 48.67 ? 11  LEU A CA  1 
ATOM   65   C C   . LEU A 1 11 ? -1.846  -4.307  -1.386  1.00 48.52 ? 11  LEU A C   1 
ATOM   66   O O   . LEU A 1 11 ? -0.839  -4.168  -2.076  1.00 48.99 ? 11  LEU A O   1 
ATOM   67   C CB  . LEU A 1 11 ? -0.632  -4.851  0.710   1.00 48.23 ? 11  LEU A CB  1 
ATOM   68   C CG  . LEU A 1 11 ? -0.293  -4.456  2.145   1.00 47.63 ? 11  LEU A CG  1 
ATOM   69   C CD1 . LEU A 1 11 ? 0.797   -5.364  2.685   1.00 46.12 ? 11  LEU A CD1 1 
ATOM   70   C CD2 . LEU A 1 11 ? 0.085   -2.974  2.272   1.00 44.81 ? 11  LEU A CD2 1 
ATOM   71   N N   . ARG A 1 12 ? -3.005  -4.695  -1.911  1.00 48.15 ? 12  ARG A N   1 
ATOM   72   C CA  . ARG A 1 12 ? -3.096  -4.945  -3.359  1.00 47.76 ? 12  ARG A CA  1 
ATOM   73   C C   . ARG A 1 12 ? -2.805  -3.765  -4.293  1.00 47.44 ? 12  ARG A C   1 
ATOM   74   O O   . ARG A 1 12 ? -2.470  -3.983  -5.471  1.00 47.32 ? 12  ARG A O   1 
ATOM   75   C CB  . ARG A 1 12 ? -4.416  -5.580  -3.719  1.00 47.66 ? 12  ARG A CB  1 
ATOM   76   C CG  . ARG A 1 12 ? -4.426  -7.014  -3.315  1.00 48.86 ? 12  ARG A CG  1 
ATOM   77   C CD  . ARG A 1 12 ? -5.745  -7.396  -2.776  1.00 49.82 ? 12  ARG A CD  1 
ATOM   78   N NE  . ARG A 1 12 ? -5.715  -8.708  -2.169  1.00 49.53 ? 12  ARG A NE  1 
ATOM   79   C CZ  . ARG A 1 12 ? -6.809  -9.371  -1.804  1.00 52.18 ? 12  ARG A CZ  1 
ATOM   80   N NH1 . ARG A 1 12 ? -8.003  -8.854  -1.982  1.00 52.21 ? 12  ARG A NH1 1 
ATOM   81   N NH2 . ARG A 1 12 ? -6.722  -10.569 -1.266  1.00 53.60 ? 12  ARG A NH2 1 
ATOM   82   N N   . PRO A 1 13 ? -2.932  -2.508  -3.794  1.00 47.30 ? 13  PRO A N   1 
ATOM   83   C CA  . PRO A 1 13 ? -2.490  -1.435  -4.686  1.00 46.75 ? 13  PRO A CA  1 
ATOM   84   C C   . PRO A 1 13 ? -1.035  -1.659  -5.132  1.00 46.89 ? 13  PRO A C   1 
ATOM   85   O O   . PRO A 1 13 ? -0.708  -1.530  -6.320  1.00 47.21 ? 13  PRO A O   1 
ATOM   86   C CB  . PRO A 1 13 ? -2.632  -0.169  -3.819  1.00 46.54 ? 13  PRO A CB  1 
ATOM   87   C CG  . PRO A 1 13 ? -3.695  -0.491  -2.842  1.00 46.48 ? 13  PRO A CG  1 
ATOM   88   C CD  . PRO A 1 13 ? -3.505  -1.963  -2.536  1.00 47.59 ? 13  PRO A CD  1 
ATOM   89   N N   . HIS A 1 14 ? -0.176  -2.035  -4.198  1.00 45.76 ? 14  HIS A N   1 
ATOM   90   C CA  . HIS A 1 14 ? 1.204   -2.133  -4.520  1.00 45.29 ? 14  HIS A CA  1 
ATOM   91   C C   . HIS A 1 14 ? 1.435   -3.181  -5.564  1.00 45.16 ? 14  HIS A C   1 
ATOM   92   O O   . HIS A 1 14 ? 2.472   -3.109  -6.226  1.00 44.91 ? 14  HIS A O   1 
ATOM   93   C CB  . HIS A 1 14 ? 2.031   -2.406  -3.272  1.00 45.28 ? 14  HIS A CB  1 
ATOM   94   C CG  . HIS A 1 14 ? 1.896   -1.341  -2.232  1.00 46.56 ? 14  HIS A CG  1 
ATOM   95   N ND1 . HIS A 1 14 ? 2.822   -0.325  -2.080  1.00 45.57 ? 14  HIS A ND1 1 
ATOM   96   C CD2 . HIS A 1 14 ? 0.922   -1.114  -1.316  1.00 45.25 ? 14  HIS A CD2 1 
ATOM   97   C CE1 . HIS A 1 14 ? 2.438   0.461   -1.091  1.00 44.67 ? 14  HIS A CE1 1 
ATOM   98   N NE2 . HIS A 1 14 ? 1.282   0.016   -0.627  1.00 47.26 ? 14  HIS A NE2 1 
ATOM   99   N N   . THR A 1 15 ? 0.482   -4.126  -5.714  1.00 45.11 ? 15  THR A N   1 
ATOM   100  C CA  . THR A 1 15 ? 0.579   -5.275  -6.658  1.00 44.76 ? 15  THR A CA  1 
ATOM   101  C C   . THR A 1 15 ? -0.393  -5.187  -7.855  1.00 45.67 ? 15  THR A C   1 
ATOM   102  O O   . THR A 1 15 ? -0.776  -6.221  -8.432  1.00 46.11 ? 15  THR A O   1 
ATOM   103  C CB  . THR A 1 15 ? 0.386   -6.671  -5.966  1.00 44.36 ? 15  THR A CB  1 
ATOM   104  O OG1 . THR A 1 15 ? -0.905  -6.768  -5.345  1.00 45.21 ? 15  THR A OG1 1 
ATOM   105  C CG2 . THR A 1 15 ? 1.416   -6.914  -4.945  1.00 42.57 ? 15  THR A CG2 1 
ATOM   106  N N   . GLY A 1 16 ? -0.792  -3.968  -8.224  1.00 45.78 ? 16  GLY A N   1 
ATOM   107  C CA  . GLY A 1 16 ? -1.741  -3.741  -9.316  1.00 46.23 ? 16  GLY A CA  1 
ATOM   108  C C   . GLY A 1 16 ? -3.056  -4.447  -9.027  1.00 47.34 ? 16  GLY A C   1 
ATOM   109  O O   . GLY A 1 16 ? -3.690  -4.961  -9.924  1.00 47.54 ? 16  GLY A O   1 
ATOM   110  N N   . GLY A 1 17 ? -3.457  -4.521  -7.761  1.00 48.04 ? 17  GLY A N   1 
ATOM   111  C CA  . GLY A 1 17 ? -4.652  -5.280  -7.389  1.00 47.90 ? 17  GLY A CA  1 
ATOM   112  C C   . GLY A 1 17 ? -4.546  -6.804  -7.473  1.00 48.26 ? 17  GLY A C   1 
ATOM   113  O O   . GLY A 1 17 ? -5.555  -7.505  -7.358  1.00 47.26 ? 17  GLY A O   1 
ATOM   114  N N   . GLN A 1 18 ? -3.342  -7.343  -7.658  1.00 48.81 ? 18  GLN A N   1 
ATOM   115  C CA  . GLN A 1 18 ? -3.212  -8.818  -7.563  1.00 49.48 ? 18  GLN A CA  1 
ATOM   116  C C   . GLN A 1 18 ? -3.347  -9.350  -6.133  1.00 48.97 ? 18  GLN A C   1 
ATOM   117  O O   . GLN A 1 18 ? -2.688  -8.838  -5.214  1.00 49.53 ? 18  GLN A O   1 
ATOM   118  C CB  . GLN A 1 18 ? -1.925  -9.317  -8.201  1.00 49.09 ? 18  GLN A CB  1 
ATOM   119  C CG  . GLN A 1 18 ? -2.007  -9.217  -9.653  1.00 50.39 ? 18  GLN A CG  1 
ATOM   120  C CD  . GLN A 1 18 ? -0.669  -9.313  -10.262 1.00 53.19 ? 18  GLN A CD  1 
ATOM   121  O OE1 . GLN A 1 18 ? -0.007  -8.295  -10.494 1.00 55.32 ? 18  GLN A OE1 1 
ATOM   122  N NE2 . GLN A 1 18 ? -0.220  -10.546 -10.505 1.00 55.08 ? 18  GLN A NE2 1 
ATOM   123  N N   . LYS A 1 19 ? -4.204  -10.366 -5.991  1.00 48.42 ? 19  LYS A N   1 
ATOM   124  C CA  . LYS A 1 19 ? -4.498  -11.091 -4.743  1.00 48.38 ? 19  LYS A CA  1 
ATOM   125  C C   . LYS A 1 19 ? -3.290  -11.911 -4.267  1.00 48.31 ? 19  LYS A C   1 
ATOM   126  O O   . LYS A 1 19 ? -3.126  -12.207 -3.065  1.00 47.63 ? 19  LYS A O   1 
ATOM   127  C CB  . LYS A 1 19 ? -5.776  -12.017 -4.936  1.00 47.84 ? 19  LYS A CB  1 
ATOM   128  N N   . SER A 1 20 ? -2.434  -12.238 -5.230  1.00 49.05 ? 20  SER A N   1 
ATOM   129  C CA  . SER A 1 20 ? -1.403  -13.242 -5.066  1.00 50.03 ? 20  SER A CA  1 
ATOM   130  C C   . SER A 1 20 ? -0.307  -12.945 -6.044  1.00 49.66 ? 20  SER A C   1 
ATOM   131  O O   . SER A 1 20 ? -0.604  -12.679 -7.192  1.00 50.81 ? 20  SER A O   1 
ATOM   132  C CB  . SER A 1 20 ? -1.977  -14.628 -5.410  1.00 50.41 ? 20  SER A CB  1 
ATOM   133  O OG  . SER A 1 20 ? -1.207  -15.669 -4.811  1.00 53.36 ? 20  SER A OG  1 
ATOM   134  N N   . VAL A 1 21 ? 0.949   -12.997 -5.608  1.00 48.83 ? 21  VAL A N   1 
ATOM   135  C CA  . VAL A 1 21 ? 2.066   -12.761 -6.493  1.00 47.89 ? 21  VAL A CA  1 
ATOM   136  C C   . VAL A 1 21 ? 3.174   -13.707 -6.130  1.00 49.11 ? 21  VAL A C   1 
ATOM   137  O O   . VAL A 1 21 ? 3.216   -14.226 -5.011  1.00 50.07 ? 21  VAL A O   1 
ATOM   138  C CB  . VAL A 1 21 ? 2.627   -11.348 -6.377  1.00 47.18 ? 21  VAL A CB  1 
ATOM   139  C CG1 . VAL A 1 21 ? 1.596   -10.314 -6.797  1.00 46.21 ? 21  VAL A CG1 1 
ATOM   140  C CG2 . VAL A 1 21 ? 3.151   -11.095 -4.988  1.00 45.43 ? 21  VAL A CG2 1 
ATOM   141  N N   . SER A 1 22 ? 4.079   -13.900 -7.082  1.00 49.65 ? 22  SER A N   1 
ATOM   142  C CA  . SER A 1 22 ? 5.246   -14.772 -6.985  1.00 50.14 ? 22  SER A CA  1 
ATOM   143  C C   . SER A 1 22 ? 6.452   -14.014 -6.387  1.00 50.77 ? 22  SER A C   1 
ATOM   144  O O   . SER A 1 22 ? 6.617   -12.840 -6.663  1.00 51.09 ? 22  SER A O   1 
ATOM   145  C CB  . SER A 1 22 ? 5.579   -15.187 -8.410  1.00 49.81 ? 22  SER A CB  1 
ATOM   146  O OG  . SER A 1 22 ? 6.432   -16.277 -8.419  1.00 51.11 ? 22  SER A OG  1 
ATOM   147  N N   . ALA A 1 23 ? 7.284   -14.639 -5.543  1.00 51.47 ? 23  ALA A N   1 
ATOM   148  C CA  . ALA A 1 23 ? 8.576   -14.009 -5.136  1.00 51.65 ? 23  ALA A CA  1 
ATOM   149  C C   . ALA A 1 23 ? 9.683   -15.031 -4.932  1.00 52.30 ? 23  ALA A C   1 
ATOM   150  O O   . ALA A 1 23 ? 9.529   -16.200 -5.313  1.00 53.32 ? 23  ALA A O   1 
ATOM   151  C CB  . ALA A 1 23 ? 8.422   -13.162 -3.911  1.00 51.22 ? 23  ALA A CB  1 
ATOM   152  N N   . SER A 1 24 ? 10.798  -14.604 -4.337  1.00 52.38 ? 24  SER A N   1 
ATOM   153  C CA  . SER A 1 24 ? 11.895  -15.526 -4.010  1.00 52.43 ? 24  SER A CA  1 
ATOM   154  C C   . SER A 1 24 ? 12.909  -14.941 -3.026  1.00 52.27 ? 24  SER A C   1 
ATOM   155  O O   . SER A 1 24 ? 13.188  -13.740 -3.025  1.00 52.19 ? 24  SER A O   1 
ATOM   156  C CB  . SER A 1 24 ? 12.617  -16.017 -5.293  1.00 52.95 ? 24  SER A CB  1 
ATOM   157  O OG  . SER A 1 24 ? 13.005  -14.930 -6.131  1.00 52.55 ? 24  SER A OG  1 
ATOM   158  N N   . GLY A 1 25 ? 13.475  -15.816 -2.205  1.00 51.91 ? 25  GLY A N   1 
ATOM   159  C CA  . GLY A 1 25 ? 14.512  -15.428 -1.257  1.00 51.30 ? 25  GLY A CA  1 
ATOM   160  C C   . GLY A 1 25 ? 14.732  -16.613 -0.366  1.00 50.92 ? 25  GLY A C   1 
ATOM   161  O O   . GLY A 1 25 ? 13.870  -17.479 -0.266  1.00 51.52 ? 25  GLY A O   1 
ATOM   162  N N   . ASP A 1 26 ? 15.873  -16.675 0.292   1.00 50.55 ? 26  ASP A N   1 
ATOM   163  C CA  . ASP A 1 26 ? 16.068  -17.769 1.236   1.00 50.21 ? 26  ASP A CA  1 
ATOM   164  C C   . ASP A 1 26 ? 15.421  -17.437 2.593   1.00 49.97 ? 26  ASP A C   1 
ATOM   165  O O   . ASP A 1 26 ? 15.104  -18.363 3.378   1.00 50.92 ? 26  ASP A O   1 
ATOM   166  C CB  . ASP A 1 26 ? 17.555  -18.169 1.375   1.00 50.37 ? 26  ASP A CB  1 
ATOM   167  C CG  . ASP A 1 26 ? 18.235  -18.517 0.018   1.00 51.26 ? 26  ASP A CG  1 
ATOM   168  O OD1 . ASP A 1 26 ? 19.461  -18.247 -0.144  1.00 52.27 ? 26  ASP A OD1 1 
ATOM   169  O OD2 . ASP A 1 26 ? 17.545  -19.052 -0.885  1.00 50.22 ? 26  ASP A OD2 1 
ATOM   170  N N   . THR A 1 27 ? 15.195  -16.144 2.868   1.00 48.60 ? 27  THR A N   1 
ATOM   171  C CA  . THR A 1 27 ? 14.538  -15.766 4.114   1.00 47.75 ? 27  THR A CA  1 
ATOM   172  C C   . THR A 1 27 ? 13.387  -14.832 3.894   1.00 47.38 ? 27  THR A C   1 
ATOM   173  O O   . THR A 1 27 ? 13.239  -14.257 2.814   1.00 47.07 ? 27  THR A O   1 
ATOM   174  C CB  . THR A 1 27 ? 15.504  -15.173 5.140   1.00 47.90 ? 27  THR A CB  1 
ATOM   175  O OG1 . THR A 1 27 ? 15.954  -13.886 4.702   1.00 47.19 ? 27  THR A OG1 1 
ATOM   176  C CG2 . THR A 1 27 ? 16.700  -16.113 5.348   1.00 47.55 ? 27  THR A CG2 1 
ATOM   177  N N   . LEU A 1 28 ? 12.547  -14.692 4.915   1.00 47.13 ? 28  LEU A N   1 
ATOM   178  C CA  . LEU A 1 28 ? 11.436  -13.755 4.833   1.00 46.89 ? 28  LEU A CA  1 
ATOM   179  C C   . LEU A 1 28 ? 11.940  -12.358 4.470   1.00 47.79 ? 28  LEU A C   1 
ATOM   180  O O   . LEU A 1 28 ? 11.309  -11.638 3.665   1.00 48.21 ? 28  LEU A O   1 
ATOM   181  C CB  . LEU A 1 28 ? 10.687  -13.695 6.150   1.00 46.85 ? 28  LEU A CB  1 
ATOM   182  C CG  . LEU A 1 28 ? 9.478   -12.744 6.237   1.00 46.97 ? 28  LEU A CG  1 
ATOM   183  C CD1 . LEU A 1 28 ? 8.489   -12.916 5.039   1.00 44.27 ? 28  LEU A CD1 1 
ATOM   184  C CD2 . LEU A 1 28 ? 8.768   -12.905 7.573   1.00 45.67 ? 28  LEU A CD2 1 
ATOM   185  N N   . GLY A 1 29 ? 13.071  -11.977 5.067   1.00 47.86 ? 29  GLY A N   1 
ATOM   186  C CA  . GLY A 1 29 ? 13.749  -10.741 4.718   1.00 48.12 ? 29  GLY A CA  1 
ATOM   187  C C   . GLY A 1 29 ? 13.974  -10.627 3.212   1.00 48.29 ? 29  GLY A C   1 
ATOM   188  O O   . GLY A 1 29 ? 13.665  -9.619  2.596   1.00 48.48 ? 29  GLY A O   1 
ATOM   189  N N   . ALA A 1 30 ? 14.491  -11.690 2.621   1.00 48.49 ? 30  ALA A N   1 
ATOM   190  C CA  . ALA A 1 30 ? 14.920  -11.683 1.230   1.00 48.70 ? 30  ALA A CA  1 
ATOM   191  C C   . ALA A 1 30 ? 13.727  -11.631 0.278   1.00 48.38 ? 30  ALA A C   1 
ATOM   192  O O   . ALA A 1 30 ? 13.821  -11.084 -0.832  1.00 48.93 ? 30  ALA A O   1 
ATOM   193  C CB  . ALA A 1 30 ? 15.804  -12.939 0.940   1.00 48.60 ? 30  ALA A CB  1 
ATOM   194  N N   . VAL A 1 31 ? 12.626  -12.232 0.723   1.00 47.65 ? 31  VAL A N   1 
ATOM   195  C CA  . VAL A 1 31 ? 11.373  -12.240 -0.012  1.00 46.68 ? 31  VAL A CA  1 
ATOM   196  C C   . VAL A 1 31 ? 10.742  -10.857 0.051   1.00 46.55 ? 31  VAL A C   1 
ATOM   197  O O   . VAL A 1 31 ? 10.299  -10.301 -0.969  1.00 46.07 ? 31  VAL A O   1 
ATOM   198  C CB  . VAL A 1 31 ? 10.443  -13.339 0.544   1.00 46.70 ? 31  VAL A CB  1 
ATOM   199  C CG1 . VAL A 1 31 ? 9.025   -13.188 0.024   1.00 45.45 ? 31  VAL A CG1 1 
ATOM   200  C CG2 . VAL A 1 31 ? 11.008  -14.719 0.170   1.00 46.04 ? 31  VAL A CG2 1 
ATOM   201  N N   . ILE A 1 32 ? 10.752  -10.267 1.242   1.00 46.26 ? 32  ILE A N   1 
ATOM   202  C CA  . ILE A 1 32 ? 10.286  -8.901  1.362   1.00 45.48 ? 32  ILE A CA  1 
ATOM   203  C C   . ILE A 1 32 ? 11.003  -7.911  0.439   1.00 45.89 ? 32  ILE A C   1 
ATOM   204  O O   . ILE A 1 32 ? 10.346  -7.144  -0.282  1.00 46.36 ? 32  ILE A O   1 
ATOM   205  C CB  . ILE A 1 32 ? 10.276  -8.406  2.811   1.00 45.55 ? 32  ILE A CB  1 
ATOM   206  C CG1 . ILE A 1 32 ? 9.176   -9.141  3.617   1.00 45.64 ? 32  ILE A CG1 1 
ATOM   207  C CG2 . ILE A 1 32 ? 10.078  -6.865  2.834   1.00 45.45 ? 32  ILE A CG2 1 
ATOM   208  C CD1 . ILE A 1 32 ? 9.057   -8.745  5.102   1.00 43.96 ? 32  ILE A CD1 1 
ATOM   209  N N   . SER A 1 33 ? 12.327  -7.906  0.413   1.00 46.19 ? 33  SER A N   1 
ATOM   210  C CA  . SER A 1 33 ? 12.978  -6.921  -0.451  1.00 46.99 ? 33  SER A CA  1 
ATOM   211  C C   . SER A 1 33 ? 12.820  -7.288  -1.951  1.00 47.35 ? 33  SER A C   1 
ATOM   212  O O   . SER A 1 33 ? 12.951  -6.451  -2.831  1.00 47.55 ? 33  SER A O   1 
ATOM   213  C CB  . SER A 1 33 ? 14.432  -6.690  -0.062  1.00 47.13 ? 33  SER A CB  1 
ATOM   214  O OG  . SER A 1 33 ? 15.200  -7.756  -0.527  1.00 46.90 ? 33  SER A OG  1 
ATOM   215  N N   . ASP A 1 34 ? 12.494  -8.536  -2.238  1.00 47.54 ? 34  ASP A N   1 
ATOM   216  C CA  . ASP A 1 34 ? 12.238  -8.929  -3.591  1.00 47.61 ? 34  ASP A CA  1 
ATOM   217  C C   . ASP A 1 34 ? 10.874  -8.381  -4.070  1.00 47.88 ? 34  ASP A C   1 
ATOM   218  O O   . ASP A 1 34 ? 10.774  -7.809  -5.157  1.00 48.60 ? 34  ASP A O   1 
ATOM   219  C CB  . ASP A 1 34 ? 12.277  -10.444 -3.679  1.00 47.71 ? 34  ASP A CB  1 
ATOM   220  C CG  . ASP A 1 34 ? 12.161  -10.932 -5.088  1.00 48.23 ? 34  ASP A CG  1 
ATOM   221  O OD1 . ASP A 1 34 ? 12.963  -10.455 -5.919  1.00 51.16 ? 34  ASP A OD1 1 
ATOM   222  O OD2 . ASP A 1 34 ? 11.292  -11.784 -5.357  1.00 47.63 ? 34  ASP A OD2 1 
ATOM   223  N N   . LEU A 1 35 ? 9.834   -8.550  -3.260  1.00 46.94 ? 35  LEU A N   1 
ATOM   224  C CA  . LEU A 1 35 ? 8.533   -7.992  -3.554  1.00 46.30 ? 35  LEU A CA  1 
ATOM   225  C C   . LEU A 1 35 ? 8.668   -6.491  -3.762  1.00 47.30 ? 35  LEU A C   1 
ATOM   226  O O   . LEU A 1 35 ? 7.989   -5.896  -4.602  1.00 47.25 ? 35  LEU A O   1 
ATOM   227  C CB  . LEU A 1 35 ? 7.588   -8.233  -2.374  1.00 45.47 ? 35  LEU A CB  1 
ATOM   228  C CG  . LEU A 1 35 ? 7.173   -9.666  -2.007  1.00 43.89 ? 35  LEU A CG  1 
ATOM   229  C CD1 . LEU A 1 35 ? 6.432   -9.723  -0.688  1.00 40.29 ? 35  LEU A CD1 1 
ATOM   230  C CD2 . LEU A 1 35 ? 6.323   -10.265 -3.112  1.00 40.54 ? 35  LEU A CD2 1 
ATOM   231  N N   . GLU A 1 36 ? 9.528   -5.873  -2.951  1.00 47.99 ? 36  GLU A N   1 
ATOM   232  C CA  . GLU A 1 36 ? 9.721   -4.424  -2.982  1.00 48.04 ? 36  GLU A CA  1 
ATOM   233  C C   . GLU A 1 36 ? 10.259  -4.075  -4.350  1.00 48.33 ? 36  GLU A C   1 
ATOM   234  O O   . GLU A 1 36 ? 9.797   -3.108  -4.979  1.00 48.49 ? 36  GLU A O   1 
ATOM   235  C CB  . GLU A 1 36 ? 10.704  -3.982  -1.900  1.00 47.61 ? 36  GLU A CB  1 
ATOM   236  C CG  . GLU A 1 36 ? 10.923  -2.507  -1.882  1.00 48.24 ? 36  GLU A CG  1 
ATOM   237  C CD  . GLU A 1 36 ? 9.630   -1.684  -1.708  1.00 52.78 ? 36  GLU A CD  1 
ATOM   238  O OE1 . GLU A 1 36 ? 8.730   -2.067  -0.924  1.00 55.29 ? 36  GLU A OE1 1 
ATOM   239  O OE2 . GLU A 1 36 ? 9.498   -0.625  -2.358  1.00 54.86 ? 36  GLU A OE2 1 
ATOM   240  N N   . ALA A 1 37 ? 11.241  -4.881  -4.775  1.00 48.08 ? 37  ALA A N   1 
ATOM   241  C CA  . ALA A 1 37 ? 11.858  -4.799  -6.072  1.00 48.11 ? 37  ALA A CA  1 
ATOM   242  C C   . ALA A 1 37 ? 10.760  -4.750  -7.124  1.00 48.60 ? 37  ALA A C   1 
ATOM   243  O O   . ALA A 1 37 ? 10.744  -3.833  -7.918  1.00 49.24 ? 37  ALA A O   1 
ATOM   244  C CB  . ALA A 1 37 ? 12.817  -5.993  -6.320  1.00 47.66 ? 37  ALA A CB  1 
ATOM   245  N N   . ASN A 1 38 ? 9.819   -5.684  -7.105  1.00 48.51 ? 38  ASN A N   1 
ATOM   246  C CA  . ASN A 1 38 ? 8.778   -5.695  -8.132  1.00 48.87 ? 38  ASN A CA  1 
ATOM   247  C C   . ASN A 1 38 ? 7.529   -4.829  -7.882  1.00 48.92 ? 38  ASN A C   1 
ATOM   248  O O   . ASN A 1 38 ? 6.762   -4.612  -8.814  1.00 49.48 ? 38  ASN A O   1 
ATOM   249  C CB  . ASN A 1 38 ? 8.338   -7.127  -8.408  1.00 49.12 ? 38  ASN A CB  1 
ATOM   250  C CG  . ASN A 1 38 ? 9.400   -7.938  -9.158  1.00 51.65 ? 38  ASN A CG  1 
ATOM   251  O OD1 . ASN A 1 38 ? 10.293  -7.383  -9.825  1.00 55.29 ? 38  ASN A OD1 1 
ATOM   252  N ND2 . ASN A 1 38 ? 9.309   -9.258  -9.048  1.00 50.55 ? 38  ASN A ND2 1 
ATOM   253  N N   . TYR A 1 39 ? 7.323   -4.357  -6.642  1.00 48.31 ? 39  TYR A N   1 
ATOM   254  C CA  . TYR A 1 39 ? 6.039   -3.835  -6.173  1.00 46.81 ? 39  TYR A CA  1 
ATOM   255  C C   . TYR A 1 39 ? 6.289   -2.784  -5.137  1.00 46.60 ? 39  TYR A C   1 
ATOM   256  O O   . TYR A 1 39 ? 6.091   -2.959  -3.941  1.00 45.86 ? 39  TYR A O   1 
ATOM   257  C CB  . TYR A 1 39 ? 5.219   -4.940  -5.563  1.00 47.31 ? 39  TYR A CB  1 
ATOM   258  C CG  . TYR A 1 39 ? 4.930   -6.104  -6.488  1.00 47.58 ? 39  TYR A CG  1 
ATOM   259  C CD1 . TYR A 1 39 ? 5.300   -7.397  -6.139  1.00 47.80 ? 39  TYR A CD1 1 
ATOM   260  C CD2 . TYR A 1 39 ? 4.261   -5.919  -7.701  1.00 47.19 ? 39  TYR A CD2 1 
ATOM   261  C CE1 . TYR A 1 39 ? 5.005   -8.485  -6.960  1.00 47.93 ? 39  TYR A CE1 1 
ATOM   262  C CE2 . TYR A 1 39 ? 3.977   -6.991  -8.538  1.00 47.33 ? 39  TYR A CE2 1 
ATOM   263  C CZ  . TYR A 1 39 ? 4.358   -8.274  -8.157  1.00 47.91 ? 39  TYR A CZ  1 
ATOM   264  O OH  . TYR A 1 39 ? 4.098   -9.352  -8.970  1.00 49.22 ? 39  TYR A OH  1 
ATOM   265  N N   . SER A 1 40 ? 6.716   -1.659  -5.660  1.00 47.08 ? 40  SER A N   1 
ATOM   266  C CA  . SER A 1 40 ? 7.310   -0.591  -4.922  1.00 47.66 ? 40  SER A CA  1 
ATOM   267  C C   . SER A 1 40 ? 6.363   -0.090  -3.831  1.00 47.83 ? 40  SER A C   1 
ATOM   268  O O   . SER A 1 40 ? 5.152   0.135   -4.087  1.00 47.57 ? 40  SER A O   1 
ATOM   269  C CB  . SER A 1 40 ? 7.698   0.490   -5.958  1.00 48.17 ? 40  SER A CB  1 
ATOM   270  O OG  . SER A 1 40 ? 7.990   1.756   -5.392  1.00 48.93 ? 40  SER A OG  1 
ATOM   271  N N   . GLY A 1 41 ? 6.906   0.041   -2.615  1.00 47.55 ? 41  GLY A N   1 
ATOM   272  C CA  . GLY A 1 41 ? 6.205   0.706   -1.522  1.00 47.53 ? 41  GLY A CA  1 
ATOM   273  C C   . GLY A 1 41 ? 5.609   -0.276  -0.551  1.00 48.08 ? 41  GLY A C   1 
ATOM   274  O O   . GLY A 1 41 ? 5.233   0.086   0.572   1.00 48.64 ? 41  GLY A O   1 
ATOM   275  N N   . ILE A 1 42 ? 5.502   -1.517  -1.007  1.00 47.85 ? 42  ILE A N   1 
ATOM   276  C CA  . ILE A 1 42 ? 4.961   -2.624  -0.229  1.00 48.00 ? 42  ILE A CA  1 
ATOM   277  C C   . ILE A 1 42 ? 5.707   -2.727  1.147   1.00 48.12 ? 42  ILE A C   1 
ATOM   278  O O   . ILE A 1 42 ? 5.133   -2.737  2.240   1.00 47.54 ? 42  ILE A O   1 
ATOM   279  C CB  . ILE A 1 42 ? 5.117   -3.911  -1.128  1.00 48.40 ? 42  ILE A CB  1 
ATOM   280  C CG1 . ILE A 1 42 ? 3.969   -4.955  -1.018  1.00 49.33 ? 42  ILE A CG1 1 
ATOM   281  C CG2 . ILE A 1 42 ? 6.578   -4.534  -1.074  1.00 48.70 ? 42  ILE A CG2 1 
ATOM   282  C CD1 . ILE A 1 42 ? 3.142   -4.886  0.208   1.00 50.28 ? 42  ILE A CD1 1 
ATOM   283  N N   . SER A 1 43 ? 7.022   -2.737  1.059   1.00 48.44 ? 43  SER A N   1 
ATOM   284  C CA  . SER A 1 43 ? 7.887   -3.064  2.157   1.00 48.69 ? 43  SER A CA  1 
ATOM   285  C C   . SER A 1 43 ? 7.733   -2.173  3.418   1.00 49.38 ? 43  SER A C   1 
ATOM   286  O O   . SER A 1 43 ? 7.562   -2.693  4.533   1.00 48.50 ? 43  SER A O   1 
ATOM   287  C CB  . SER A 1 43 ? 9.305   -3.041  1.622   1.00 48.27 ? 43  SER A CB  1 
ATOM   288  O OG  . SER A 1 43 ? 10.217  -3.249  2.657   1.00 49.44 ? 43  SER A OG  1 
ATOM   289  N N   . GLU A 1 44 ? 7.784   -0.848  3.254   1.00 50.52 ? 44  GLU A N   1 
ATOM   290  C CA  . GLU A 1 44 ? 7.639   0.056   4.418   1.00 51.93 ? 44  GLU A CA  1 
ATOM   291  C C   . GLU A 1 44 ? 6.356   -0.282  5.194   1.00 51.06 ? 44  GLU A C   1 
ATOM   292  O O   . GLU A 1 44 ? 6.298   -0.121  6.413   1.00 51.27 ? 44  GLU A O   1 
ATOM   293  C CB  . GLU A 1 44 ? 7.750   1.563   4.054   1.00 51.14 ? 44  GLU A CB  1 
ATOM   294  C CG  . GLU A 1 44 ? 7.227   1.923   2.619   1.00 55.63 ? 44  GLU A CG  1 
ATOM   295  C CD  . GLU A 1 44 ? 7.690   3.296   2.155   1.00 55.12 ? 44  GLU A CD  1 
ATOM   296  O OE1 . GLU A 1 44 ? 8.074   4.073   3.058   1.00 57.78 ? 44  GLU A OE1 1 
ATOM   297  O OE2 . GLU A 1 44 ? 7.690   3.587   0.919   1.00 58.86 ? 44  GLU A OE2 1 
ATOM   298  N N   . ARG A 1 45 ? 5.351   -0.812  4.510   1.00 50.20 ? 45  ARG A N   1 
ATOM   299  C CA  . ARG A 1 45 ? 4.079   -1.028  5.184   1.00 50.24 ? 45  ARG A CA  1 
ATOM   300  C C   . ARG A 1 45 ? 4.095   -2.231  6.099   1.00 49.97 ? 45  ARG A C   1 
ATOM   301  O O   . ARG A 1 45 ? 3.212   -2.381  6.933   1.00 51.08 ? 45  ARG A O   1 
ATOM   302  C CB  . ARG A 1 45 ? 2.956   -1.123  4.169   1.00 50.01 ? 45  ARG A CB  1 
ATOM   303  C CG  . ARG A 1 45 ? 3.103   -0.062  3.119   1.00 52.18 ? 45  ARG A CG  1 
ATOM   304  C CD  . ARG A 1 45 ? 1.792   0.538   2.661   1.00 57.36 ? 45  ARG A CD  1 
ATOM   305  N NE  . ARG A 1 45 ? 0.663   0.373   3.609   1.00 62.39 ? 45  ARG A NE  1 
ATOM   306  C CZ  . ARG A 1 45 ? -0.607  0.746   3.345   1.00 63.41 ? 45  ARG A CZ  1 
ATOM   307  N NH1 . ARG A 1 45 ? -0.900  1.314   2.140   1.00 62.28 ? 45  ARG A NH1 1 
ATOM   308  N NH2 . ARG A 1 45 ? -1.579  0.549   4.276   1.00 59.84 ? 45  ARG A NH2 1 
ATOM   309  N N   . LEU A 1 46 ? 5.105   -3.083  5.938   1.00 49.51 ? 46  LEU A N   1 
ATOM   310  C CA  . LEU A 1 46 ? 5.236   -4.335  6.696   1.00 48.79 ? 46  LEU A CA  1 
ATOM   311  C C   . LEU A 1 46 ? 6.191   -4.213  7.892   1.00 49.52 ? 46  LEU A C   1 
ATOM   312  O O   . LEU A 1 46 ? 6.155   -5.041  8.819   1.00 49.99 ? 46  LEU A O   1 
ATOM   313  C CB  . LEU A 1 46 ? 5.802   -5.447  5.791   1.00 47.69 ? 46  LEU A CB  1 
ATOM   314  C CG  . LEU A 1 46 ? 5.154   -5.894  4.487   1.00 45.37 ? 46  LEU A CG  1 
ATOM   315  C CD1 . LEU A 1 46 ? 5.950   -6.953  3.729   1.00 40.86 ? 46  LEU A CD1 1 
ATOM   316  C CD2 . LEU A 1 46 ? 3.782   -6.413  4.800   1.00 44.43 ? 46  LEU A CD2 1 
ATOM   317  N N   . MET A 1 47 ? 7.072   -3.217  7.835   1.00 49.77 ? 47  MET A N   1 
ATOM   318  C CA  . MET A 1 47 ? 8.134   -3.043  8.809   1.00 50.72 ? 47  MET A CA  1 
ATOM   319  C C   . MET A 1 47 ? 7.727   -2.104  9.930   1.00 51.48 ? 47  MET A C   1 
ATOM   320  O O   . MET A 1 47 ? 6.854   -1.248  9.761   1.00 52.07 ? 47  MET A O   1 
ATOM   321  C CB  . MET A 1 47 ? 9.422   -2.539  8.131   1.00 50.65 ? 47  MET A CB  1 
ATOM   322  C CG  . MET A 1 47 ? 9.907   -3.445  7.011   1.00 51.24 ? 47  MET A CG  1 
ATOM   323  S SD  . MET A 1 47 ? 10.073  -5.163  7.535   1.00 53.00 ? 47  MET A SD  1 
ATOM   324  C CE  . MET A 1 47 ? 11.453  -4.961  8.644   1.00 53.76 ? 47  MET A CE  1 
ATOM   325  N N   . ASP A 1 48 ? 8.345   -2.272  11.087  1.00 52.28 ? 48  ASP A N   1 
ATOM   326  C CA  . ASP A 1 48 ? 8.135   -1.316  12.151  1.00 53.78 ? 48  ASP A CA  1 
ATOM   327  C C   . ASP A 1 48 ? 8.910   -0.035  11.797  1.00 55.21 ? 48  ASP A C   1 
ATOM   328  O O   . ASP A 1 48 ? 10.161  -0.089  11.645  1.00 55.60 ? 48  ASP A O   1 
ATOM   329  C CB  . ASP A 1 48 ? 8.605   -1.887  13.496  1.00 53.09 ? 48  ASP A CB  1 
ATOM   330  C CG  . ASP A 1 48 ? 8.287   -0.982  14.653  1.00 52.24 ? 48  ASP A CG  1 
ATOM   331  O OD1 . ASP A 1 48 ? 7.849   0.180   14.461  1.00 52.31 ? 48  ASP A OD1 1 
ATOM   332  O OD2 . ASP A 1 48 ? 8.492   -1.443  15.771  1.00 51.71 ? 48  ASP A OD2 1 
ATOM   333  N N   . PRO A 1 49 ? 8.186   1.116   11.707  1.00 56.20 ? 49  PRO A N   1 
ATOM   334  C CA  . PRO A 1 49 ? 8.827   2.429   11.423  1.00 56.93 ? 49  PRO A CA  1 
ATOM   335  C C   . PRO A 1 49 ? 9.836   2.752   12.539  1.00 57.90 ? 49  PRO A C   1 
ATOM   336  O O   . PRO A 1 49 ? 10.914  3.284   12.243  1.00 58.09 ? 49  PRO A O   1 
ATOM   337  C CB  . PRO A 1 49 ? 7.661   3.433   11.462  1.00 56.17 ? 49  PRO A CB  1 
ATOM   338  C CG  . PRO A 1 49 ? 6.596   2.735   12.346  1.00 56.38 ? 49  PRO A CG  1 
ATOM   339  C CD  . PRO A 1 49 ? 6.734   1.256   11.955  1.00 56.46 ? 49  PRO A CD  1 
ATOM   340  N N   . SER A 1 50 ? 9.499   2.410   13.794  1.00 58.50 ? 50  SER A N   1 
ATOM   341  C CA  . SER A 1 50 ? 10.385  2.691   14.932  1.00 59.05 ? 50  SER A CA  1 
ATOM   342  C C   . SER A 1 50 ? 11.687  1.881   14.806  1.00 59.88 ? 50  SER A C   1 
ATOM   343  O O   . SER A 1 50 ? 12.743  2.457   14.476  1.00 60.64 ? 50  SER A O   1 
ATOM   344  C CB  . SER A 1 50 ? 9.689   2.416   16.257  1.00 58.82 ? 50  SER A CB  1 
ATOM   345  N N   . SER A 1 51 ? 11.639  0.560   15.016  1.00 59.58 ? 51  SER A N   1 
ATOM   346  C CA  . SER A 1 51 ? 12.905  -0.200  15.053  1.00 59.36 ? 51  SER A CA  1 
ATOM   347  C C   . SER A 1 51 ? 13.163  -1.118  13.827  1.00 59.06 ? 51  SER A C   1 
ATOM   348  O O   . SER A 1 51 ? 12.265  -1.919  13.409  1.00 59.78 ? 51  SER A O   1 
ATOM   349  C CB  . SER A 1 51 ? 13.003  -0.977  16.361  1.00 59.32 ? 51  SER A CB  1 
ATOM   350  O OG  . SER A 1 51 ? 11.826  -1.745  16.500  1.00 60.35 ? 51  SER A OG  1 
ATOM   351  N N   . PRO A 1 52 ? 14.396  -1.031  13.262  1.00 57.93 ? 52  PRO A N   1 
ATOM   352  C CA  . PRO A 1 52 ? 14.720  -1.695  11.975  1.00 57.14 ? 52  PRO A CA  1 
ATOM   353  C C   . PRO A 1 52 ? 14.773  -3.234  12.031  1.00 56.29 ? 52  PRO A C   1 
ATOM   354  O O   . PRO A 1 52 ? 15.317  -3.806  12.965  1.00 56.07 ? 52  PRO A O   1 
ATOM   355  C CB  . PRO A 1 52 ? 16.112  -1.140  11.616  1.00 56.96 ? 52  PRO A CB  1 
ATOM   356  C CG  . PRO A 1 52 ? 16.419  -0.061  12.630  1.00 57.41 ? 52  PRO A CG  1 
ATOM   357  C CD  . PRO A 1 52 ? 15.562  -0.332  13.831  1.00 57.74 ? 52  PRO A CD  1 
ATOM   358  N N   . GLY A 1 53 ? 14.217  -3.904  11.023  1.00 55.79 ? 53  GLY A N   1 
ATOM   359  C CA  . GLY A 1 53 ? 14.396  -5.353  10.908  1.00 53.76 ? 53  GLY A CA  1 
ATOM   360  C C   . GLY A 1 53 ? 13.264  -6.069  11.582  1.00 53.25 ? 53  GLY A C   1 
ATOM   361  O O   . GLY A 1 53 ? 13.070  -7.273  11.362  1.00 53.29 ? 53  GLY A O   1 
ATOM   362  N N   . LYS A 1 54 ? 12.507  -5.314  12.388  1.00 52.25 ? 54  LYS A N   1 
ATOM   363  C CA  . LYS A 1 54 ? 11.400  -5.847  13.179  1.00 50.91 ? 54  LYS A CA  1 
ATOM   364  C C   . LYS A 1 54 ? 10.130  -5.488  12.433  1.00 50.19 ? 54  LYS A C   1 
ATOM   365  O O   . LYS A 1 54 ? 10.010  -4.389  11.895  1.00 49.91 ? 54  LYS A O   1 
ATOM   366  C CB  . LYS A 1 54 ? 11.410  -5.299  14.645  1.00 49.84 ? 54  LYS A CB  1 
ATOM   367  N N   . LEU A 1 55 ? 9.240   -6.476  12.343  1.00 49.91 ? 55  LEU A N   1 
ATOM   368  C CA  . LEU A 1 55 ? 7.946   -6.358  11.692  1.00 49.32 ? 55  LEU A CA  1 
ATOM   369  C C   . LEU A 1 55 ? 7.009   -5.441  12.446  1.00 49.36 ? 55  LEU A C   1 
ATOM   370  O O   . LEU A 1 55 ? 7.140   -5.222  13.645  1.00 49.16 ? 55  LEU A O   1 
ATOM   371  C CB  . LEU A 1 55 ? 7.270   -7.713  11.621  1.00 49.10 ? 55  LEU A CB  1 
ATOM   372  C CG  . LEU A 1 55 ? 7.579   -8.770  10.579  1.00 48.81 ? 55  LEU A CG  1 
ATOM   373  C CD1 . LEU A 1 55 ? 6.597   -9.909  10.892  1.00 46.62 ? 55  LEU A CD1 1 
ATOM   374  C CD2 . LEU A 1 55 ? 7.453   -8.208  9.125   1.00 46.37 ? 55  LEU A CD2 1 
ATOM   375  N N   . HIS A 1 56 ? 6.030   -4.950  11.721  1.00 49.38 ? 56  HIS A N   1 
ATOM   376  C CA  . HIS A 1 56 ? 5.126   -3.982  12.213  1.00 50.06 ? 56  HIS A CA  1 
ATOM   377  C C   . HIS A 1 56 ? 4.173   -4.627  13.236  1.00 50.08 ? 56  HIS A C   1 
ATOM   378  O O   . HIS A 1 56 ? 3.751   -5.779  13.030  1.00 49.85 ? 56  HIS A O   1 
ATOM   379  C CB  . HIS A 1 56 ? 4.363   -3.461  11.008  1.00 51.02 ? 56  HIS A CB  1 
ATOM   380  C CG  . HIS A 1 56 ? 3.534   -2.274  11.316  1.00 53.29 ? 56  HIS A CG  1 
ATOM   381  N ND1 . HIS A 1 56 ? 2.307   -2.383  11.932  1.00 56.30 ? 56  HIS A ND1 1 
ATOM   382  C CD2 . HIS A 1 56 ? 3.780   -0.953  11.170  1.00 54.65 ? 56  HIS A CD2 1 
ATOM   383  C CE1 . HIS A 1 56 ? 1.809   -1.173  12.121  1.00 56.29 ? 56  HIS A CE1 1 
ATOM   384  N NE2 . HIS A 1 56 ? 2.689   -0.288  11.679  1.00 56.40 ? 56  HIS A NE2 1 
ATOM   385  N N   . ARG A 1 57 ? 3.844   -3.902  14.314  1.00 49.57 ? 57  ARG A N   1 
ATOM   386  C CA  . ARG A 1 57 ? 3.017   -4.481  15.364  1.00 50.18 ? 57  ARG A CA  1 
ATOM   387  C C   . ARG A 1 57 ? 1.669   -5.051  14.882  1.00 50.81 ? 57  ARG A C   1 
ATOM   388  O O   . ARG A 1 57 ? 1.210   -6.074  15.414  1.00 51.20 ? 57  ARG A O   1 
ATOM   389  C CB  . ARG A 1 57 ? 2.789   -3.506  16.513  1.00 50.06 ? 57  ARG A CB  1 
ATOM   390  C CG  . ARG A 1 57 ? 3.741   -3.720  17.666  1.00 49.96 ? 57  ARG A CG  1 
ATOM   391  C CD  . ARG A 1 57 ? 3.677   -2.543  18.627  1.00 50.21 ? 57  ARG A CD  1 
ATOM   392  N NE  . ARG A 1 57 ? 2.380   -2.441  19.308  1.00 50.32 ? 57  ARG A NE  1 
ATOM   393  C CZ  . ARG A 1 57 ? 2.027   -1.464  20.143  1.00 49.23 ? 57  ARG A CZ  1 
ATOM   394  N NH1 . ARG A 1 57 ? 2.853   -0.480  20.412  1.00 47.95 ? 57  ARG A NH1 1 
ATOM   395  N NH2 . ARG A 1 57 ? 0.827   -1.450  20.705  1.00 52.02 ? 57  ARG A NH2 1 
ATOM   396  N N   . PHE A 1 58 ? 1.045   -4.410  13.891  1.00 50.80 ? 58  PHE A N   1 
ATOM   397  C CA  . PHE A 1 58 ? -0.303  -4.804  13.436  1.00 50.90 ? 58  PHE A CA  1 
ATOM   398  C C   . PHE A 1 58 ? -0.313  -5.530  12.101  1.00 50.89 ? 58  PHE A C   1 
ATOM   399  O O   . PHE A 1 58 ? -1.344  -5.603  11.414  1.00 51.14 ? 58  PHE A O   1 
ATOM   400  C CB  . PHE A 1 58 ? -1.238  -3.602  13.387  1.00 51.15 ? 58  PHE A CB  1 
ATOM   401  C CG  . PHE A 1 58 ? -1.192  -2.789  14.626  1.00 53.39 ? 58  PHE A CG  1 
ATOM   402  C CD1 . PHE A 1 58 ? -1.554  -3.360  15.857  1.00 54.44 ? 58  PHE A CD1 1 
ATOM   403  C CD2 . PHE A 1 58 ? -0.755  -1.454  14.588  1.00 56.43 ? 58  PHE A CD2 1 
ATOM   404  C CE1 . PHE A 1 58 ? -1.500  -2.624  17.020  1.00 55.72 ? 58  PHE A CE1 1 
ATOM   405  C CE2 . PHE A 1 58 ? -0.700  -0.680  15.761  1.00 56.33 ? 58  PHE A CE2 1 
ATOM   406  C CZ  . PHE A 1 58 ? -1.057  -1.275  16.978  1.00 55.96 ? 58  PHE A CZ  1 
ATOM   407  N N   . VAL A 1 59 ? 0.838   -6.083  11.736  1.00 50.57 ? 59  VAL A N   1 
ATOM   408  C CA  . VAL A 1 59 ? 0.896   -6.964  10.587  1.00 49.83 ? 59  VAL A CA  1 
ATOM   409  C C   . VAL A 1 59 ? 1.329   -8.337  11.037  1.00 49.13 ? 59  VAL A C   1 
ATOM   410  O O   . VAL A 1 59 ? 2.274   -8.477  11.817  1.00 48.80 ? 59  VAL A O   1 
ATOM   411  C CB  . VAL A 1 59 ? 1.855   -6.454  9.509   1.00 50.26 ? 59  VAL A CB  1 
ATOM   412  C CG1 . VAL A 1 59 ? 1.613   -7.207  8.223   1.00 50.60 ? 59  VAL A CG1 1 
ATOM   413  C CG2 . VAL A 1 59 ? 1.676   -4.942  9.267   1.00 50.80 ? 59  VAL A CG2 1 
ATOM   414  N N   . ASN A 1 60 ? 0.606   -9.337  10.541  1.00 48.73 ? 60  ASN A N   1 
ATOM   415  C CA  . ASN A 1 60 ? 0.978   -10.748 10.661  1.00 47.89 ? 60  ASN A CA  1 
ATOM   416  C C   . ASN A 1 60 ? 1.583   -11.270 9.364   1.00 47.12 ? 60  ASN A C   1 
ATOM   417  O O   . ASN A 1 60 ? 1.205   -10.834 8.278   1.00 47.23 ? 60  ASN A O   1 
ATOM   418  C CB  . ASN A 1 60 ? -0.258  -11.566 11.011  1.00 47.96 ? 60  ASN A CB  1 
ATOM   419  C CG  . ASN A 1 60 ? -0.651  -11.413 12.480  1.00 48.90 ? 60  ASN A CG  1 
ATOM   420  O OD1 . ASN A 1 60 ? 0.210   -11.428 13.367  1.00 46.34 ? 60  ASN A OD1 1 
ATOM   421  N ND2 . ASN A 1 60 ? -1.959  -11.268 12.738  1.00 49.00 ? 60  ASN A ND2 1 
ATOM   422  N N   . ILE A 1 61 ? 2.558   -12.169 9.497   1.00 46.77 ? 61  ILE A N   1 
ATOM   423  C CA  . ILE A 1 61 ? 3.105   -12.948 8.383   1.00 45.43 ? 61  ILE A CA  1 
ATOM   424  C C   . ILE A 1 61 ? 3.313   -14.400 8.774   1.00 45.33 ? 61  ILE A C   1 
ATOM   425  O O   . ILE A 1 61 ? 3.992   -14.677 9.719   1.00 44.67 ? 61  ILE A O   1 
ATOM   426  C CB  . ILE A 1 61 ? 4.411   -12.412 7.886   1.00 44.57 ? 61  ILE A CB  1 
ATOM   427  C CG1 . ILE A 1 61 ? 4.298   -10.894 7.643   1.00 43.88 ? 61  ILE A CG1 1 
ATOM   428  C CG2 . ILE A 1 61 ? 4.720   -13.167 6.640   1.00 45.77 ? 61  ILE A CG2 1 
ATOM   429  C CD1 . ILE A 1 61 ? 5.269   -10.243 6.621   1.00 40.25 ? 61  ILE A CD1 1 
ATOM   430  N N   . TYR A 1 62 ? 2.684   -15.313 8.039   1.00 46.69 ? 62  TYR A N   1 
ATOM   431  C CA  . TYR A 1 62 ? 2.867   -16.788 8.184   1.00 46.76 ? 62  TYR A CA  1 
ATOM   432  C C   . TYR A 1 62 ? 3.681   -17.299 7.006   1.00 46.35 ? 62  TYR A C   1 
ATOM   433  O O   . TYR A 1 62 ? 3.493   -16.850 5.881   1.00 46.56 ? 62  TYR A O   1 
ATOM   434  C CB  . TYR A 1 62 ? 1.514   -17.518 8.184   1.00 47.30 ? 62  TYR A CB  1 
ATOM   435  C CG  . TYR A 1 62 ? 0.728   -17.275 9.445   1.00 48.11 ? 62  TYR A CG  1 
ATOM   436  C CD1 . TYR A 1 62 ? 0.132   -16.025 9.690   1.00 46.73 ? 62  TYR A CD1 1 
ATOM   437  C CD2 . TYR A 1 62 ? 0.612   -18.285 10.426  1.00 47.96 ? 62  TYR A CD2 1 
ATOM   438  C CE1 . TYR A 1 62 ? -0.579  -15.784 10.875  1.00 48.78 ? 62  TYR A CE1 1 
ATOM   439  C CE2 . TYR A 1 62 ? -0.084  -18.065 11.632  1.00 47.70 ? 62  TYR A CE2 1 
ATOM   440  C CZ  . TYR A 1 62 ? -0.691  -16.813 11.848  1.00 50.08 ? 62  TYR A CZ  1 
ATOM   441  O OH  . TYR A 1 62 ? -1.431  -16.575 13.007  1.00 51.12 ? 62  TYR A OH  1 
ATOM   442  N N   . VAL A 1 63 ? 4.625   -18.191 7.269   1.00 46.22 ? 63  VAL A N   1 
ATOM   443  C CA  . VAL A 1 63 ? 5.243   -18.956 6.194   1.00 45.78 ? 63  VAL A CA  1 
ATOM   444  C C   . VAL A 1 63 ? 4.576   -20.294 6.346   1.00 46.21 ? 63  VAL A C   1 
ATOM   445  O O   . VAL A 1 63 ? 4.599   -20.891 7.427   1.00 45.90 ? 63  VAL A O   1 
ATOM   446  C CB  . VAL A 1 63 ? 6.757   -19.046 6.337   1.00 45.62 ? 63  VAL A CB  1 
ATOM   447  C CG1 . VAL A 1 63 ? 7.308   -20.225 5.524   1.00 45.24 ? 63  VAL A CG1 1 
ATOM   448  C CG2 . VAL A 1 63 ? 7.376   -17.759 5.878   1.00 43.97 ? 63  VAL A CG2 1 
ATOM   449  N N   . ASN A 1 64 ? 3.863   -20.693 5.313   1.00 46.63 ? 64  ASN A N   1 
ATOM   450  C CA  . ASN A 1 64 ? 3.107   -21.904 5.385   1.00 48.22 ? 64  ASN A CA  1 
ATOM   451  C C   . ASN A 1 64 ? 2.267   -22.219 6.607   1.00 49.37 ? 64  ASN A C   1 
ATOM   452  O O   . ASN A 1 64 ? 2.360   -23.363 7.051   1.00 50.67 ? 64  ASN A O   1 
ATOM   453  C CB  . ASN A 1 64 ? 4.114   -23.059 5.334   1.00 47.37 ? 64  ASN A CB  1 
ATOM   454  C CG  . ASN A 1 64 ? 4.400   -23.444 3.981   1.00 49.47 ? 64  ASN A CG  1 
ATOM   455  O OD1 . ASN A 1 64 ? 3.488   -23.409 3.123   1.00 51.83 ? 64  ASN A OD1 1 
ATOM   456  N ND2 . ASN A 1 64 ? 5.672   -23.732 3.699   1.00 49.07 ? 64  ASN A ND2 1 
ATOM   457  N N   . ASP A 1 65 ? 1.470   -21.344 7.197   1.00 49.78 ? 65  ASP A N   1 
ATOM   458  C CA  . ASP A 1 65 ? 0.825   -21.799 8.508   1.00 50.92 ? 65  ASP A CA  1 
ATOM   459  C C   . ASP A 1 65 ? 1.663   -21.707 9.807   1.00 50.29 ? 65  ASP A C   1 
ATOM   460  O O   . ASP A 1 65 ? 1.108   -21.902 10.899  1.00 50.62 ? 65  ASP A O   1 
ATOM   461  C CB  . ASP A 1 65 ? 0.049   -23.183 8.461   1.00 50.77 ? 65  ASP A CB  1 
ATOM   462  C CG  . ASP A 1 65 ? 0.853   -24.443 9.062   1.00 54.32 ? 65  ASP A CG  1 
ATOM   463  O OD1 . ASP A 1 65 ? 2.073   -24.404 9.338   1.00 57.14 ? 65  ASP A OD1 1 
ATOM   464  O OD2 . ASP A 1 65 ? 0.245   -25.543 9.240   1.00 56.15 ? 65  ASP A OD2 1 
ATOM   465  N N   . GLU A 1 66 ? 2.966   -21.420 9.691   1.00 49.40 ? 66  GLU A N   1 
ATOM   466  C CA  . GLU A 1 66 ? 3.791   -21.129 10.858  1.00 48.03 ? 66  GLU A CA  1 
ATOM   467  C C   . GLU A 1 66 ? 3.952   -19.591 10.992  1.00 47.36 ? 66  GLU A C   1 
ATOM   468  O O   . GLU A 1 66 ? 4.278   -18.877 10.032  1.00 47.14 ? 66  GLU A O   1 
ATOM   469  C CB  . GLU A 1 66 ? 5.169   -21.902 10.789  1.00 48.52 ? 66  GLU A CB  1 
ATOM   470  N N   . ASP A 1 67 ? 3.655   -19.088 12.184  1.00 46.43 ? 67  ASP A N   1 
ATOM   471  C CA  . ASP A 1 67 ? 3.779   -17.693 12.493  1.00 45.40 ? 67  ASP A CA  1 
ATOM   472  C C   . ASP A 1 67 ? 5.262   -17.342 12.602  1.00 45.35 ? 67  ASP A C   1 
ATOM   473  O O   . ASP A 1 67 ? 5.978   -17.862 13.462  1.00 45.36 ? 67  ASP A O   1 
ATOM   474  C CB  . ASP A 1 67 ? 3.032   -17.419 13.789  1.00 45.07 ? 67  ASP A CB  1 
ATOM   475  C CG  . ASP A 1 67 ? 2.935   -15.933 14.125  1.00 46.90 ? 67  ASP A CG  1 
ATOM   476  O OD1 . ASP A 1 67 ? 3.776   -15.099 13.690  1.00 50.77 ? 67  ASP A OD1 1 
ATOM   477  O OD2 . ASP A 1 67 ? 2.012   -15.585 14.872  1.00 47.60 ? 67  ASP A OD2 1 
ATOM   478  N N   . VAL A 1 68 ? 5.728   -16.449 11.734  1.00 45.33 ? 68  VAL A N   1 
ATOM   479  C CA  . VAL A 1 68 ? 7.148   -16.084 11.709  1.00 46.03 ? 68  VAL A CA  1 
ATOM   480  C C   . VAL A 1 68 ? 7.696   -15.535 13.051  1.00 47.44 ? 68  VAL A C   1 
ATOM   481  O O   . VAL A 1 68 ? 8.895   -15.727 13.383  1.00 47.39 ? 68  VAL A O   1 
ATOM   482  C CB  . VAL A 1 68 ? 7.504   -15.134 10.522  1.00 45.26 ? 68  VAL A CB  1 
ATOM   483  C CG1 . VAL A 1 68 ? 6.938   -15.692 9.238   1.00 45.38 ? 68  VAL A CG1 1 
ATOM   484  C CG2 . VAL A 1 68 ? 7.018   -13.743 10.751  1.00 42.44 ? 68  VAL A CG2 1 
ATOM   485  N N   . ARG A 1 69 ? 6.826   -14.855 13.812  1.00 48.35 ? 69  ARG A N   1 
ATOM   486  C CA  . ARG A 1 69 ? 7.185   -14.428 15.162  1.00 49.40 ? 69  ARG A CA  1 
ATOM   487  C C   . ARG A 1 69 ? 7.684   -15.612 16.015  1.00 50.15 ? 69  ARG A C   1 
ATOM   488  O O   . ARG A 1 69 ? 8.257   -15.390 17.082  1.00 51.01 ? 69  ARG A O   1 
ATOM   489  C CB  . ARG A 1 69 ? 6.037   -13.674 15.844  1.00 48.80 ? 69  ARG A CB  1 
ATOM   490  C CG  . ARG A 1 69 ? 6.004   -12.222 15.452  1.00 49.55 ? 69  ARG A CG  1 
ATOM   491  C CD  . ARG A 1 69 ? 4.684   -11.576 15.818  1.00 51.45 ? 69  ARG A CD  1 
ATOM   492  N NE  . ARG A 1 69 ? 4.708   -10.118 15.623  1.00 53.41 ? 69  ARG A NE  1 
ATOM   493  C CZ  . ARG A 1 69 ? 4.314   -9.489  14.512  1.00 53.17 ? 69  ARG A CZ  1 
ATOM   494  N NH1 . ARG A 1 69 ? 3.864   -10.185 13.469  1.00 54.30 ? 69  ARG A NH1 1 
ATOM   495  N NH2 . ARG A 1 69 ? 4.377   -8.163  14.438  1.00 51.51 ? 69  ARG A NH2 1 
ATOM   496  N N   . PHE A 1 70 ? 7.491   -16.855 15.552  1.00 50.09 ? 70  PHE A N   1 
ATOM   497  C CA  . PHE A 1 70 ? 7.995   -18.001 16.309  1.00 50.06 ? 70  PHE A CA  1 
ATOM   498  C C   . PHE A 1 70 ? 9.118   -18.719 15.659  1.00 49.95 ? 70  PHE A C   1 
ATOM   499  O O   . PHE A 1 70 ? 9.676   -19.632 16.240  1.00 50.82 ? 70  PHE A O   1 
ATOM   500  C CB  . PHE A 1 70 ? 6.875   -18.949 16.710  1.00 49.88 ? 70  PHE A CB  1 
ATOM   501  C CG  . PHE A 1 70 ? 5.881   -18.285 17.550  1.00 49.68 ? 70  PHE A CG  1 
ATOM   502  C CD1 . PHE A 1 70 ? 4.545   -18.298 17.204  1.00 51.23 ? 70  PHE A CD1 1 
ATOM   503  C CD2 . PHE A 1 70 ? 6.301   -17.541 18.653  1.00 52.64 ? 70  PHE A CD2 1 
ATOM   504  C CE1 . PHE A 1 70 ? 3.596   -17.594 17.972  1.00 52.85 ? 70  PHE A CE1 1 
ATOM   505  C CE2 . PHE A 1 70 ? 5.379   -16.817 19.445  1.00 54.28 ? 70  PHE A CE2 1 
ATOM   506  C CZ  . PHE A 1 70 ? 4.016   -16.843 19.103  1.00 52.26 ? 70  PHE A CZ  1 
ATOM   507  N N   . SER A 1 71 ? 9.485   -18.273 14.470  1.00 49.51 ? 71  SER A N   1 
ATOM   508  C CA  . SER A 1 71 ? 10.555  -18.908 13.715  1.00 48.51 ? 71  SER A CA  1 
ATOM   509  C C   . SER A 1 71 ? 11.711  -17.951 13.362  1.00 47.89 ? 71  SER A C   1 
ATOM   510  O O   . SER A 1 71 ? 12.508  -18.258 12.511  1.00 47.59 ? 71  SER A O   1 
ATOM   511  C CB  . SER A 1 71 ? 9.965   -19.551 12.447  1.00 48.49 ? 71  SER A CB  1 
ATOM   512  O OG  . SER A 1 71 ? 9.296   -18.594 11.629  1.00 48.99 ? 71  SER A OG  1 
ATOM   513  N N   . GLY A 1 72 ? 11.803  -16.792 13.998  1.00 47.55 ? 72  GLY A N   1 
ATOM   514  C CA  . GLY A 1 72 ? 12.911  -15.901 13.697  1.00 47.47 ? 72  GLY A CA  1 
ATOM   515  C C   . GLY A 1 72 ? 12.584  -14.639 12.901  1.00 47.91 ? 72  GLY A C   1 
ATOM   516  O O   . GLY A 1 72 ? 13.511  -13.955 12.406  1.00 48.03 ? 72  GLY A O   1 
ATOM   517  N N   . GLY A 1 73 ? 11.291  -14.309 12.776  1.00 47.55 ? 73  GLY A N   1 
ATOM   518  C CA  . GLY A 1 73 ? 10.868  -13.150 11.989  1.00 47.25 ? 73  GLY A CA  1 
ATOM   519  C C   . GLY A 1 73 ? 11.413  -13.109 10.555  1.00 47.60 ? 73  GLY A C   1 
ATOM   520  O O   . GLY A 1 73 ? 11.159  -14.017 9.758   1.00 47.27 ? 73  GLY A O   1 
ATOM   521  N N   . LEU A 1 74 ? 12.197  -12.072 10.224  1.00 47.57 ? 74  LEU A N   1 
ATOM   522  C CA  . LEU A 1 74 ? 12.712  -11.937 8.853   1.00 47.39 ? 74  LEU A CA  1 
ATOM   523  C C   . LEU A 1 74 ? 13.793  -12.940 8.552   1.00 47.56 ? 74  LEU A C   1 
ATOM   524  O O   . LEU A 1 74 ? 14.126  -13.184 7.391   1.00 48.34 ? 74  LEU A O   1 
ATOM   525  C CB  . LEU A 1 74 ? 13.247  -10.545 8.585   1.00 47.15 ? 74  LEU A CB  1 
ATOM   526  C CG  . LEU A 1 74 ? 12.272  -9.355  8.600   1.00 47.50 ? 74  LEU A CG  1 
ATOM   527  C CD1 . LEU A 1 74 ? 12.564  -8.497  7.354   1.00 45.72 ? 74  LEU A CD1 1 
ATOM   528  C CD2 . LEU A 1 74 ? 10.752  -9.715  8.687   1.00 45.88 ? 74  LEU A CD2 1 
ATOM   529  N N   . ALA A 1 75 ? 14.363  -13.510 9.606   1.00 47.28 ? 75  ALA A N   1 
ATOM   530  C CA  . ALA A 1 75 ? 15.369  -14.529 9.432   1.00 46.59 ? 75  ALA A CA  1 
ATOM   531  C C   . ALA A 1 75 ? 14.701  -15.850 9.107   1.00 46.46 ? 75  ALA A C   1 
ATOM   532  O O   . ALA A 1 75 ? 15.356  -16.732 8.597   1.00 47.11 ? 75  ALA A O   1 
ATOM   533  C CB  . ALA A 1 75 ? 16.262  -14.645 10.650  1.00 46.01 ? 75  ALA A CB  1 
ATOM   534  N N   . THR A 1 76 ? 13.406  -15.987 9.365   1.00 46.22 ? 76  THR A N   1 
ATOM   535  C CA  . THR A 1 76 ? 12.702  -17.224 9.042   1.00 46.69 ? 76  THR A CA  1 
ATOM   536  C C   . THR A 1 76 ? 13.067  -17.834 7.664   1.00 47.42 ? 76  THR A C   1 
ATOM   537  O O   . THR A 1 76 ? 12.862  -17.210 6.604   1.00 47.90 ? 76  THR A O   1 
ATOM   538  C CB  . THR A 1 76 ? 11.187  -16.983 9.146   1.00 46.84 ? 76  THR A CB  1 
ATOM   539  O OG1 . THR A 1 76 ? 10.843  -16.737 10.517  1.00 46.98 ? 76  THR A OG1 1 
ATOM   540  C CG2 . THR A 1 76 ? 10.367  -18.182 8.598   1.00 45.85 ? 76  THR A CG2 1 
ATOM   541  N N   . ALA A 1 77 ? 13.614  -19.051 7.671   1.00 48.46 ? 77  ALA A N   1 
ATOM   542  C CA  . ALA A 1 77 ? 14.027  -19.737 6.408   1.00 49.11 ? 77  ALA A CA  1 
ATOM   543  C C   . ALA A 1 77 ? 12.861  -20.028 5.434   1.00 49.67 ? 77  ALA A C   1 
ATOM   544  O O   . ALA A 1 77 ? 11.698  -20.262 5.858   1.00 49.21 ? 77  ALA A O   1 
ATOM   545  C CB  . ALA A 1 77 ? 14.781  -20.999 6.729   1.00 48.64 ? 77  ALA A CB  1 
ATOM   546  N N   . ILE A 1 78 ? 13.167  -19.993 4.140   1.00 50.19 ? 78  ILE A N   1 
ATOM   547  C CA  . ILE A 1 78 ? 12.111  -20.074 3.090   1.00 50.95 ? 78  ILE A CA  1 
ATOM   548  C C   . ILE A 1 78 ? 12.468  -21.114 2.012   1.00 51.91 ? 78  ILE A C   1 
ATOM   549  O O   . ILE A 1 78 ? 13.532  -21.026 1.392   1.00 52.24 ? 78  ILE A O   1 
ATOM   550  C CB  . ILE A 1 78 ? 11.881  -18.651 2.443   1.00 51.20 ? 78  ILE A CB  1 
ATOM   551  C CG1 . ILE A 1 78 ? 11.461  -17.625 3.513   1.00 48.58 ? 78  ILE A CG1 1 
ATOM   552  C CG2 . ILE A 1 78 ? 10.941  -18.713 1.212   1.00 48.98 ? 78  ILE A CG2 1 
ATOM   553  C CD1 . ILE A 1 78 ? 10.068  -17.210 3.407   1.00 47.12 ? 78  ILE A CD1 1 
ATOM   554  N N   . ALA A 1 79 ? 11.598  -22.104 1.817   1.00 53.07 ? 79  ALA A N   1 
ATOM   555  C CA  . ALA A 1 79 ? 11.905  -23.271 0.942   1.00 54.40 ? 79  ALA A CA  1 
ATOM   556  C C   . ALA A 1 79 ? 11.209  -23.085 -0.395  1.00 55.14 ? 79  ALA A C   1 
ATOM   557  O O   . ALA A 1 79 ? 10.228  -22.332 -0.492  1.00 55.27 ? 79  ALA A O   1 
ATOM   558  C CB  . ALA A 1 79 ? 11.451  -24.609 1.597   1.00 53.64 ? 79  ALA A CB  1 
ATOM   559  N N   . ASP A 1 80 ? 11.669  -23.778 -1.429  1.00 56.04 ? 80  ASP A N   1 
ATOM   560  C CA  . ASP A 1 80 ? 10.952  -23.640 -2.691  1.00 57.18 ? 80  ASP A CA  1 
ATOM   561  C C   . ASP A 1 80 ? 9.523   -24.195 -2.545  1.00 56.73 ? 80  ASP A C   1 
ATOM   562  O O   . ASP A 1 80 ? 9.310   -25.177 -1.806  1.00 56.78 ? 80  ASP A O   1 
ATOM   563  C CB  . ASP A 1 80 ? 11.699  -24.256 -3.876  1.00 57.76 ? 80  ASP A CB  1 
ATOM   564  C CG  . ASP A 1 80 ? 11.083  -23.841 -5.217  1.00 61.57 ? 80  ASP A CG  1 
ATOM   565  O OD1 . ASP A 1 80 ? 10.651  -22.646 -5.369  1.00 63.75 ? 80  ASP A OD1 1 
ATOM   566  O OD2 . ASP A 1 80 ? 11.017  -24.721 -6.122  1.00 66.65 ? 80  ASP A OD2 1 
ATOM   567  N N   . GLY A 1 81 ? 8.546   -23.525 -3.181  1.00 56.25 ? 81  GLY A N   1 
ATOM   568  C CA  . GLY A 1 81 ? 7.120   -23.895 -3.034  1.00 54.96 ? 81  GLY A CA  1 
ATOM   569  C C   . GLY A 1 81 ? 6.510   -23.683 -1.648  1.00 54.55 ? 81  GLY A C   1 
ATOM   570  O O   . GLY A 1 81 ? 5.408   -24.127 -1.401  1.00 54.47 ? 81  GLY A O   1 
ATOM   571  N N   . ASP A 1 82 ? 7.213   -23.013 -0.727  1.00 54.26 ? 82  ASP A N   1 
ATOM   572  C CA  . ASP A 1 82 ? 6.585   -22.520 0.493   1.00 53.37 ? 82  ASP A CA  1 
ATOM   573  C C   . ASP A 1 82 ? 5.568   -21.490 0.042   1.00 53.14 ? 82  ASP A C   1 
ATOM   574  O O   . ASP A 1 82 ? 5.649   -20.973 -1.078  1.00 53.60 ? 82  ASP A O   1 
ATOM   575  C CB  . ASP A 1 82 ? 7.602   -21.814 1.389   1.00 53.56 ? 82  ASP A CB  1 
ATOM   576  C CG  . ASP A 1 82 ? 8.319   -22.748 2.347   1.00 54.68 ? 82  ASP A CG  1 
ATOM   577  O OD1 . ASP A 1 82 ? 8.062   -23.965 2.331   1.00 58.31 ? 82  ASP A OD1 1 
ATOM   578  O OD2 . ASP A 1 82 ? 9.156   -22.266 3.136   1.00 55.90 ? 82  ASP A OD2 1 
ATOM   579  N N   . SER A 1 83 ? 4.612   -21.177 0.906   1.00 52.22 ? 83  SER A N   1 
ATOM   580  C CA  . SER A 1 83 ? 3.717   -20.077 0.651   1.00 51.60 ? 83  SER A CA  1 
ATOM   581  C C   . SER A 1 83 ? 3.918   -19.031 1.748   1.00 50.76 ? 83  SER A C   1 
ATOM   582  O O   . SER A 1 83 ? 4.337   -19.378 2.854   1.00 51.37 ? 83  SER A O   1 
ATOM   583  C CB  . SER A 1 83 ? 2.293   -20.592 0.716   1.00 52.05 ? 83  SER A CB  1 
ATOM   584  O OG  . SER A 1 83 ? 1.946   -20.792 2.077   1.00 53.77 ? 83  SER A OG  1 
ATOM   585  N N   . VAL A 1 84 ? 3.610   -17.769 1.459   1.00 49.28 ? 84  VAL A N   1 
ATOM   586  C CA  . VAL A 1 84 ? 3.694   -16.703 2.464   1.00 47.86 ? 84  VAL A CA  1 
ATOM   587  C C   . VAL A 1 84 ? 2.374   -15.963 2.556   1.00 47.64 ? 84  VAL A C   1 
ATOM   588  O O   . VAL A 1 84 ? 1.676   -15.779 1.570   1.00 48.34 ? 84  VAL A O   1 
ATOM   589  C CB  . VAL A 1 84 ? 4.811   -15.687 2.146   1.00 48.00 ? 84  VAL A CB  1 
ATOM   590  C CG1 . VAL A 1 84 ? 4.842   -14.594 3.189   1.00 45.92 ? 84  VAL A CG1 1 
ATOM   591  C CG2 . VAL A 1 84 ? 6.192   -16.386 2.004   1.00 46.81 ? 84  VAL A CG2 1 
ATOM   592  N N   . THR A 1 85 ? 2.010   -15.533 3.741   1.00 46.96 ? 85  THR A N   1 
ATOM   593  C CA  . THR A 1 85 ? 0.737   -14.906 3.881   1.00 47.20 ? 85  THR A CA  1 
ATOM   594  C C   . THR A 1 85 ? 0.830   -13.693 4.802   1.00 47.28 ? 85  THR A C   1 
ATOM   595  O O   . THR A 1 85 ? 1.230   -13.795 5.984   1.00 47.00 ? 85  THR A O   1 
ATOM   596  C CB  . THR A 1 85 ? -0.279  -15.928 4.351   1.00 47.61 ? 85  THR A CB  1 
ATOM   597  O OG1 . THR A 1 85 ? 0.039   -17.184 3.728   1.00 48.76 ? 85  THR A OG1 1 
ATOM   598  C CG2 . THR A 1 85 ? -1.741  -15.495 4.019   1.00 46.89 ? 85  THR A CG2 1 
ATOM   599  N N   . ILE A 1 86 ? 0.510   -12.541 4.218   1.00 46.49 ? 86  ILE A N   1 
ATOM   600  C CA  . ILE A 1 86 ? 0.463   -11.289 4.953   1.00 46.29 ? 86  ILE A CA  1 
ATOM   601  C C   . ILE A 1 86 ? -0.972  -10.933 5.325   1.00 46.37 ? 86  ILE A C   1 
ATOM   602  O O   . ILE A 1 86 ? -1.893  -10.942 4.456   1.00 46.17 ? 86  ILE A O   1 
ATOM   603  C CB  . ILE A 1 86 ? 1.073   -10.173 4.123   1.00 46.11 ? 86  ILE A CB  1 
ATOM   604  C CG1 . ILE A 1 86 ? 2.476   -10.600 3.688   1.00 46.19 ? 86  ILE A CG1 1 
ATOM   605  C CG2 . ILE A 1 86 ? 1.071   -8.847  4.898   1.00 45.28 ? 86  ILE A CG2 1 
ATOM   606  C CD1 . ILE A 1 86 ? 2.952   -9.975  2.400   1.00 43.92 ? 86  ILE A CD1 1 
ATOM   607  N N   . LEU A 1 87 ? -1.166  -10.619 6.607   1.00 46.06 ? 87  LEU A N   1 
ATOM   608  C CA  . LEU A 1 87 ? -2.496  -10.236 7.085   1.00 47.00 ? 87  LEU A CA  1 
ATOM   609  C C   . LEU A 1 87 ? -2.522  -9.175  8.154   1.00 48.34 ? 87  LEU A C   1 
ATOM   610  O O   . LEU A 1 87 ? -1.717  -9.221  9.116   1.00 48.62 ? 87  LEU A O   1 
ATOM   611  C CB  . LEU A 1 87 ? -3.266  -11.430 7.605   1.00 45.99 ? 87  LEU A CB  1 
ATOM   612  C CG  . LEU A 1 87 ? -3.804  -12.399 6.580   1.00 45.16 ? 87  LEU A CG  1 
ATOM   613  C CD1 . LEU A 1 87 ? -4.026  -13.672 7.383   1.00 44.51 ? 87  LEU A CD1 1 
ATOM   614  C CD2 . LEU A 1 87 ? -5.071  -11.882 5.752   1.00 42.59 ? 87  LEU A CD2 1 
ATOM   615  N N   . PRO A 1 88 ? -3.472  -8.222  8.023   1.00 49.59 ? 88  PRO A N   1 
ATOM   616  C CA  . PRO A 1 88 ? -3.594  -7.233  9.103   1.00 50.69 ? 88  PRO A CA  1 
ATOM   617  C C   . PRO A 1 88 ? -3.818  -7.983  10.414  1.00 52.31 ? 88  PRO A C   1 
ATOM   618  O O   . PRO A 1 88 ? -4.625  -8.924  10.473  1.00 52.12 ? 88  PRO A O   1 
ATOM   619  C CB  . PRO A 1 88 ? -4.853  -6.441  8.722   1.00 50.16 ? 88  PRO A CB  1 
ATOM   620  C CG  . PRO A 1 88 ? -5.041  -6.660  7.270   1.00 49.46 ? 88  PRO A CG  1 
ATOM   621  C CD  . PRO A 1 88 ? -4.456  -8.008  6.947   1.00 49.15 ? 88  PRO A CD  1 
ATOM   622  N N   . ALA A 1 89 ? -3.098  -7.619  11.458  1.00 54.56 ? 89  ALA A N   1 
ATOM   623  C CA  . ALA A 1 89 ? -3.435  -8.207  12.741  1.00 57.78 ? 89  ALA A CA  1 
ATOM   624  C C   . ALA A 1 89 ? -4.811  -7.681  13.251  1.00 59.02 ? 89  ALA A C   1 
ATOM   625  O O   . ALA A 1 89 ? -5.230  -6.569  12.876  1.00 59.79 ? 89  ALA A O   1 
ATOM   626  C CB  . ALA A 1 89 ? -2.332  -7.982  13.722  1.00 56.59 ? 89  ALA A CB  1 
ATOM   627  N N   . VAL A 1 90 ? -5.516  -8.513  14.037  1.00 61.00 ? 90  VAL A N   1 
ATOM   628  C CA  . VAL A 1 90 ? -6.748  -8.134  14.806  1.00 62.59 ? 90  VAL A CA  1 
ATOM   629  C C   . VAL A 1 90 ? -6.611  -8.346  16.369  1.00 64.65 ? 90  VAL A C   1 
ATOM   630  O O   . VAL A 1 90 ? -6.155  -9.419  16.901  1.00 65.09 ? 90  VAL A O   1 
ATOM   631  C CB  . VAL A 1 90 ? -8.048  -8.893  14.305  1.00 63.36 ? 90  VAL A CB  1 
ATOM   632  C CG1 . VAL A 1 90 ? -9.342  -8.077  14.605  1.00 63.17 ? 90  VAL A CG1 1 
ATOM   633  C CG2 . VAL A 1 90 ? -7.936  -9.252  12.802  1.00 64.57 ? 90  VAL A CG2 1 
ATOM   634  N N   . ASN B 1 2  ? -14.002 8.970   9.313   1.00 55.50 ? 2   ASN B N   1 
ATOM   635  C CA  . ASN B 1 2  ? -12.705 9.207   8.643   1.00 56.07 ? 2   ASN B CA  1 
ATOM   636  C C   . ASN B 1 2  ? -12.094 7.978   7.844   1.00 56.72 ? 2   ASN B C   1 
ATOM   637  O O   . ASN B 1 2  ? -12.430 6.782   8.097   1.00 57.27 ? 2   ASN B O   1 
ATOM   638  C CB  . ASN B 1 2  ? -11.711 9.773   9.661   1.00 56.19 ? 2   ASN B CB  1 
ATOM   639  N N   . VAL B 1 3  ? -11.195 8.290   6.884   1.00 55.85 ? 3   VAL B N   1 
ATOM   640  C CA  . VAL B 1 3  ? -10.465 7.280   6.052   1.00 55.08 ? 3   VAL B CA  1 
ATOM   641  C C   . VAL B 1 3  ? -8.950  7.494   6.109   1.00 54.10 ? 3   VAL B C   1 
ATOM   642  O O   . VAL B 1 3  ? -8.500  8.608   6.371   1.00 54.43 ? 3   VAL B O   1 
ATOM   643  C CB  . VAL B 1 3  ? -10.994 7.241   4.531   1.00 55.71 ? 3   VAL B CB  1 
ATOM   644  C CG1 . VAL B 1 3  ? -12.317 8.039   4.382   1.00 55.91 ? 3   VAL B CG1 1 
ATOM   645  C CG2 . VAL B 1 3  ? -9.960  7.703   3.469   1.00 53.81 ? 3   VAL B CG2 1 
ATOM   646  N N   . THR B 1 4  ? -8.169  6.444   5.872   1.00 53.08 ? 4   THR B N   1 
ATOM   647  C CA  . THR B 1 4  ? -6.694  6.531   5.918   1.00 52.60 ? 4   THR B CA  1 
ATOM   648  C C   . THR B 1 4  ? -6.136  6.646   4.539   1.00 51.28 ? 4   THR B C   1 
ATOM   649  O O   . THR B 1 4  ? -6.614  5.996   3.634   1.00 51.81 ? 4   THR B O   1 
ATOM   650  C CB  . THR B 1 4  ? -6.073  5.233   6.445   1.00 53.13 ? 4   THR B CB  1 
ATOM   651  O OG1 . THR B 1 4  ? -6.869  4.734   7.519   1.00 55.84 ? 4   THR B OG1 1 
ATOM   652  C CG2 . THR B 1 4  ? -4.634  5.455   6.945   1.00 53.87 ? 4   THR B CG2 1 
ATOM   653  N N   . VAL B 1 5  ? -5.093  7.437   4.371   1.00 49.95 ? 5   VAL B N   1 
ATOM   654  C CA  . VAL B 1 5  ? -4.575  7.638   3.047   1.00 48.05 ? 5   VAL B CA  1 
ATOM   655  C C   . VAL B 1 5  ? -3.129  7.336   3.128   1.00 47.84 ? 5   VAL B C   1 
ATOM   656  O O   . VAL B 1 5  ? -2.415  7.985   3.886   1.00 47.94 ? 5   VAL B O   1 
ATOM   657  C CB  . VAL B 1 5  ? -4.762  9.080   2.541   1.00 47.63 ? 5   VAL B CB  1 
ATOM   658  C CG1 . VAL B 1 5  ? -4.312  9.156   1.147   1.00 44.47 ? 5   VAL B CG1 1 
ATOM   659  C CG2 . VAL B 1 5  ? -6.212  9.513   2.626   1.00 46.37 ? 5   VAL B CG2 1 
ATOM   660  N N   . SER B 1 6  ? -2.705  6.344   2.350   1.00 47.23 ? 6   SER B N   1 
ATOM   661  C CA  . SER B 1 6  ? -1.296  6.019   2.191   1.00 46.96 ? 6   SER B CA  1 
ATOM   662  C C   . SER B 1 6  ? -0.713  6.936   1.127   1.00 47.48 ? 6   SER B C   1 
ATOM   663  O O   . SER B 1 6  ? -1.234  7.023   0.011   1.00 47.74 ? 6   SER B O   1 
ATOM   664  C CB  . SER B 1 6  ? -1.126  4.541   1.834   1.00 46.65 ? 6   SER B CB  1 
ATOM   665  O OG  . SER B 1 6  ? 0.003   4.295   1.006   1.00 45.70 ? 6   SER B OG  1 
ATOM   666  N N   . ILE B 1 7  ? 0.370   7.616   1.501   1.00 47.85 ? 7   ILE B N   1 
ATOM   667  C CA  . ILE B 1 7  ? 1.035   8.659   0.702   1.00 47.50 ? 7   ILE B CA  1 
ATOM   668  C C   . ILE B 1 7  ? 2.361   8.132   0.215   1.00 47.19 ? 7   ILE B C   1 
ATOM   669  O O   . ILE B 1 7  ? 3.135   7.644   1.038   1.00 47.79 ? 7   ILE B O   1 
ATOM   670  C CB  . ILE B 1 7  ? 1.321   9.903   1.606   1.00 47.74 ? 7   ILE B CB  1 
ATOM   671  C CG1 . ILE B 1 7  ? 0.011   10.419  2.237   1.00 48.85 ? 7   ILE B CG1 1 
ATOM   672  C CG2 . ILE B 1 7  ? 2.119   11.005  0.865   1.00 47.25 ? 7   ILE B CG2 1 
ATOM   673  C CD1 . ILE B 1 7  ? -1.184  10.642  1.244   1.00 47.46 ? 7   ILE B CD1 1 
ATOM   674  N N   . PRO B 1 8  ? 2.646   8.214   -1.099  1.00 46.84 ? 8   PRO B N   1 
ATOM   675  C CA  . PRO B 1 8  ? 3.885   7.590   -1.555  1.00 46.78 ? 8   PRO B CA  1 
ATOM   676  C C   . PRO B 1 8  ? 5.088   8.499   -1.266  1.00 47.23 ? 8   PRO B C   1 
ATOM   677  O O   . PRO B 1 8  ? 4.896   9.697   -0.997  1.00 46.98 ? 8   PRO B O   1 
ATOM   678  C CB  . PRO B 1 8  ? 3.632   7.381   -3.038  1.00 46.74 ? 8   PRO B CB  1 
ATOM   679  C CG  . PRO B 1 8  ? 2.711   8.523   -3.423  1.00 46.69 ? 8   PRO B CG  1 
ATOM   680  C CD  . PRO B 1 8  ? 1.902   8.846   -2.203  1.00 46.86 ? 8   PRO B CD  1 
ATOM   681  N N   . THR B 1 9  ? 6.308   7.948   -1.271  1.00 48.01 ? 9   THR B N   1 
ATOM   682  C CA  . THR B 1 9  ? 7.486   8.731   -0.818  1.00 48.83 ? 9   THR B CA  1 
ATOM   683  C C   . THR B 1 9  ? 7.519   10.136  -1.472  1.00 49.46 ? 9   THR B C   1 
ATOM   684  O O   . THR B 1 9  ? 7.510   11.161  -0.781  1.00 50.06 ? 9   THR B O   1 
ATOM   685  C CB  . THR B 1 9  ? 8.843   7.991   -0.979  1.00 48.41 ? 9   THR B CB  1 
ATOM   686  O OG1 . THR B 1 9  ? 8.995   7.594   -2.323  1.00 49.06 ? 9   THR B OG1 1 
ATOM   687  C CG2 . THR B 1 9  ? 8.910   6.732   -0.135  1.00 48.42 ? 9   THR B CG2 1 
ATOM   688  N N   . ILE B 1 10 ? 7.466   10.187  -2.796  1.00 50.09 ? 10  ILE B N   1 
ATOM   689  C CA  . ILE B 1 10 ? 7.421   11.472  -3.520  1.00 50.54 ? 10  ILE B CA  1 
ATOM   690  C C   . ILE B 1 10 ? 6.473   12.579  -2.968  1.00 50.00 ? 10  ILE B C   1 
ATOM   691  O O   . ILE B 1 10 ? 6.865   13.736  -2.914  1.00 49.89 ? 10  ILE B O   1 
ATOM   692  C CB  . ILE B 1 10 ? 7.297   11.280  -5.082  1.00 50.43 ? 10  ILE B CB  1 
ATOM   693  C CG1 . ILE B 1 10 ? 7.806   12.542  -5.782  1.00 51.54 ? 10  ILE B CG1 1 
ATOM   694  C CG2 . ILE B 1 10 ? 5.873   10.894  -5.517  1.00 49.90 ? 10  ILE B CG2 1 
ATOM   695  C CD1 . ILE B 1 10 ? 8.116   12.397  -7.252  1.00 52.02 ? 10  ILE B CD1 1 
ATOM   696  N N   . LEU B 1 11 ? 5.273   12.219  -2.501  1.00 49.51 ? 11  LEU B N   1 
ATOM   697  C CA  . LEU B 1 11 ? 4.332   13.213  -1.945  1.00 48.57 ? 11  LEU B CA  1 
ATOM   698  C C   . LEU B 1 11 ? 4.404   13.499  -0.465  1.00 48.66 ? 11  LEU B C   1 
ATOM   699  O O   . LEU B 1 11 ? 3.672   14.365  0.000   1.00 49.10 ? 11  LEU B O   1 
ATOM   700  C CB  . LEU B 1 11 ? 2.890   12.865  -2.283  1.00 48.16 ? 11  LEU B CB  1 
ATOM   701  C CG  . LEU B 1 11 ? 2.650   12.860  -3.790  1.00 47.70 ? 11  LEU B CG  1 
ATOM   702  C CD1 . LEU B 1 11 ? 1.205   12.554  -4.075  1.00 46.14 ? 11  LEU B CD1 1 
ATOM   703  C CD2 . LEU B 1 11 ? 3.089   14.170  -4.433  1.00 44.57 ? 11  LEU B CD2 1 
ATOM   704  N N   . ARG B 1 12 ? 5.272   12.813  0.284   1.00 48.50 ? 12  ARG B N   1 
ATOM   705  C CA  . ARG B 1 12 ? 5.366   13.045  1.731   1.00 47.84 ? 12  ARG B CA  1 
ATOM   706  C C   . ARG B 1 12 ? 5.828   14.433  2.160   1.00 47.53 ? 12  ARG B C   1 
ATOM   707  O O   . ARG B 1 12 ? 5.611   14.836  3.319   1.00 47.60 ? 12  ARG B O   1 
ATOM   708  C CB  . ARG B 1 12 ? 6.226   11.992  2.381   1.00 47.86 ? 12  ARG B CB  1 
ATOM   709  C CG  . ARG B 1 12 ? 5.449   10.709  2.523   1.00 49.16 ? 12  ARG B CG  1 
ATOM   710  C CD  . ARG B 1 12 ? 6.355   9.534   2.339   1.00 50.30 ? 12  ARG B CD  1 
ATOM   711  N NE  . ARG B 1 12 ? 5.612   8.285   2.280   1.00 50.08 ? 12  ARG B NE  1 
ATOM   712  C CZ  . ARG B 1 12 ? 6.183   7.082   2.267   1.00 52.28 ? 12  ARG B CZ  1 
ATOM   713  N NH1 . ARG B 1 12 ? 7.497   6.956   2.314   1.00 52.28 ? 12  ARG B NH1 1 
ATOM   714  N NH2 . ARG B 1 12 ? 5.440   6.000   2.217   1.00 53.58 ? 12  ARG B NH2 1 
ATOM   715  N N   . PRO B 1 13 ? 6.477   15.187  1.252   1.00 47.28 ? 13  PRO B N   1 
ATOM   716  C CA  . PRO B 1 13 ? 6.732   16.555  1.695   1.00 46.80 ? 13  PRO B CA  1 
ATOM   717  C C   . PRO B 1 13 ? 5.390   17.253  2.028   1.00 46.83 ? 13  PRO B C   1 
ATOM   718  O O   . PRO B 1 13 ? 5.261   17.950  3.043   1.00 46.83 ? 13  PRO B O   1 
ATOM   719  C CB  . PRO B 1 13 ? 7.438   17.193  0.483   1.00 46.45 ? 13  PRO B CB  1 
ATOM   720  C CG  . PRO B 1 13 ? 8.024   16.076  -0.265  1.00 46.43 ? 13  PRO B CG  1 
ATOM   721  C CD  . PRO B 1 13 ? 7.064   14.922  -0.080  1.00 47.48 ? 13  PRO B CD  1 
ATOM   722  N N   . HIS B 1 14 ? 4.376   17.020  1.213   1.00 45.69 ? 14  HIS B N   1 
ATOM   723  C CA  . HIS B 1 14 ? 3.177   17.767  1.413   1.00 45.41 ? 14  HIS B CA  1 
ATOM   724  C C   . HIS B 1 14 ? 2.595   17.424  2.745   1.00 45.33 ? 14  HIS B C   1 
ATOM   725  O O   . HIS B 1 14 ? 1.825   18.233  3.279   1.00 45.05 ? 14  HIS B O   1 
ATOM   726  C CB  . HIS B 1 14 ? 2.192   17.553  0.272   1.00 45.20 ? 14  HIS B CB  1 
ATOM   727  C CG  . HIS B 1 14 ? 2.761   17.926  -1.063  1.00 46.68 ? 14  HIS B CG  1 
ATOM   728  N ND1 . HIS B 1 14 ? 2.557   19.166  -1.640  1.00 45.97 ? 14  HIS B ND1 1 
ATOM   729  C CD2 . HIS B 1 14 ? 3.579   17.245  -1.905  1.00 45.23 ? 14  HIS B CD2 1 
ATOM   730  C CE1 . HIS B 1 14 ? 3.184   19.212  -2.802  1.00 44.79 ? 14  HIS B CE1 1 
ATOM   731  N NE2 . HIS B 1 14 ? 3.815   18.064  -2.983  1.00 46.98 ? 14  HIS B NE2 1 
ATOM   732  N N   . THR B 1 15 ? 2.985   16.261  3.296   1.00 45.15 ? 15  THR B N   1 
ATOM   733  C CA  . THR B 1 15 ? 2.425   15.748  4.553   1.00 44.77 ? 15  THR B CA  1 
ATOM   734  C C   . THR B 1 15 ? 3.416   15.762  5.740   1.00 45.72 ? 15  THR B C   1 
ATOM   735  O O   . THR B 1 15 ? 3.263   14.990  6.710   1.00 46.22 ? 15  THR B O   1 
ATOM   736  C CB  . THR B 1 15 ? 1.813   14.329  4.397   1.00 44.50 ? 15  THR B CB  1 
ATOM   737  O OG1 . THR B 1 15 ? 2.827   13.374  3.996   1.00 45.52 ? 15  THR B OG1 1 
ATOM   738  C CG2 . THR B 1 15 ? 0.659   14.329  3.414   1.00 42.51 ? 15  THR B CG2 1 
ATOM   739  N N   . GLY B 1 16 ? 4.418   16.642  5.675   1.00 45.89 ? 16  GLY B N   1 
ATOM   740  C CA  . GLY B 1 16 ? 5.442   16.741  6.738   1.00 46.43 ? 16  GLY B CA  1 
ATOM   741  C C   . GLY B 1 16 ? 6.174   15.407  6.870   1.00 47.52 ? 16  GLY B C   1 
ATOM   742  O O   . GLY B 1 16 ? 6.482   14.961  7.974   1.00 47.21 ? 16  GLY B O   1 
ATOM   743  N N   . GLY B 1 17 ? 6.412   14.744  5.732   1.00 48.25 ? 17  GLY B N   1 
ATOM   744  C CA  . GLY B 1 17 ? 6.948   13.368  5.703   1.00 48.12 ? 17  GLY B CA  1 
ATOM   745  C C   . GLY B 1 17 ? 6.093   12.250  6.331   1.00 48.53 ? 17  GLY B C   1 
ATOM   746  O O   . GLY B 1 17 ? 6.592   11.156  6.584   1.00 47.67 ? 17  GLY B O   1 
ATOM   747  N N   . GLN B 1 18 ? 4.813   12.498  6.611   1.00 49.06 ? 18  GLN B N   1 
ATOM   748  C CA  . GLN B 1 18 ? 3.948   11.380  7.050   1.00 49.47 ? 18  GLN B CA  1 
ATOM   749  C C   . GLN B 1 18 ? 3.628   10.448  5.900   1.00 49.25 ? 18  GLN B C   1 
ATOM   750  O O   . GLN B 1 18 ? 3.263   10.916  4.799   1.00 49.71 ? 18  GLN B O   1 
ATOM   751  C CB  . GLN B 1 18 ? 2.664   11.903  7.680   1.00 49.25 ? 18  GLN B CB  1 
ATOM   752  C CG  . GLN B 1 18 ? 2.929   12.492  9.030   1.00 50.62 ? 18  GLN B CG  1 
ATOM   753  C CD  . GLN B 1 18 ? 1.786   13.304  9.479   1.00 53.27 ? 18  GLN B CD  1 
ATOM   754  O OE1 . GLN B 1 18 ? 1.761   14.508  9.247   1.00 55.47 ? 18  GLN B OE1 1 
ATOM   755  N NE2 . GLN B 1 18 ? 0.786   12.657  10.090  1.00 55.04 ? 18  GLN B NE2 1 
ATOM   756  N N   . LYS B 1 19 ? 3.761   9.150   6.152   1.00 49.32 ? 19  LYS B N   1 
ATOM   757  C CA  . LYS B 1 19 ? 3.512   8.126   5.133   1.00 50.25 ? 19  LYS B CA  1 
ATOM   758  C C   . LYS B 1 19 ? 2.029   7.820   4.974   1.00 49.62 ? 19  LYS B C   1 
ATOM   759  O O   . LYS B 1 19 ? 1.559   7.241   3.954   1.00 49.24 ? 19  LYS B O   1 
ATOM   760  C CB  . LYS B 1 19 ? 4.317   6.849   5.431   1.00 50.87 ? 19  LYS B CB  1 
ATOM   761  C CG  . LYS B 1 19 ? 4.183   6.303   6.855   1.00 55.63 ? 19  LYS B CG  1 
ATOM   762  C CD  . LYS B 1 19 ? 5.511   5.662   7.345   1.00 61.77 ? 19  LYS B CD  1 
ATOM   763  C CE  . LYS B 1 19 ? 5.893   4.496   6.411   1.00 65.38 ? 19  LYS B CE  1 
ATOM   764  N NZ  . LYS B 1 19 ? 7.282   4.662   5.829   1.00 67.06 ? 19  LYS B NZ  1 
ATOM   765  N N   . SER B 1 20 ? 1.303   8.232   6.003   1.00 49.49 ? 20  SER B N   1 
ATOM   766  C CA  . SER B 1 20 ? -0.092  7.908   6.152   1.00 50.14 ? 20  SER B CA  1 
ATOM   767  C C   . SER B 1 20 ? -0.784  9.055   6.841   1.00 49.90 ? 20  SER B C   1 
ATOM   768  O O   . SER B 1 20 ? -0.296  9.518   7.877   1.00 51.07 ? 20  SER B O   1 
ATOM   769  C CB  . SER B 1 20 ? -0.256  6.653   7.016   1.00 50.29 ? 20  SER B CB  1 
ATOM   770  O OG  . SER B 1 20 ? -1.543  6.069   6.796   1.00 53.28 ? 20  SER B OG  1 
ATOM   771  N N   . VAL B 1 21 ? -1.918  9.504   6.304   1.00 49.04 ? 21  VAL B N   1 
ATOM   772  C CA  . VAL B 1 21 ? -2.673  10.557  6.945   1.00 47.96 ? 21  VAL B CA  1 
ATOM   773  C C   . VAL B 1 21 ? -4.126  10.221  6.826   1.00 49.22 ? 21  VAL B C   1 
ATOM   774  O O   . VAL B 1 21 ? -4.528  9.464   5.914   1.00 50.13 ? 21  VAL B O   1 
ATOM   775  C CB  . VAL B 1 21 ? -2.471  11.911  6.275   1.00 47.25 ? 21  VAL B CB  1 
ATOM   776  C CG1 . VAL B 1 21 ? -1.044  12.419  6.485   1.00 45.95 ? 21  VAL B CG1 1 
ATOM   777  C CG2 . VAL B 1 21 ? -2.880  11.846  4.814   1.00 45.24 ? 21  VAL B CG2 1 
ATOM   778  N N   . SER B 1 22 ? -4.904  10.811  7.737   1.00 49.62 ? 22  SER B N   1 
ATOM   779  C CA  . SER B 1 22 ? -6.359  10.712  7.816   1.00 50.05 ? 22  SER B CA  1 
ATOM   780  C C   . SER B 1 22 ? -7.062  11.702  6.849   1.00 50.59 ? 22  SER B C   1 
ATOM   781  O O   . SER B 1 22 ? -6.604  12.818  6.692   1.00 50.68 ? 22  SER B O   1 
ATOM   782  C CB  . SER B 1 22 ? -6.740  11.074  9.248   1.00 49.69 ? 22  SER B CB  1 
ATOM   783  O OG  . SER B 1 22 ? -8.022  10.616  9.540   1.00 50.94 ? 22  SER B OG  1 
ATOM   784  N N   . ALA B 1 23 ? -8.165  11.319  6.200   1.00 51.16 ? 23  ALA B N   1 
ATOM   785  C CA  . ALA B 1 23 ? -9.009  12.325  5.506   1.00 51.75 ? 23  ALA B CA  1 
ATOM   786  C C   . ALA B 1 23 ? -10.510 12.011  5.594   1.00 52.44 ? 23  ALA B C   1 
ATOM   787  O O   . ALA B 1 23 ? -10.921 11.116  6.362   1.00 53.39 ? 23  ALA B O   1 
ATOM   788  C CB  . ALA B 1 23 ? -8.583  12.508  4.040   1.00 51.41 ? 23  ALA B CB  1 
ATOM   789  N N   . SER B 1 24 ? -11.322 12.732  4.805   1.00 52.39 ? 24  SER B N   1 
ATOM   790  C CA  . SER B 1 24 ? -12.759 12.425  4.677   1.00 52.44 ? 24  SER B CA  1 
ATOM   791  C C   . SER B 1 24 ? -13.424 13.018  3.431   1.00 52.39 ? 24  SER B C   1 
ATOM   792  O O   . SER B 1 24 ? -13.024 14.094  2.923   1.00 52.11 ? 24  SER B O   1 
ATOM   793  C CB  . SER B 1 24 ? -13.535 12.863  5.947   1.00 53.13 ? 24  SER B CB  1 
ATOM   794  O OG  . SER B 1 24 ? -13.183 14.191  6.351   1.00 52.90 ? 24  SER B OG  1 
ATOM   795  N N   . GLY B 1 25 ? -14.459 12.316  2.960   1.00 51.89 ? 25  GLY B N   1 
ATOM   796  C CA  . GLY B 1 25 ? -15.264 12.778  1.828   1.00 51.27 ? 25  GLY B CA  1 
ATOM   797  C C   . GLY B 1 25 ? -16.127 11.638  1.361   1.00 51.06 ? 25  GLY B C   1 
ATOM   798  O O   . GLY B 1 25 ? -15.853 10.473  1.658   1.00 51.66 ? 25  GLY B O   1 
ATOM   799  N N   . ASP B 1 26 ? -17.178 11.940  0.624   1.00 50.53 ? 26  ASP B N   1 
ATOM   800  C CA  . ASP B 1 26 ? -18.010 10.862  0.138   1.00 50.11 ? 26  ASP B CA  1 
ATOM   801  C C   . ASP B 1 26 ? -17.411 10.286  -1.165  1.00 50.01 ? 26  ASP B C   1 
ATOM   802  O O   . ASP B 1 26 ? -17.690 9.109   -1.527  1.00 50.87 ? 26  ASP B O   1 
ATOM   803  C CB  . ASP B 1 26 ? -19.481 11.309  -0.010  1.00 50.16 ? 26  ASP B CB  1 
ATOM   804  C CG  . ASP B 1 26 ? -20.114 11.812  1.329   1.00 51.23 ? 26  ASP B CG  1 
ATOM   805  O OD1 . ASP B 1 26 ? -21.015 12.705  1.297   1.00 52.46 ? 26  ASP B OD1 1 
ATOM   806  O OD2 . ASP B 1 26 ? -19.721 11.314  2.409   1.00 50.02 ? 26  ASP B OD2 1 
ATOM   807  N N   . THR B 1 27 ? -16.588 11.087  -1.855  1.00 48.51 ? 27  THR B N   1 
ATOM   808  C CA  . THR B 1 27 ? -15.978 10.634  -3.094  1.00 47.68 ? 27  THR B CA  1 
ATOM   809  C C   . THR B 1 27 ? -14.495 10.853  -3.089  1.00 47.29 ? 27  THR B C   1 
ATOM   810  O O   . THR B 1 27 ? -13.971 11.608  -2.280  1.00 46.89 ? 27  THR B O   1 
ATOM   811  C CB  . THR B 1 27 ? -16.621 11.260  -4.364  1.00 47.88 ? 27  THR B CB  1 
ATOM   812  O OG1 . THR B 1 27 ? -16.262 12.644  -4.503  1.00 47.23 ? 27  THR B OG1 1 
ATOM   813  C CG2 . THR B 1 27 ? -18.127 11.123  -4.309  1.00 47.60 ? 27  THR B CG2 1 
ATOM   814  N N   . LEU B 1 28 ? -13.804 10.162  -3.985  1.00 47.07 ? 28  LEU B N   1 
ATOM   815  C CA  . LEU B 1 28 ? -12.382 10.401  -4.154  1.00 46.94 ? 28  LEU B CA  1 
ATOM   816  C C   . LEU B 1 28 ? -12.091 11.902  -4.361  1.00 47.96 ? 28  LEU B C   1 
ATOM   817  O O   . LEU B 1 28 ? -11.110 12.428  -3.816  1.00 48.39 ? 28  LEU B O   1 
ATOM   818  C CB  . LEU B 1 28 ? -11.830 9.587   -5.320  1.00 46.82 ? 28  LEU B CB  1 
ATOM   819  C CG  . LEU B 1 28 ? -10.325 9.718   -5.627  1.00 46.81 ? 28  LEU B CG  1 
ATOM   820  C CD1 . LEU B 1 28 ? -9.450  9.557   -4.344  1.00 44.34 ? 28  LEU B CD1 1 
ATOM   821  C CD2 . LEU B 1 28 ? -9.910  8.739   -6.744  1.00 45.32 ? 28  LEU B CD2 1 
ATOM   822  N N   . GLY B 1 29 ? -12.926 12.573  -5.165  1.00 48.06 ? 29  GLY B N   1 
ATOM   823  C CA  . GLY B 1 29 ? -12.824 14.011  -5.363  1.00 48.11 ? 29  GLY B CA  1 
ATOM   824  C C   . GLY B 1 29 ? -12.801 14.750  -4.037  1.00 48.11 ? 29  GLY B C   1 
ATOM   825  O O   . GLY B 1 29 ? -11.961 15.600  -3.794  1.00 48.30 ? 29  GLY B O   1 
ATOM   826  N N   . ALA B 1 30 ? -13.735 14.405  -3.167  1.00 48.40 ? 30  ALA B N   1 
ATOM   827  C CA  . ALA B 1 30 ? -13.939 15.132  -1.910  1.00 48.76 ? 30  ALA B CA  1 
ATOM   828  C C   . ALA B 1 30 ? -12.781 14.929  -0.915  1.00 48.38 ? 30  ALA B C   1 
ATOM   829  O O   . ALA B 1 30 ? -12.453 15.831  -0.130  1.00 49.11 ? 30  ALA B O   1 
ATOM   830  C CB  . ALA B 1 30 ? -15.311 14.740  -1.271  1.00 48.67 ? 30  ALA B CB  1 
ATOM   831  N N   . VAL B 1 31 ? -12.194 13.734  -0.968  1.00 47.68 ? 31  VAL B N   1 
ATOM   832  C CA  . VAL B 1 31 ? -11.042 13.342  -0.165  1.00 46.68 ? 31  VAL B CA  1 
ATOM   833  C C   . VAL B 1 31 ? -9.813  14.105  -0.643  1.00 46.45 ? 31  VAL B C   1 
ATOM   834  O O   . VAL B 1 31 ? -9.059  14.695  0.153   1.00 45.76 ? 31  VAL B O   1 
ATOM   835  C CB  . VAL B 1 31 ? -10.858 11.816  -0.231  1.00 46.42 ? 31  VAL B CB  1 
ATOM   836  C CG1 . VAL B 1 31 ? -9.515  11.399  0.316   1.00 45.49 ? 31  VAL B CG1 1 
ATOM   837  C CG2 . VAL B 1 31 ? -11.997 11.142  0.544   1.00 46.00 ? 31  VAL B CG2 1 
ATOM   838  N N   . ILE B 1 32 ? -9.647  14.134  -1.962  1.00 46.23 ? 32  ILE B N   1 
ATOM   839  C CA  . ILE B 1 32 ? -8.584  14.917  -2.557  1.00 45.44 ? 32  ILE B CA  1 
ATOM   840  C C   . ILE B 1 32 ? -8.618  16.370  -2.123  1.00 45.83 ? 32  ILE B C   1 
ATOM   841  O O   . ILE B 1 32 ? -7.628  16.866  -1.577  1.00 46.08 ? 32  ILE B O   1 
ATOM   842  C CB  . ILE B 1 32 ? -8.511  14.779  -4.067  1.00 45.46 ? 32  ILE B CB  1 
ATOM   843  C CG1 . ILE B 1 32 ? -8.076  13.337  -4.431  1.00 45.55 ? 32  ILE B CG1 1 
ATOM   844  C CG2 . ILE B 1 32 ? -7.545  15.867  -4.622  1.00 45.69 ? 32  ILE B CG2 1 
ATOM   845  C CD1 . ILE B 1 32 ? -7.831  13.057  -5.919  1.00 43.94 ? 32  ILE B CD1 1 
ATOM   846  N N   . SER B 1 33 ? -9.743  17.058  -2.301  1.00 46.34 ? 33  SER B N   1 
ATOM   847  C CA  . SER B 1 33 ? -9.772  18.455  -1.860  1.00 46.97 ? 33  SER B CA  1 
ATOM   848  C C   . SER B 1 33 ? -9.679  18.583  -0.321  1.00 47.22 ? 33  SER B C   1 
ATOM   849  O O   . SER B 1 33 ? -9.185  19.570  0.177   1.00 47.66 ? 33  SER B O   1 
ATOM   850  C CB  . SER B 1 33 ? -10.936 19.243  -2.458  1.00 47.01 ? 33  SER B CB  1 
ATOM   851  O OG  . SER B 1 33 ? -12.073 19.109  -1.657  1.00 47.28 ? 33  SER B OG  1 
ATOM   852  N N   . ASP B 1 34 ? -10.082 17.568  0.429   1.00 47.24 ? 34  ASP B N   1 
ATOM   853  C CA  . ASP B 1 34 ? -9.826  17.588  1.849   1.00 47.39 ? 34  ASP B CA  1 
ATOM   854  C C   . ASP B 1 34 ? -8.327  17.519  2.229   1.00 47.70 ? 34  ASP B C   1 
ATOM   855  O O   . ASP B 1 34 ? -7.880  18.277  3.066   1.00 48.44 ? 34  ASP B O   1 
ATOM   856  C CB  . ASP B 1 34 ? -10.572 16.455  2.515   1.00 47.58 ? 34  ASP B CB  1 
ATOM   857  C CG  . ASP B 1 34 ? -10.535 16.558  4.026   1.00 48.16 ? 34  ASP B CG  1 
ATOM   858  O OD1 . ASP B 1 34 ? -10.876 17.642  4.529   1.00 51.07 ? 34  ASP B OD1 1 
ATOM   859  O OD2 . ASP B 1 34 ? -10.178 15.576  4.713   1.00 47.89 ? 34  ASP B OD2 1 
ATOM   860  N N   . LEU B 1 35 ? -7.564  16.607  1.626   1.00 46.94 ? 35  LEU B N   1 
ATOM   861  C CA  . LEU B 1 35 ? -6.142  16.500  1.866   1.00 46.23 ? 35  LEU B CA  1 
ATOM   862  C C   . LEU B 1 35 ? -5.463  17.819  1.516   1.00 47.36 ? 35  LEU B C   1 
ATOM   863  O O   . LEU B 1 35 ? -4.467  18.213  2.145   1.00 47.19 ? 35  LEU B O   1 
ATOM   864  C CB  . LEU B 1 35 ? -5.548  15.397  0.986   1.00 45.63 ? 35  LEU B CB  1 
ATOM   865  C CG  . LEU B 1 35 ? -5.940  13.920  1.222   1.00 44.07 ? 35  LEU B CG  1 
ATOM   866  C CD1 . LEU B 1 35 ? -5.481  13.029  0.092   1.00 40.38 ? 35  LEU B CD1 1 
ATOM   867  C CD2 . LEU B 1 35 ? -5.424  13.402  2.561   1.00 40.13 ? 35  LEU B CD2 1 
ATOM   868  N N   . GLU B 1 36 ? -5.990  18.487  0.484   1.00 47.97 ? 36  GLU B N   1 
ATOM   869  C CA  . GLU B 1 36 ? -5.421  19.738  -0.025  1.00 48.04 ? 36  GLU B CA  1 
ATOM   870  C C   . GLU B 1 36 ? -5.558  20.775  1.061   1.00 48.39 ? 36  GLU B C   1 
ATOM   871  O O   . GLU B 1 36 ? -4.613  21.519  1.351   1.00 48.49 ? 36  GLU B O   1 
ATOM   872  C CB  . GLU B 1 36 ? -6.177  20.191  -1.272  1.00 47.83 ? 36  GLU B CB  1 
ATOM   873  C CG  . GLU B 1 36 ? -5.633  21.424  -1.920  1.00 48.41 ? 36  GLU B CG  1 
ATOM   874  C CD  . GLU B 1 36 ? -4.140  21.358  -2.235  1.00 52.66 ? 36  GLU B CD  1 
ATOM   875  O OE1 . GLU B 1 36 ? -3.648  20.376  -2.811  1.00 55.21 ? 36  GLU B OE1 1 
ATOM   876  O OE2 . GLU B 1 36 ? -3.432  22.319  -1.921  1.00 54.85 ? 36  GLU B OE2 1 
ATOM   877  N N   . ALA B 1 37 ? -6.757  20.802  1.651   1.00 48.24 ? 37  ALA B N   1 
ATOM   878  C CA  . ALA B 1 37 ? -7.101  21.666  2.754   1.00 47.95 ? 37  ALA B CA  1 
ATOM   879  C C   . ALA B 1 37 ? -6.028  21.512  3.820   1.00 48.61 ? 37  ALA B C   1 
ATOM   880  O O   . ALA B 1 37 ? -5.475  22.508  4.251   1.00 49.20 ? 37  ALA B O   1 
ATOM   881  C CB  . ALA B 1 37 ? -8.507  21.338  3.311   1.00 47.43 ? 37  ALA B CB  1 
ATOM   882  N N   . ASN B 1 38 ? -5.689  20.283  4.208   1.00 48.60 ? 38  ASN B N   1 
ATOM   883  C CA  . ASN B 1 38 ? -4.700  20.064  5.278   1.00 48.81 ? 38  ASN B CA  1 
ATOM   884  C C   . ASN B 1 38 ? -3.217  19.989  4.867   1.00 48.86 ? 38  ASN B C   1 
ATOM   885  O O   . ASN B 1 38 ? -2.342  20.069  5.730   1.00 49.14 ? 38  ASN B O   1 
ATOM   886  C CB  . ASN B 1 38 ? -5.054  18.801  6.044   1.00 49.06 ? 38  ASN B CB  1 
ATOM   887  C CG  . ASN B 1 38 ? -6.256  18.992  6.960   1.00 51.58 ? 38  ASN B CG  1 
ATOM   888  O OD1 . ASN B 1 38 ? -6.671  20.116  7.240   1.00 55.40 ? 38  ASN B OD1 1 
ATOM   889  N ND2 . ASN B 1 38 ? -6.821  17.889  7.432   1.00 50.94 ? 38  ASN B ND2 1 
ATOM   890  N N   . TYR B 1 39 ? -2.938  19.838  3.561   1.00 48.43 ? 39  TYR B N   1 
ATOM   891  C CA  . TYR B 1 39 ? -1.621  19.443  3.045   1.00 46.90 ? 39  TYR B CA  1 
ATOM   892  C C   . TYR B 1 39 ? -1.455  20.045  1.690   1.00 46.68 ? 39  TYR B C   1 
ATOM   893  O O   . TYR B 1 39 ? -1.510  19.387  0.645   1.00 45.96 ? 39  TYR B O   1 
ATOM   894  C CB  . TYR B 1 39 ? -1.511  17.930  2.950   1.00 47.35 ? 39  TYR B CB  1 
ATOM   895  C CG  . TYR B 1 39 ? -1.770  17.216  4.264   1.00 47.57 ? 39  TYR B CG  1 
ATOM   896  C CD1 . TYR B 1 39 ? -2.823  16.313  4.392   1.00 47.84 ? 39  TYR B CD1 1 
ATOM   897  C CD2 . TYR B 1 39 ? -0.958  17.441  5.383   1.00 47.15 ? 39  TYR B CD2 1 
ATOM   898  C CE1 . TYR B 1 39 ? -3.044  15.621  5.599   1.00 48.12 ? 39  TYR B CE1 1 
ATOM   899  C CE2 . TYR B 1 39 ? -1.181  16.769  6.599   1.00 47.32 ? 39  TYR B CE2 1 
ATOM   900  C CZ  . TYR B 1 39 ? -2.220  15.874  6.695   1.00 47.81 ? 39  TYR B CZ  1 
ATOM   901  O OH  . TYR B 1 39 ? -2.451  15.246  7.888   1.00 49.26 ? 39  TYR B OH  1 
ATOM   902  N N   . SER B 1 40 ? -1.253  21.344  1.751   1.00 47.24 ? 40  SER B N   1 
ATOM   903  C CA  . SER B 1 40 ? -1.272  22.242  0.624   1.00 47.60 ? 40  SER B CA  1 
ATOM   904  C C   . SER B 1 40 ? -0.293  21.760  -0.446  1.00 47.71 ? 40  SER B C   1 
ATOM   905  O O   . SER B 1 40 ? 0.868   21.416  -0.138  1.00 47.55 ? 40  SER B O   1 
ATOM   906  C CB  . SER B 1 40 ? -0.941  23.651  1.169   1.00 47.94 ? 40  SER B CB  1 
ATOM   907  O OG  . SER B 1 40 ? -0.562  24.589  0.178   1.00 48.88 ? 40  SER B OG  1 
ATOM   908  N N   . GLY B 1 41 ? -0.774  21.699  -1.690  1.00 47.57 ? 41  GLY B N   1 
ATOM   909  C CA  . GLY B 1 41 ? 0.089   21.420  -2.850  1.00 47.63 ? 41  GLY B CA  1 
ATOM   910  C C   . GLY B 1 41 ? -0.054  20.008  -3.379  1.00 48.09 ? 41  GLY B C   1 
ATOM   911  O O   . GLY B 1 41 ? 0.231   19.737  -4.556  1.00 48.46 ? 41  GLY B O   1 
ATOM   912  N N   . ILE B 1 42 ? -0.477  19.116  -2.484  1.00 47.80 ? 42  ILE B N   1 
ATOM   913  C CA  . ILE B 1 42 ? -0.682  17.721  -2.756  1.00 47.93 ? 42  ILE B CA  1 
ATOM   914  C C   . ILE B 1 42 ? -1.512  17.560  -4.079  1.00 48.32 ? 42  ILE B C   1 
ATOM   915  O O   . ILE B 1 42 ? -1.121  16.882  -5.048  1.00 47.89 ? 42  ILE B O   1 
ATOM   916  C CB  . ILE B 1 42 ? -1.384  17.125  -1.478  1.00 48.45 ? 42  ILE B CB  1 
ATOM   917  C CG1 . ILE B 1 42 ? -0.971  15.669  -1.104  1.00 49.31 ? 42  ILE B CG1 1 
ATOM   918  C CG2 . ILE B 1 42 ? -2.942  17.345  -1.472  1.00 48.87 ? 42  ILE B CG2 1 
ATOM   919  C CD1 . ILE B 1 42 ? -0.357  14.881  -2.205  1.00 50.32 ? 42  ILE B CD1 1 
ATOM   920  N N   . SER B 1 43 ? -2.623  18.274  -4.133  1.00 48.44 ? 43  SER B N   1 
ATOM   921  C CA  . SER B 1 43 ? -3.677  18.049  -5.105  1.00 48.78 ? 43  SER B CA  1 
ATOM   922  C C   . SER B 1 43 ? -3.275  18.238  -6.581  1.00 49.03 ? 43  SER B C   1 
ATOM   923  O O   . SER B 1 43 ? -3.561  17.352  -7.410  1.00 48.19 ? 43  SER B O   1 
ATOM   924  C CB  . SER B 1 43 ? -4.858  18.956  -4.737  1.00 48.60 ? 43  SER B CB  1 
ATOM   925  O OG  . SER B 1 43 ? -5.874  18.879  -5.713  1.00 49.67 ? 43  SER B OG  1 
ATOM   926  N N   . GLU B 1 44 ? -2.629  19.378  -6.901  1.00 49.32 ? 44  GLU B N   1 
ATOM   927  C CA  . GLU B 1 44 ? -2.130  19.624  -8.280  1.00 49.50 ? 44  GLU B CA  1 
ATOM   928  C C   . GLU B 1 44 ? -1.287  18.417  -8.775  1.00 49.88 ? 44  GLU B C   1 
ATOM   929  O O   . GLU B 1 44 ? -1.297  18.088  -9.962  1.00 50.14 ? 44  GLU B O   1 
ATOM   930  C CB  . GLU B 1 44 ? -1.370  21.002  -8.432  1.00 48.16 ? 44  GLU B CB  1 
ATOM   931  N N   . ARG B 1 45 ? -0.625  17.708  -7.860  1.00 49.90 ? 45  ARG B N   1 
ATOM   932  C CA  . ARG B 1 45 ? 0.284   16.636  -8.276  1.00 50.21 ? 45  ARG B CA  1 
ATOM   933  C C   . ARG B 1 45 ? -0.416  15.346  -8.719  1.00 49.87 ? 45  ARG B C   1 
ATOM   934  O O   . ARG B 1 45 ? 0.200   14.466  -9.304  1.00 50.96 ? 45  ARG B O   1 
ATOM   935  C CB  . ARG B 1 45 ? 1.309   16.374  -7.176  1.00 50.04 ? 45  ARG B CB  1 
ATOM   936  C CG  . ARG B 1 45 ? 1.829   17.660  -6.593  1.00 51.95 ? 45  ARG B CG  1 
ATOM   937  C CD  . ARG B 1 45 ? 3.275   17.584  -6.172  1.00 57.22 ? 45  ARG B CD  1 
ATOM   938  N NE  . ARG B 1 45 ? 4.083   16.588  -6.917  1.00 62.42 ? 45  ARG B NE  1 
ATOM   939  C CZ  . ARG B 1 45 ? 5.401   16.381  -6.742  1.00 63.14 ? 45  ARG B CZ  1 
ATOM   940  N NH1 . ARG B 1 45 ? 6.076   17.129  -5.840  1.00 62.18 ? 45  ARG B NH1 1 
ATOM   941  N NH2 . ARG B 1 45 ? 6.034   15.429  -7.460  1.00 59.74 ? 45  ARG B NH2 1 
ATOM   942  N N   . LEU B 1 46 ? -1.705  15.255  -8.442  1.00 49.46 ? 46  LEU B N   1 
ATOM   943  C CA  . LEU B 1 46 ? -2.493  14.046  -8.681  1.00 48.80 ? 46  LEU B CA  1 
ATOM   944  C C   . LEU B 1 46 ? -3.354  14.205  -9.934  1.00 49.66 ? 46  LEU B C   1 
ATOM   945  O O   . LEU B 1 46 ? -3.772  13.191  -10.533 1.00 50.02 ? 46  LEU B O   1 
ATOM   946  C CB  . LEU B 1 46 ? -3.450  13.782  -7.485  1.00 47.68 ? 46  LEU B CB  1 
ATOM   947  C CG  . LEU B 1 46 ? -2.994  13.611  -6.026  1.00 45.12 ? 46  LEU B CG  1 
ATOM   948  C CD1 . LEU B 1 46 ? -4.140  13.366  -5.063  1.00 40.83 ? 46  LEU B CD1 1 
ATOM   949  C CD2 . LEU B 1 46 ? -2.023  12.492  -5.909  1.00 44.30 ? 46  LEU B CD2 1 
ATOM   950  N N   . MET B 1 47 ? -3.643  15.466  -10.289 1.00 49.81 ? 47  MET B N   1 
ATOM   951  C CA  . MET B 1 47 ? -4.568  15.816  -11.376 1.00 50.79 ? 47  MET B CA  1 
ATOM   952  C C   . MET B 1 47 ? -3.884  15.968  -12.732 1.00 51.40 ? 47  MET B C   1 
ATOM   953  O O   . MET B 1 47 ? -2.714  16.305  -12.828 1.00 51.82 ? 47  MET B O   1 
ATOM   954  C CB  . MET B 1 47 ? -5.353  17.112  -11.069 1.00 50.68 ? 47  MET B CB  1 
ATOM   955  C CG  . MET B 1 47 ? -6.117  17.086  -9.780  1.00 51.17 ? 47  MET B CG  1 
ATOM   956  S SD  . MET B 1 47 ? -7.104  15.586  -9.674  1.00 54.52 ? 47  MET B SD  1 
ATOM   957  C CE  . MET B 1 47 ? -8.368  16.001  -10.890 1.00 53.85 ? 47  MET B CE  1 
ATOM   958  N N   . ASP B 1 48 ? -4.625  15.713  -13.792 1.00 52.17 ? 48  ASP B N   1 
ATOM   959  C CA  . ASP B 1 48 ? -4.085  15.975  -15.081 1.00 53.63 ? 48  ASP B CA  1 
ATOM   960  C C   . ASP B 1 48 ? -4.060  17.504  -15.280 1.00 55.25 ? 48  ASP B C   1 
ATOM   961  O O   . ASP B 1 48 ? -5.142  18.150  -15.255 1.00 55.35 ? 48  ASP B O   1 
ATOM   962  C CB  . ASP B 1 48 ? -4.914  15.298  -16.167 1.00 52.94 ? 48  ASP B CB  1 
ATOM   963  C CG  . ASP B 1 48 ? -4.262  15.396  -17.530 1.00 52.23 ? 48  ASP B CG  1 
ATOM   964  O OD1 . ASP B 1 48 ? -3.289  16.183  -17.727 1.00 52.06 ? 48  ASP B OD1 1 
ATOM   965  O OD2 . ASP B 1 48 ? -4.731  14.677  -18.417 1.00 51.51 ? 48  ASP B OD2 1 
ATOM   966  N N   . PRO B 1 49 ? -2.838  18.070  -15.528 1.00 56.30 ? 49  PRO B N   1 
ATOM   967  C CA  . PRO B 1 49 ? -2.694  19.528  -15.780 1.00 57.03 ? 49  PRO B CA  1 
ATOM   968  C C   . PRO B 1 49 ? -3.503  19.908  -17.035 1.00 57.90 ? 49  PRO B C   1 
ATOM   969  O O   . PRO B 1 49 ? -4.141  20.969  -17.050 1.00 58.09 ? 49  PRO B O   1 
ATOM   970  C CB  . PRO B 1 49 ? -1.185  19.719  -16.048 1.00 56.24 ? 49  PRO B CB  1 
ATOM   971  C CG  . PRO B 1 49 ? -0.697  18.315  -16.521 1.00 56.35 ? 49  PRO B CG  1 
ATOM   972  C CD  . PRO B 1 49 ? -1.544  17.351  -15.671 1.00 56.53 ? 49  PRO B CD  1 
ATOM   973  N N   . SER B 1 50 ? -3.485  19.046  -18.061 1.00 58.51 ? 50  SER B N   1 
ATOM   974  C CA  . SER B 1 50 ? -4.228  19.315  -19.293 1.00 59.00 ? 50  SER B CA  1 
ATOM   975  C C   . SER B 1 50 ? -5.753  19.375  -18.991 1.00 59.81 ? 50  SER B C   1 
ATOM   976  O O   . SER B 1 50 ? -6.329  20.485  -18.935 1.00 60.50 ? 50  SER B O   1 
ATOM   977  C CB  . SER B 1 50 ? -3.892  18.297  -20.372 1.00 58.75 ? 50  SER B CB  1 
ATOM   978  N N   . SER B 1 51 ? -6.404  18.232  -18.739 1.00 59.48 ? 51  SER B N   1 
ATOM   979  C CA  . SER B 1 51 ? -7.873  18.249  -18.632 1.00 59.25 ? 51  SER B CA  1 
ATOM   980  C C   . SER B 1 51 ? -8.437  18.054  -17.206 1.00 58.91 ? 51  SER B C   1 
ATOM   981  O O   . SER B 1 51 ? -8.053  17.090  -16.485 1.00 59.74 ? 51  SER B O   1 
ATOM   982  C CB  . SER B 1 51 ? -8.455  17.229  -19.593 1.00 59.19 ? 51  SER B CB  1 
ATOM   983  O OG  . SER B 1 51 ? -7.831  15.994  -19.335 1.00 60.29 ? 51  SER B OG  1 
ATOM   984  N N   . PRO B 1 52 ? -9.374  18.944  -16.804 1.00 57.97 ? 52  PRO B N   1 
ATOM   985  C CA  . PRO B 1 52 ? -9.815  19.046  -15.381 1.00 57.26 ? 52  PRO B CA  1 
ATOM   986  C C   . PRO B 1 52 ? -10.651 17.854  -14.891 1.00 56.37 ? 52  PRO B C   1 
ATOM   987  O O   . PRO B 1 52 ? -11.499 17.333  -15.622 1.00 56.33 ? 52  PRO B O   1 
ATOM   988  C CB  . PRO B 1 52 ? -10.662 20.333  -15.338 1.00 56.82 ? 52  PRO B CB  1 
ATOM   989  C CG  . PRO B 1 52 ? -10.515 20.990  -16.714 1.00 57.49 ? 52  PRO B CG  1 
ATOM   990  C CD  . PRO B 1 52 ? -10.114 19.878  -17.674 1.00 57.81 ? 52  PRO B CD  1 
ATOM   991  N N   . GLY B 1 53 ? -10.417 17.421  -13.656 1.00 55.67 ? 53  GLY B N   1 
ATOM   992  C CA  . GLY B 1 53 ? -11.292 16.415  -13.059 1.00 53.80 ? 53  GLY B CA  1 
ATOM   993  C C   . GLY B 1 53 ? -10.762 15.039  -13.361 1.00 53.44 ? 53  GLY B C   1 
ATOM   994  O O   . GLY B 1 53 ? -11.221 14.055  -12.756 1.00 53.50 ? 53  GLY B O   1 
ATOM   995  N N   . LYS B 1 54 ? -9.793  14.971  -14.289 1.00 52.23 ? 54  LYS B N   1 
ATOM   996  C CA  . LYS B 1 54 ? -9.228  13.707  -14.721 1.00 50.89 ? 54  LYS B CA  1 
ATOM   997  C C   . LYS B 1 54 ? -7.864  13.597  -14.044 1.00 50.39 ? 54  LYS B C   1 
ATOM   998  O O   . LYS B 1 54 ? -7.128  14.576  -13.946 1.00 50.00 ? 54  LYS B O   1 
ATOM   999  C CB  . LYS B 1 54 ? -9.146  13.608  -16.255 1.00 49.94 ? 54  LYS B CB  1 
ATOM   1000 N N   . LEU B 1 55 ? -7.596  12.403  -13.507 1.00 49.99 ? 55  LEU B N   1 
ATOM   1001 C CA  . LEU B 1 55 ? -6.340  12.082  -12.842 1.00 49.45 ? 55  LEU B CA  1 
ATOM   1002 C C   . LEU B 1 55 ? -5.137  12.074  -13.771 1.00 49.36 ? 55  LEU B C   1 
ATOM   1003 O O   . LEU B 1 55 ? -5.254  11.898  -14.980 1.00 49.23 ? 55  LEU B O   1 
ATOM   1004 C CB  . LEU B 1 55 ? -6.414  10.708  -12.182 1.00 49.21 ? 55  LEU B CB  1 
ATOM   1005 C CG  . LEU B 1 55 ? -7.095  10.422  -10.858 1.00 48.61 ? 55  LEU B CG  1 
ATOM   1006 C CD1 . LEU B 1 55 ? -6.877  8.946   -10.647 1.00 46.76 ? 55  LEU B CD1 1 
ATOM   1007 C CD2 . LEU B 1 55 ? -6.514  11.279  -9.725  1.00 46.10 ? 55  LEU B CD2 1 
ATOM   1008 N N   . HIS B 1 56 ? -3.977  12.237  -13.161 1.00 49.32 ? 56  HIS B N   1 
ATOM   1009 C CA  . HIS B 1 56 ? -2.763  12.333  -13.867 1.00 49.85 ? 56  HIS B CA  1 
ATOM   1010 C C   . HIS B 1 56 ? -2.380  10.980  -14.485 1.00 50.03 ? 56  HIS B C   1 
ATOM   1011 O O   . HIS B 1 56 ? -2.590  9.915   -13.870 1.00 49.54 ? 56  HIS B O   1 
ATOM   1012 C CB  . HIS B 1 56 ? -1.725  12.786  -12.884 1.00 50.77 ? 56  HIS B CB  1 
ATOM   1013 C CG  . HIS B 1 56 ? -0.459  13.183  -13.532 1.00 53.25 ? 56  HIS B CG  1 
ATOM   1014 N ND1 . HIS B 1 56 ? 0.447   12.257  -14.000 1.00 56.26 ? 56  HIS B ND1 1 
ATOM   1015 C CD2 . HIS B 1 56 ? 0.027   14.397  -13.869 1.00 54.92 ? 56  HIS B CD2 1 
ATOM   1016 C CE1 . HIS B 1 56 ? 1.467   12.887  -14.555 1.00 55.91 ? 56  HIS B CE1 1 
ATOM   1017 N NE2 . HIS B 1 56 ? 1.231   14.185  -14.501 1.00 56.25 ? 56  HIS B NE2 1 
ATOM   1018 N N   . ARG B 1 57 ? -1.839  11.023  -15.704 1.00 49.68 ? 57  ARG B N   1 
ATOM   1019 C CA  . ARG B 1 57 ? -1.533  9.804   -16.419 1.00 50.18 ? 57  ARG B CA  1 
ATOM   1020 C C   . ARG B 1 57 ? -0.599  8.844   -15.646 1.00 50.92 ? 57  ARG B C   1 
ATOM   1021 O O   . ARG B 1 57 ? -0.738  7.605   -15.762 1.00 51.07 ? 57  ARG B O   1 
ATOM   1022 C CB  . ARG B 1 57 ? -0.969  10.106  -17.798 1.00 50.00 ? 57  ARG B CB  1 
ATOM   1023 C CG  . ARG B 1 57 ? -1.999  9.946   -18.892 1.00 49.86 ? 57  ARG B CG  1 
ATOM   1024 C CD  . ARG B 1 57 ? -1.465  10.475  -20.197 1.00 50.33 ? 57  ARG B CD  1 
ATOM   1025 N NE  . ARG B 1 57 ? -0.335  9.683   -20.730 1.00 50.70 ? 57  ARG B NE  1 
ATOM   1026 C CZ  . ARG B 1 57 ? 0.356   9.982   -21.838 1.00 49.40 ? 57  ARG B CZ  1 
ATOM   1027 N NH1 . ARG B 1 57 ? 0.077   11.058  -22.539 1.00 48.05 ? 57  ARG B NH1 1 
ATOM   1028 N NH2 . ARG B 1 57 ? 1.352   9.215   -22.242 1.00 52.17 ? 57  ARG B NH2 1 
ATOM   1029 N N   . PHE B 1 58 ? 0.319   9.394   -14.847 1.00 50.79 ? 58  PHE B N   1 
ATOM   1030 C CA  . PHE B 1 58 ? 1.329   8.564   -14.176 1.00 50.84 ? 58  PHE B CA  1 
ATOM   1031 C C   . PHE B 1 58 ? 1.120   8.407   -12.700 1.00 50.87 ? 58  PHE B C   1 
ATOM   1032 O O   . PHE B 1 58 ? 2.051   8.053   -11.966 1.00 51.35 ? 58  PHE B O   1 
ATOM   1033 C CB  . PHE B 1 58 ? 2.727   9.081   -14.460 1.00 51.15 ? 58  PHE B CB  1 
ATOM   1034 C CG  . PHE B 1 58 ? 2.977   9.294   -15.925 1.00 53.32 ? 58  PHE B CG  1 
ATOM   1035 C CD1 . PHE B 1 58 ? 2.878   8.222   -16.825 1.00 54.42 ? 58  PHE B CD1 1 
ATOM   1036 C CD2 . PHE B 1 58 ? 3.289   10.569  -16.417 1.00 56.40 ? 58  PHE B CD2 1 
ATOM   1037 C CE1 . PHE B 1 58 ? 3.108   8.406   -18.185 1.00 55.95 ? 58  PHE B CE1 1 
ATOM   1038 C CE2 . PHE B 1 58 ? 3.514   10.784  -17.790 1.00 56.37 ? 58  PHE B CE2 1 
ATOM   1039 C CZ  . PHE B 1 58 ? 3.417   9.701   -18.674 1.00 56.07 ? 58  PHE B CZ  1 
ATOM   1040 N N   . VAL B 1 59 ? -0.111  8.650   -12.261 1.00 50.48 ? 59  VAL B N   1 
ATOM   1041 C CA  . VAL B 1 59 ? -0.474  8.440   -10.874 1.00 49.69 ? 59  VAL B CA  1 
ATOM   1042 C C   . VAL B 1 59 ? -1.580  7.415   -10.819 1.00 49.01 ? 59  VAL B C   1 
ATOM   1043 O O   . VAL B 1 59 ? -2.523  7.476   -11.584 1.00 48.92 ? 59  VAL B O   1 
ATOM   1044 C CB  . VAL B 1 59 ? -0.929  9.746   -10.169 1.00 50.19 ? 59  VAL B CB  1 
ATOM   1045 C CG1 . VAL B 1 59 ? -0.952  9.548   -8.653  1.00 50.67 ? 59  VAL B CG1 1 
ATOM   1046 C CG2 . VAL B 1 59 ? 0.007   10.916  -10.495 1.00 50.76 ? 59  VAL B CG2 1 
ATOM   1047 N N   . ASN B 1 60 ? -1.426  6.459   -9.911  1.00 48.75 ? 60  ASN B N   1 
ATOM   1048 C CA  . ASN B 1 60 ? -2.461  5.473   -9.581  1.00 47.95 ? 60  ASN B CA  1 
ATOM   1049 C C   . ASN B 1 60 ? -3.120  5.804   -8.262  1.00 47.14 ? 60  ASN B C   1 
ATOM   1050 O O   . ASN B 1 60 ? -2.482  6.333   -7.356  1.00 47.57 ? 60  ASN B O   1 
ATOM   1051 C CB  . ASN B 1 60 ? -1.855  4.072   -9.519  1.00 47.93 ? 60  ASN B CB  1 
ATOM   1052 C CG  . ASN B 1 60 ? -1.548  3.519   -10.913 1.00 48.76 ? 60  ASN B CG  1 
ATOM   1053 O OD1 . ASN B 1 60 ? -2.358  3.624   -11.834 1.00 46.37 ? 60  ASN B OD1 1 
ATOM   1054 N ND2 . ASN B 1 60 ? -0.359  2.958   -11.071 1.00 49.09 ? 60  ASN B ND2 1 
ATOM   1055 N N   . ILE B 1 61 ? -4.414  5.523   -8.175  1.00 46.61 ? 61  ILE B N   1 
ATOM   1056 C CA  . ILE B 1 61 ? -5.166  5.623   -6.934  1.00 45.27 ? 61  ILE B CA  1 
ATOM   1057 C C   . ILE B 1 61 ? -6.119  4.457   -6.799  1.00 45.42 ? 61  ILE B C   1 
ATOM   1058 O O   . ILE B 1 61 ? -6.904  4.216   -7.682  1.00 44.86 ? 61  ILE B O   1 
ATOM   1059 C CB  . ILE B 1 61 ? -5.963  6.871   -6.841  1.00 44.54 ? 61  ILE B CB  1 
ATOM   1060 C CG1 . ILE B 1 61 ? -5.075  8.091   -7.138  1.00 43.49 ? 61  ILE B CG1 1 
ATOM   1061 C CG2 . ILE B 1 61 ? -6.574  6.900   -5.459  1.00 45.79 ? 61  ILE B CG2 1 
ATOM   1062 C CD1 . ILE B 1 61 ? -5.557  9.417   -6.582  1.00 40.34 ? 61  ILE B CD1 1 
ATOM   1063 N N   . TYR B 1 62 ? -5.989  3.701   -5.701  1.00 46.72 ? 62  TYR B N   1 
ATOM   1064 C CA  . TYR B 1 62 ? -6.874  2.570   -5.334  1.00 46.59 ? 62  TYR B CA  1 
ATOM   1065 C C   . TYR B 1 62 ? -7.708  3.000   -4.144  1.00 46.33 ? 62  TYR B C   1 
ATOM   1066 O O   . TYR B 1 62 ? -7.197  3.626   -3.206  1.00 46.68 ? 62  TYR B O   1 
ATOM   1067 C CB  . TYR B 1 62 ? -6.058  1.316   -4.953  1.00 47.19 ? 62  TYR B CB  1 
ATOM   1068 C CG  . TYR B 1 62 ? -5.397  0.660   -6.135  1.00 48.12 ? 62  TYR B CG  1 
ATOM   1069 C CD1 . TYR B 1 62 ? -4.254  1.233   -6.730  1.00 46.70 ? 62  TYR B CD1 1 
ATOM   1070 C CD2 . TYR B 1 62 ? -5.935  -0.517  -6.699  1.00 47.97 ? 62  TYR B CD2 1 
ATOM   1071 C CE1 . TYR B 1 62 ? -3.654  0.634   -7.847  1.00 48.83 ? 62  TYR B CE1 1 
ATOM   1072 C CE2 . TYR B 1 62 ? -5.355  -1.125  -7.826  1.00 47.70 ? 62  TYR B CE2 1 
ATOM   1073 C CZ  . TYR B 1 62 ? -4.210  -0.550  -8.391  1.00 49.99 ? 62  TYR B CZ  1 
ATOM   1074 O OH  . TYR B 1 62 ? -3.604  -1.146  -9.495  1.00 51.20 ? 62  TYR B OH  1 
ATOM   1075 N N   . VAL B 1 63 ? -8.998  2.710   -4.189  1.00 46.21 ? 63  VAL B N   1 
ATOM   1076 C CA  . VAL B 1 63 ? -9.794  2.757   -2.988  1.00 45.76 ? 63  VAL B CA  1 
ATOM   1077 C C   . VAL B 1 63 ? -9.874  1.294   -2.624  1.00 46.27 ? 63  VAL B C   1 
ATOM   1078 O O   . VAL B 1 63 ? -10.249 0.456   -3.456  1.00 45.75 ? 63  VAL B O   1 
ATOM   1079 C CB  . VAL B 1 63 ? -11.172 3.393   -3.224  1.00 45.72 ? 63  VAL B CB  1 
ATOM   1080 C CG1 . VAL B 1 63 ? -12.137 3.102   -2.038  1.00 45.45 ? 63  VAL B CG1 1 
ATOM   1081 C CG2 . VAL B 1 63 ? -11.016 4.877   -3.412  1.00 44.24 ? 63  VAL B CG2 1 
ATOM   1082 N N   . ASN B 1 64 ? -9.425  0.986   -1.419  1.00 46.74 ? 64  ASN B N   1 
ATOM   1083 C CA  . ASN B 1 64 ? -9.382  -0.365  -0.965  1.00 48.14 ? 64  ASN B CA  1 
ATOM   1084 C C   . ASN B 1 64 ? -8.947  -1.439  -1.948  1.00 49.38 ? 64  ASN B C   1 
ATOM   1085 O O   . ASN B 1 64 ? -9.682  -2.405  -2.078  1.00 50.60 ? 64  ASN B O   1 
ATOM   1086 C CB  . ASN B 1 64 ? -10.806 -0.745  -0.575  1.00 47.12 ? 64  ASN B CB  1 
ATOM   1087 C CG  . ASN B 1 64 ? -11.082 -0.419  0.805   1.00 49.60 ? 64  ASN B CG  1 
ATOM   1088 O OD1 . ASN B 1 64 ? -10.157 -0.482  1.647   1.00 52.03 ? 64  ASN B OD1 1 
ATOM   1089 N ND2 . ASN B 1 64 ? -12.324 0.008   1.096   1.00 49.23 ? 64  ASN B ND2 1 
ATOM   1090 N N   . ASP B 1 65 ? -7.829  -1.383  -2.648  1.00 49.92 ? 65  ASP B N   1 
ATOM   1091 C CA  . ASP B 1 65 ? -7.638  -2.529  -3.656  1.00 51.10 ? 65  ASP B CA  1 
ATOM   1092 C C   . ASP B 1 65 ? -8.454  -2.478  -4.982  1.00 50.32 ? 65  ASP B C   1 
ATOM   1093 O O   . ASP B 1 65 ? -8.217  -3.311  -5.864  1.00 50.68 ? 65  ASP B O   1 
ATOM   1094 C CB  . ASP B 1 65 ? -7.659  -4.010  -3.041  1.00 50.91 ? 65  ASP B CB  1 
ATOM   1095 C CG  . ASP B 1 65 ? -9.032  -4.819  -3.245  1.00 54.09 ? 65  ASP B CG  1 
ATOM   1096 O OD1 . ASP B 1 65 ? -10.079 -4.272  -3.627  1.00 56.99 ? 65  ASP B OD1 1 
ATOM   1097 O OD2 . ASP B 1 65 ? -9.096  -6.050  -2.973  1.00 55.80 ? 65  ASP B OD2 1 
ATOM   1098 N N   . GLU B 1 66 ? -9.398  -1.536  -5.117  1.00 49.46 ? 66  GLU B N   1 
ATOM   1099 C CA  . GLU B 1 66 ? -10.097 -1.333  -6.392  1.00 48.12 ? 66  GLU B CA  1 
ATOM   1100 C C   . GLU B 1 66 ? -9.474  -0.112  -7.097  1.00 47.38 ? 66  GLU B C   1 
ATOM   1101 O O   . GLU B 1 66 ? -9.306  0.965   -6.499  1.00 47.00 ? 66  GLU B O   1 
ATOM   1102 C CB  . GLU B 1 66 ? -11.675 -1.203  -6.196  1.00 48.42 ? 66  GLU B CB  1 
ATOM   1103 N N   . ASP B 1 67 ? -9.090  -0.314  -8.355  1.00 46.21 ? 67  ASP B N   1 
ATOM   1104 C CA  . ASP B 1 67 ? -8.511  0.732   -9.130  1.00 45.34 ? 67  ASP B CA  1 
ATOM   1105 C C   . ASP B 1 67 ? -9.626  1.703   -9.513  1.00 45.34 ? 67  ASP B C   1 
ATOM   1106 O O   . ASP B 1 67 ? -10.633 1.309   -10.124 1.00 45.27 ? 67  ASP B O   1 
ATOM   1107 C CB  . ASP B 1 67 ? -7.837  0.135   -10.338 1.00 45.00 ? 67  ASP B CB  1 
ATOM   1108 C CG  . ASP B 1 67 ? -7.078  1.162   -11.165 1.00 46.93 ? 67  ASP B CG  1 
ATOM   1109 O OD1 . ASP B 1 67 ? -7.437  2.380   -11.187 1.00 51.03 ? 67  ASP B OD1 1 
ATOM   1110 O OD2 . ASP B 1 67 ? -6.112  0.767   -11.845 1.00 47.55 ? 67  ASP B OD2 1 
ATOM   1111 N N   . VAL B 1 68 ? -9.447  2.977   -9.152  1.00 45.31 ? 68  VAL B N   1 
ATOM   1112 C CA  . VAL B 1 68 ? -10.499 3.987   -9.344  1.00 45.94 ? 68  VAL B CA  1 
ATOM   1113 C C   . VAL B 1 68 ? -10.860 4.207   -10.827 1.00 47.33 ? 68  VAL B C   1 
ATOM   1114 O O   . VAL B 1 68 ? -12.031 4.515   -11.181 1.00 47.28 ? 68  VAL B O   1 
ATOM   1115 C CB  . VAL B 1 68 ? -10.216 5.343   -8.606  1.00 45.08 ? 68  VAL B CB  1 
ATOM   1116 C CG1 . VAL B 1 68 ? -9.950  5.109   -7.153  1.00 45.23 ? 68  VAL B CG1 1 
ATOM   1117 C CG2 . VAL B 1 68 ? -9.087  6.106   -9.230  1.00 42.43 ? 68  VAL B CG2 1 
ATOM   1118 N N   . ARG B 1 69 ? -9.856  4.038   -11.693 1.00 48.25 ? 69  ARG B N   1 
ATOM   1119 C CA  . ARG B 1 69 ? -10.092 4.081   -13.130 1.00 49.26 ? 69  ARG B CA  1 
ATOM   1120 C C   . ARG B 1 69 ? -11.224 3.116   -13.544 1.00 50.03 ? 69  ARG B C   1 
ATOM   1121 O O   . ARG B 1 69 ? -11.750 3.239   -14.654 1.00 50.94 ? 69  ARG B O   1 
ATOM   1122 C CB  . ARG B 1 69 ? -8.802  3.854   -13.928 1.00 48.65 ? 69  ARG B CB  1 
ATOM   1123 C CG  . ARG B 1 69 ? -8.005  5.124   -14.089 1.00 49.56 ? 69  ARG B CG  1 
ATOM   1124 C CD  . ARG B 1 69 ? -6.545  4.859   -14.371 1.00 51.17 ? 69  ARG B CD  1 
ATOM   1125 N NE  . ARG B 1 69 ? -5.803  6.082   -14.737 1.00 53.42 ? 69  ARG B NE  1 
ATOM   1126 C CZ  . ARG B 1 69 ? -5.051  6.811   -13.906 1.00 53.01 ? 69  ARG B CZ  1 
ATOM   1127 N NH1 . ARG B 1 69 ? -4.938  6.452   -12.631 1.00 54.18 ? 69  ARG B NH1 1 
ATOM   1128 N NH2 . ARG B 1 69 ? -4.411  7.903   -14.342 1.00 51.27 ? 69  ARG B NH2 1 
ATOM   1129 N N   . PHE B 1 70 ? -11.630 2.192   -12.658 1.00 49.99 ? 70  PHE B N   1 
ATOM   1130 C CA  . PHE B 1 70 ? -12.729 1.292   -13.000 1.00 49.95 ? 70  PHE B CA  1 
ATOM   1131 C C   . PHE B 1 70 ? -13.992 1.523   -12.224 1.00 49.94 ? 70  PHE B C   1 
ATOM   1132 O O   . PHE B 1 70 ? -15.005 0.899   -12.493 1.00 50.67 ? 70  PHE B O   1 
ATOM   1133 C CB  . PHE B 1 70 ? -12.290 -0.159  -12.953 1.00 49.96 ? 70  PHE B CB  1 
ATOM   1134 C CG  . PHE B 1 70 ? -11.158 -0.423  -13.850 1.00 50.08 ? 70  PHE B CG  1 
ATOM   1135 C CD1 . PHE B 1 70 ? -9.990  -1.004  -13.375 1.00 51.57 ? 70  PHE B CD1 1 
ATOM   1136 C CD2 . PHE B 1 70 ? -11.220 0.008   -15.182 1.00 52.68 ? 70  PHE B CD2 1 
ATOM   1137 C CE1 . PHE B 1 70 ? -8.880  -1.199  -14.240 1.00 52.97 ? 70  PHE B CE1 1 
ATOM   1138 C CE2 . PHE B 1 70 ? -10.135 -0.152  -16.052 1.00 54.16 ? 70  PHE B CE2 1 
ATOM   1139 C CZ  . PHE B 1 70 ? -8.954  -0.765  -15.584 1.00 52.44 ? 70  PHE B CZ  1 
ATOM   1140 N N   . SER B 1 71 ? -13.947 2.459   -11.290 1.00 49.59 ? 71  SER B N   1 
ATOM   1141 C CA  . SER B 1 71 ? -15.104 2.774   -10.465 1.00 48.43 ? 71  SER B CA  1 
ATOM   1142 C C   . SER B 1 71 ? -15.600 4.231   -10.601 1.00 47.90 ? 71  SER B C   1 
ATOM   1143 O O   . SER B 1 71 ? -16.379 4.684   -9.790  1.00 47.47 ? 71  SER B O   1 
ATOM   1144 C CB  . SER B 1 71 ? -14.776 2.426   -8.999  1.00 48.50 ? 71  SER B CB  1 
ATOM   1145 O OG  . SER B 1 71 ? -13.647 3.151   -8.507  1.00 48.90 ? 71  SER B OG  1 
ATOM   1146 N N   . GLY B 1 72 ? -15.145 4.967   -11.610 1.00 47.63 ? 72  GLY B N   1 
ATOM   1147 C CA  . GLY B 1 72 ? -15.605 6.339   -11.790 1.00 47.50 ? 72  GLY B CA  1 
ATOM   1148 C C   . GLY B 1 72 ? -14.612 7.442   -11.442 1.00 47.90 ? 72  GLY B C   1 
ATOM   1149 O O   . GLY B 1 72 ? -15.008 8.619   -11.270 1.00 47.97 ? 72  GLY B O   1 
ATOM   1150 N N   . GLY B 1 73 ? -13.324 7.091   -11.350 1.00 47.88 ? 73  GLY B N   1 
ATOM   1151 C CA  . GLY B 1 73 ? -12.279 8.062   -10.949 1.00 47.52 ? 73  GLY B CA  1 
ATOM   1152 C C   . GLY B 1 73 ? -12.601 8.878   -9.680  1.00 47.54 ? 73  GLY B C   1 
ATOM   1153 O O   . GLY B 1 73 ? -12.753 8.325   -8.599  1.00 47.11 ? 73  GLY B O   1 
ATOM   1154 N N   . LEU B 1 74 ? -12.741 10.198  -9.816  1.00 47.49 ? 74  LEU B N   1 
ATOM   1155 C CA  . LEU B 1 74 ? -12.944 11.038  -8.638  1.00 47.31 ? 74  LEU B CA  1 
ATOM   1156 C C   . LEU B 1 74 ? -14.343 10.886  -8.080  1.00 47.47 ? 74  LEU B C   1 
ATOM   1157 O O   . LEU B 1 74 ? -14.602 11.224  -6.923  1.00 48.06 ? 74  LEU B O   1 
ATOM   1158 C CB  . LEU B 1 74 ? -12.695 12.493  -8.975  1.00 47.18 ? 74  LEU B CB  1 
ATOM   1159 C CG  . LEU B 1 74 ? -11.272 12.939  -9.323  1.00 47.36 ? 74  LEU B CG  1 
ATOM   1160 C CD1 . LEU B 1 74 ? -10.992 14.229  -8.512  1.00 45.77 ? 74  LEU B CD1 1 
ATOM   1161 C CD2 . LEU B 1 74 ? -10.155 11.888  -9.105  1.00 45.50 ? 74  LEU B CD2 1 
ATOM   1162 N N   . ALA B 1 75 ? -15.245 10.389  -8.921  1.00 46.95 ? 75  ALA B N   1 
ATOM   1163 C CA  . ALA B 1 75 ? -16.593 10.166  -8.517  1.00 46.32 ? 75  ALA B CA  1 
ATOM   1164 C C   . ALA B 1 75 ? -16.669 8.904   -7.672  1.00 46.45 ? 75  ALA B C   1 
ATOM   1165 O O   . ALA B 1 75 ? -17.625 8.732   -6.930  1.00 46.89 ? 75  ALA B O   1 
ATOM   1166 C CB  . ALA B 1 75 ? -17.496 10.068  -9.708  1.00 45.91 ? 75  ALA B CB  1 
ATOM   1167 N N   . THR B 1 76 ? -15.661 8.047   -7.743  1.00 46.12 ? 76  THR B N   1 
ATOM   1168 C CA  . THR B 1 76 ? -15.637 6.850   -6.928  1.00 46.83 ? 76  THR B CA  1 
ATOM   1169 C C   . THR B 1 76 ? -16.102 7.060   -5.456  1.00 47.56 ? 76  THR B C   1 
ATOM   1170 O O   . THR B 1 76 ? -15.504 7.845   -4.691  1.00 47.86 ? 76  THR B O   1 
ATOM   1171 C CB  . THR B 1 76 ? -14.215 6.220   -6.970  1.00 47.02 ? 76  THR B CB  1 
ATOM   1172 O OG1 . THR B 1 76 ? -13.947 5.716   -8.296  1.00 47.19 ? 76  THR B OG1 1 
ATOM   1173 C CG2 . THR B 1 76 ? -14.071 5.087   -5.925  1.00 45.87 ? 76  THR B CG2 1 
ATOM   1174 N N   . ALA B 1 77 ? -17.166 6.359   -5.058  1.00 48.35 ? 77  ALA B N   1 
ATOM   1175 C CA  . ALA B 1 77 ? -17.724 6.479   -3.674  1.00 48.96 ? 77  ALA B CA  1 
ATOM   1176 C C   . ALA B 1 77 ? -16.774 6.002   -2.574  1.00 49.68 ? 77  ALA B C   1 
ATOM   1177 O O   . ALA B 1 77 ? -15.925 5.097   -2.777  1.00 49.38 ? 77  ALA B O   1 
ATOM   1178 C CB  . ALA B 1 77 ? -19.049 5.763   -3.556  1.00 48.52 ? 77  ALA B CB  1 
ATOM   1179 N N   . ILE B 1 78 ? -16.908 6.619   -1.406  1.00 50.30 ? 78  ILE B N   1 
ATOM   1180 C CA  . ILE B 1 78 ? -15.937 6.388   -0.329  1.00 50.91 ? 78  ILE B CA  1 
ATOM   1181 C C   . ILE B 1 78 ? -16.661 6.137   0.991   1.00 51.89 ? 78  ILE B C   1 
ATOM   1182 O O   . ILE B 1 78 ? -17.465 6.955   1.417   1.00 52.26 ? 78  ILE B O   1 
ATOM   1183 C CB  . ILE B 1 78 ? -14.940 7.577   -0.228  1.00 50.93 ? 78  ILE B CB  1 
ATOM   1184 C CG1 . ILE B 1 78 ? -14.179 7.714   -1.558  1.00 48.47 ? 78  ILE B CG1 1 
ATOM   1185 C CG2 . ILE B 1 78 ? -14.080 7.501   1.066   1.00 48.83 ? 78  ILE B CG2 1 
ATOM   1186 C CD1 . ILE B 1 78 ? -12.721 7.717   -1.449  1.00 46.98 ? 78  ILE B CD1 1 
ATOM   1187 N N   . ALA B 1 79 ? -16.393 4.994   1.611   1.00 52.95 ? 79  ALA B N   1 
ATOM   1188 C CA  . ALA B 1 79 ? -17.155 4.555   2.795   1.00 54.30 ? 79  ALA B CA  1 
ATOM   1189 C C   . ALA B 1 79 ? -16.331 4.789   4.043   1.00 55.07 ? 79  ALA B C   1 
ATOM   1190 O O   . ALA B 1 79 ? -15.096 4.929   3.961   1.00 55.26 ? 79  ALA B O   1 
ATOM   1191 C CB  . ALA B 1 79 ? -17.538 3.061   2.677   1.00 53.74 ? 79  ALA B CB  1 
ATOM   1192 N N   . ASP B 1 80 ? -16.973 4.812   5.208   1.00 56.04 ? 80  ASP B N   1 
ATOM   1193 C CA  . ASP B 1 80 ? -16.167 5.031   6.416   1.00 57.28 ? 80  ASP B CA  1 
ATOM   1194 C C   . ASP B 1 80 ? -15.230 3.832   6.622   1.00 56.66 ? 80  ASP B C   1 
ATOM   1195 O O   . ASP B 1 80 ? -15.615 2.694   6.289   1.00 56.67 ? 80  ASP B O   1 
ATOM   1196 C CB  . ASP B 1 80 ? -17.006 5.339   7.666   1.00 57.85 ? 80  ASP B CB  1 
ATOM   1197 C CG  . ASP B 1 80 ? -16.133 5.809   8.841   1.00 61.60 ? 80  ASP B CG  1 
ATOM   1198 O OD1 . ASP B 1 80 ? -15.123 6.541   8.588   1.00 63.81 ? 80  ASP B OD1 1 
ATOM   1199 O OD2 . ASP B 1 80 ? -16.439 5.435   10.014  1.00 66.56 ? 80  ASP B OD2 1 
ATOM   1200 N N   . GLY B 1 81 ? -14.005 4.094   7.101   1.00 55.96 ? 81  GLY B N   1 
ATOM   1201 C CA  . GLY B 1 81 ? -12.983 3.044   7.205   1.00 54.88 ? 81  GLY B CA  1 
ATOM   1202 C C   . GLY B 1 81 ? -12.497 2.418   5.888   1.00 54.43 ? 81  GLY B C   1 
ATOM   1203 O O   . GLY B 1 81 ? -11.792 1.441   5.925   1.00 54.56 ? 81  GLY B O   1 
ATOM   1204 N N   . ASP B 1 82 ? -12.878 2.944   4.722   1.00 54.10 ? 82  ASP B N   1 
ATOM   1205 C CA  . ASP B 1 82 ? -12.184 2.617   3.468   1.00 53.41 ? 82  ASP B CA  1 
ATOM   1206 C C   . ASP B 1 82 ? -10.737 3.063   3.627   1.00 53.26 ? 82  ASP B C   1 
ATOM   1207 O O   . ASP B 1 82 ? -10.412 3.863   4.533   1.00 53.61 ? 82  ASP B O   1 
ATOM   1208 C CB  . ASP B 1 82 ? -12.771 3.379   2.270   1.00 53.41 ? 82  ASP B CB  1 
ATOM   1209 C CG  . ASP B 1 82 ? -13.948 2.671   1.619   1.00 54.69 ? 82  ASP B CG  1 
ATOM   1210 O OD1 . ASP B 1 82 ? -14.363 1.594   2.087   1.00 58.38 ? 82  ASP B OD1 1 
ATOM   1211 O OD2 . ASP B 1 82 ? -14.474 3.193   0.615   1.00 56.05 ? 82  ASP B OD2 1 
ATOM   1212 N N   . SER B 1 83 ? -9.860  2.549   2.764   1.00 52.45 ? 83  SER B N   1 
ATOM   1213 C CA  . SER B 1 83 ? -8.485  3.041   2.693   1.00 51.80 ? 83  SER B CA  1 
ATOM   1214 C C   . SER B 1 83 ? -8.236  3.606   1.284   1.00 50.76 ? 83  SER B C   1 
ATOM   1215 O O   . SER B 1 83 ? -8.894  3.188   0.322   1.00 51.15 ? 83  SER B O   1 
ATOM   1216 C CB  . SER B 1 83 ? -7.505  1.905   3.000   1.00 51.92 ? 83  SER B CB  1 
ATOM   1217 O OG  . SER B 1 83 ? -7.381  1.073   1.860   1.00 53.69 ? 83  SER B OG  1 
ATOM   1218 N N   . VAL B 1 84 ? -7.305  4.548   1.158   1.00 49.31 ? 84  VAL B N   1 
ATOM   1219 C CA  . VAL B 1 84 ? -6.947  5.101   -0.159  1.00 48.03 ? 84  VAL B CA  1 
ATOM   1220 C C   . VAL B 1 84 ? -5.455  4.976   -0.392  1.00 47.82 ? 84  VAL B C   1 
ATOM   1221 O O   . VAL B 1 84 ? -4.648  5.092   0.533   1.00 48.35 ? 84  VAL B O   1 
ATOM   1222 C CB  . VAL B 1 84 ? -7.387  6.576   -0.339  1.00 48.01 ? 84  VAL B CB  1 
ATOM   1223 C CG1 . VAL B 1 84 ? -6.956  7.085   -1.702  1.00 45.91 ? 84  VAL B CG1 1 
ATOM   1224 C CG2 . VAL B 1 84 ? -8.922  6.729   -0.138  1.00 46.76 ? 84  VAL B CG2 1 
ATOM   1225 N N   . THR B 1 85 ? -5.064  4.708   -1.620  1.00 47.16 ? 85  THR B N   1 
ATOM   1226 C CA  . THR B 1 85 ? -3.662  4.493   -1.832  1.00 47.36 ? 85  THR B CA  1 
ATOM   1227 C C   . THR B 1 85 ? -3.193  5.154   -3.120  1.00 47.18 ? 85  THR B C   1 
ATOM   1228 O O   . THR B 1 85 ? -3.630  4.785   -4.216  1.00 46.76 ? 85  THR B O   1 
ATOM   1229 C CB  . THR B 1 85 ? -3.347  2.985   -1.800  1.00 47.45 ? 85  THR B CB  1 
ATOM   1230 O OG1 . THR B 1 85 ? -4.243  2.348   -0.885  1.00 48.71 ? 85  THR B OG1 1 
ATOM   1231 C CG2 . THR B 1 85 ? -1.912  2.729   -1.367  1.00 46.99 ? 85  THR B CG2 1 
ATOM   1232 N N   . ILE B 1 86 ? -2.319  6.141   -2.961  1.00 46.34 ? 86  ILE B N   1 
ATOM   1233 C CA  . ILE B 1 86 ? -1.740  6.851   -4.094  1.00 46.30 ? 86  ILE B CA  1 
ATOM   1234 C C   . ILE B 1 86 ? -0.361  6.302   -4.414  1.00 46.35 ? 86  ILE B C   1 
ATOM   1235 O O   . ILE B 1 86 ? 0.514   6.216   -3.520  1.00 46.20 ? 86  ILE B O   1 
ATOM   1236 C CB  . ILE B 1 86 ? -1.632  8.359   -3.775  1.00 46.13 ? 86  ILE B CB  1 
ATOM   1237 C CG1 . ILE B 1 86 ? -3.005  8.892   -3.402  1.00 46.10 ? 86  ILE B CG1 1 
ATOM   1238 C CG2 . ILE B 1 86 ? -1.042  9.153   -4.936  1.00 45.36 ? 86  ILE B CG2 1 
ATOM   1239 C CD1 . ILE B 1 86 ? -2.954  10.025  -2.410  1.00 43.97 ? 86  ILE B CD1 1 
ATOM   1240 N N   . LEU B 1 87 ? -0.155  5.943   -5.680  1.00 46.19 ? 87  LEU B N   1 
ATOM   1241 C CA  . LEU B 1 87 ? 1.148   5.401   -6.107  1.00 47.02 ? 87  LEU B CA  1 
ATOM   1242 C C   . LEU B 1 87 ? 1.587   5.848   -7.473  1.00 48.33 ? 87  LEU B C   1 
ATOM   1243 O O   . LEU B 1 87 ? 0.757   5.896   -8.402  1.00 48.66 ? 87  LEU B O   1 
ATOM   1244 C CB  . LEU B 1 87 ? 1.143   3.889   -6.110  1.00 46.07 ? 87  LEU B CB  1 
ATOM   1245 C CG  . LEU B 1 87 ? 1.304   3.161   -4.787  1.00 45.16 ? 87  LEU B CG  1 
ATOM   1246 C CD1 . LEU B 1 87 ? 0.910   1.742   -5.124  1.00 44.61 ? 87  LEU B CD1 1 
ATOM   1247 C CD2 . LEU B 1 87 ? 2.732   3.282   -4.107  1.00 42.39 ? 87  LEU B CD2 1 
ATOM   1248 N N   . PRO B 1 88 ? 2.901   6.137   -7.624  1.00 49.50 ? 88  PRO B N   1 
ATOM   1249 C CA  . PRO B 1 88 ? 3.365   6.492   -8.972  1.00 50.64 ? 88  PRO B CA  1 
ATOM   1250 C C   . PRO B 1 88 ? 3.085   5.312   -9.918  1.00 52.31 ? 88  PRO B C   1 
ATOM   1251 O O   . PRO B 1 88 ? 3.286   4.143   -9.542  1.00 52.03 ? 88  PRO B O   1 
ATOM   1252 C CB  . PRO B 1 88 ? 4.879   6.723   -8.787  1.00 49.94 ? 88  PRO B CB  1 
ATOM   1253 C CG  . PRO B 1 88 ? 5.090   6.919   -7.347  1.00 49.27 ? 88  PRO B CG  1 
ATOM   1254 C CD  . PRO B 1 88 ? 3.995   6.153   -6.634  1.00 49.04 ? 88  PRO B CD  1 
ATOM   1255 N N   . ALA B 1 89 ? 2.571   5.589   -11.106 1.00 54.48 ? 89  ALA B N   1 
ATOM   1256 C CA  . ALA B 1 89 ? 2.437   4.503   -12.065 1.00 57.44 ? 89  ALA B CA  1 
ATOM   1257 C C   . ALA B 1 89 ? 3.841   4.065   -12.571 1.00 59.15 ? 89  ALA B C   1 
ATOM   1258 O O   . ALA B 1 89 ? 4.750   4.902   -12.675 1.00 59.75 ? 89  ALA B O   1 
ATOM   1259 C CB  . ALA B 1 89 ? 1.530   4.898   -13.194 1.00 56.61 ? 89  ALA B CB  1 
ATOM   1260 N N   . VAL B 1 90 ? 4.041   2.759   -12.791 1.00 61.29 ? 90  VAL B N   1 
ATOM   1261 C CA  . VAL B 1 90 ? 5.242   2.242   -13.508 1.00 63.47 ? 90  VAL B CA  1 
ATOM   1262 C C   . VAL B 1 90 ? 4.896   1.619   -14.919 1.00 64.80 ? 90  VAL B C   1 
ATOM   1263 O O   . VAL B 1 90 ? 3.860   0.898   -15.134 1.00 65.39 ? 90  VAL B O   1 
ATOM   1264 C CB  . VAL B 1 90 ? 6.073   1.248   -12.617 1.00 62.91 ? 90  VAL B CB  1 
HETATM 1265 O O   . HOH C 2 .  ? -3.486  -11.964 2.354   1.00 37.53 ? 94  HOH A O   1 
HETATM 1266 O O   . HOH C 2 .  ? 3.245   -12.623 12.502  1.00 48.83 ? 95  HOH A O   1 
HETATM 1267 O O   . HOH C 2 .  ? 7.543   1.454   7.956   1.00 47.02 ? 96  HOH A O   1 
HETATM 1268 O O   . HOH C 2 .  ? -4.614  -13.801 -1.449  1.00 45.72 ? 97  HOH A O   1 
HETATM 1269 O O   . HOH C 2 .  ? 9.240   -9.750  13.408  1.00 44.36 ? 98  HOH A O   1 
HETATM 1270 O O   . HOH C 2 .  ? -7.126  -8.533  19.946  1.00 67.43 ? 99  HOH A O   1 
HETATM 1271 O O   . HOH C 2 .  ? 11.252  -16.127 16.465  1.00 40.70 ? 100 HOH A O   1 
HETATM 1272 O O   . HOH C 2 .  ? 11.089  1.112   -4.415  1.00 48.97 ? 101 HOH A O   1 
HETATM 1273 O O   . HOH C 2 .  ? 16.568  -11.656 7.513   0.50 25.94 ? 102 HOH A O   1 
HETATM 1274 O O   . HOH C 2 .  ? -7.139  -9.761  3.044   1.00 50.55 ? 103 HOH A O   1 
HETATM 1275 O O   . HOH C 2 .  ? 5.031   4.499   -1.374  1.00 51.56 ? 104 HOH A O   1 
HETATM 1276 O O   . HOH C 2 .  ? -6.820  -9.271  9.241   1.00 42.80 ? 105 HOH A O   1 
HETATM 1277 O O   . HOH C 2 .  ? -9.947  -11.494 -0.868  1.00 48.56 ? 106 HOH A O   1 
HETATM 1278 O O   . HOH D 2 .  ? 1.572   5.311   -0.906  1.00 38.08 ? 95  HOH B O   1 
HETATM 1279 O O   . HOH D 2 .  ? -4.005  23.918  1.721   1.00 58.86 ? 96  HOH B O   1 
HETATM 1280 O O   . HOH D 2 .  ? -14.073 -0.237  4.695   1.00 57.77 ? 97  HOH B O   1 
HETATM 1281 O O   . HOH D 2 .  ? 2.379   4.422   3.174   1.00 40.50 ? 98  HOH B O   1 
HETATM 1282 O O   . HOH D 2 .  ? -18.518 4.801   -6.436  1.00 50.31 ? 99  HOH B O   1 
HETATM 1283 O O   . HOH D 2 .  ? -14.710 4.315   -14.336 1.00 41.79 ? 100 HOH B O   1 
HETATM 1284 O O   . HOH D 2 .  ? -9.267  21.862  -2.258  1.00 66.52 ? 101 HOH B O   1 
HETATM 1285 O O   . HOH D 2 .  ? -21.378 4.920   -7.861  1.00 65.09 ? 102 HOH B O   1 
HETATM 1286 O O   . HOH D 2 .  ? -1.783  19.428  -12.166 1.00 40.62 ? 103 HOH B O   1 
HETATM 1287 O O   . HOH D 2 .  ? -20.554 8.304   -2.485  1.00 65.38 ? 104 HOH B O   1 
HETATM 1288 O O   . HOH D 2 .  ? -15.997 13.731  -7.795  0.50 21.48 ? 105 HOH B O   1 
# 
loop_
_pdbx_poly_seq_scheme.asym_id 
_pdbx_poly_seq_scheme.entity_id 
_pdbx_poly_seq_scheme.seq_id 
_pdbx_poly_seq_scheme.mon_id 
_pdbx_poly_seq_scheme.ndb_seq_num 
_pdbx_poly_seq_scheme.pdb_seq_num 
_pdbx_poly_seq_scheme.auth_seq_num 
_pdbx_poly_seq_scheme.pdb_mon_id 
_pdbx_poly_seq_scheme.auth_mon_id 
_pdbx_poly_seq_scheme.pdb_strand_id 
_pdbx_poly_seq_scheme.pdb_ins_code 
_pdbx_poly_seq_scheme.hetero 
A 1 1  MET 1  1  ?  ?   ?   A . n 
A 1 2  ASN 2  2  2  ASN ALA A . n 
A 1 3  VAL 3  3  3  VAL VAL A . n 
A 1 4  THR 4  4  4  THR THR A . n 
A 1 5  VAL 5  5  5  VAL VAL A . n 
A 1 6  SER 6  6  6  SER SER A . n 
A 1 7  ILE 7  7  7  ILE ILE A . n 
A 1 8  PRO 8  8  8  PRO PRO A . n 
A 1 9  THR 9  9  9  THR THR A . n 
A 1 10 ILE 10 10 10 ILE ILE A . n 
A 1 11 LEU 11 11 11 LEU LEU A . n 
A 1 12 ARG 12 12 12 ARG ARG A . n 
A 1 13 PRO 13 13 13 PRO PRO A . n 
A 1 14 HIS 14 14 14 HIS HIS A . n 
A 1 15 THR 15 15 15 THR THR A . n 
A 1 16 GLY 16 16 16 GLY GLY A . n 
A 1 17 GLY 17 17 17 GLY GLY A . n 
A 1 18 GLN 18 18 18 GLN GLN A . n 
A 1 19 LYS 19 19 19 LYS ALA A . n 
A 1 20 SER 20 20 20 SER SER A . n 
A 1 21 VAL 21 21 21 VAL VAL A . n 
A 1 22 SER 22 22 22 SER SER A . n 
A 1 23 ALA 23 23 23 ALA ALA A . n 
A 1 24 SER 24 24 24 SER SER A . n 
A 1 25 GLY 25 25 25 GLY GLY A . n 
A 1 26 ASP 26 26 26 ASP ASP A . n 
A 1 27 THR 27 27 27 THR THR A . n 
A 1 28 LEU 28 28 28 LEU LEU A . n 
A 1 29 GLY 29 29 29 GLY GLY A . n 
A 1 30 ALA 30 30 30 ALA ALA A . n 
A 1 31 VAL 31 31 31 VAL VAL A . n 
A 1 32 ILE 32 32 32 ILE ILE A . n 
A 1 33 SER 33 33 33 SER SER A . n 
A 1 34 ASP 34 34 34 ASP ASP A . n 
A 1 35 LEU 35 35 35 LEU LEU A . n 
A 1 36 GLU 36 36 36 GLU GLU A . n 
A 1 37 ALA 37 37 37 ALA ALA A . n 
A 1 38 ASN 38 38 38 ASN ASN A . n 
A 1 39 TYR 39 39 39 TYR TYR A . n 
A 1 40 SER 40 40 40 SER SER A . n 
A 1 41 GLY 41 41 41 GLY GLY A . n 
A 1 42 ILE 42 42 42 ILE ILE A . n 
A 1 43 SER 43 43 43 SER SER A . n 
A 1 44 GLU 44 44 44 GLU GLU A . n 
A 1 45 ARG 45 45 45 ARG ARG A . n 
A 1 46 LEU 46 46 46 LEU LEU A . n 
A 1 47 MET 47 47 47 MET MET A . n 
A 1 48 ASP 48 48 48 ASP ASP A . n 
A 1 49 PRO 49 49 49 PRO PRO A . n 
A 1 50 SER 50 50 50 SER ALA A . n 
A 1 51 SER 51 51 51 SER SER A . n 
A 1 52 PRO 52 52 52 PRO PRO A . n 
A 1 53 GLY 53 53 53 GLY GLY A . n 
A 1 54 LYS 54 54 54 LYS ALA A . n 
A 1 55 LEU 55 55 55 LEU LEU A . n 
A 1 56 HIS 56 56 56 HIS HIS A . n 
A 1 57 ARG 57 57 57 ARG ARG A . n 
A 1 58 PHE 58 58 58 PHE PHE A . n 
A 1 59 VAL 59 59 59 VAL VAL A . n 
A 1 60 ASN 60 60 60 ASN ASN A . n 
A 1 61 ILE 61 61 61 ILE ILE A . n 
A 1 62 TYR 62 62 62 TYR TYR A . n 
A 1 63 VAL 63 63 63 VAL VAL A . n 
A 1 64 ASN 64 64 64 ASN ASN A . n 
A 1 65 ASP 65 65 65 ASP ASP A . n 
A 1 66 GLU 66 66 66 GLU ALA A . n 
A 1 67 ASP 67 67 67 ASP ASP A . n 
A 1 68 VAL 68 68 68 VAL VAL A . n 
A 1 69 ARG 69 69 69 ARG ARG A . n 
A 1 70 PHE 70 70 70 PHE PHE A . n 
A 1 71 SER 71 71 71 SER SER A . n 
A 1 72 GLY 72 72 72 GLY GLY A . n 
A 1 73 GLY 73 73 73 GLY GLY A . n 
A 1 74 LEU 74 74 74 LEU LEU A . n 
A 1 75 ALA 75 75 75 ALA ALA A . n 
A 1 76 THR 76 76 76 THR THR A . n 
A 1 77 ALA 77 77 77 ALA ALA A . n 
A 1 78 ILE 78 78 78 ILE ILE A . n 
A 1 79 ALA 79 79 79 ALA ALA A . n 
A 1 80 ASP 80 80 80 ASP ASP A . n 
A 1 81 GLY 81 81 81 GLY GLY A . n 
A 1 82 ASP 82 82 82 ASP ASP A . n 
A 1 83 SER 83 83 83 SER SER A . n 
A 1 84 VAL 84 84 84 VAL VAL A . n 
A 1 85 THR 85 85 85 THR THR A . n 
A 1 86 ILE 86 86 86 ILE ILE A . n 
A 1 87 LEU 87 87 87 LEU LEU A . n 
A 1 88 PRO 88 88 88 PRO PRO A . n 
A 1 89 ALA 89 89 89 ALA ALA A . n 
A 1 90 VAL 90 90 90 VAL VAL A . n 
A 1 91 ALA 91 91 ?  ?   ?   A . n 
A 1 92 GLY 92 92 ?  ?   ?   A . n 
A 1 93 GLY 93 93 ?  ?   ?   A . n 
B 1 1  MET 1  1  ?  ?   ?   B . n 
B 1 2  ASN 2  2  2  ASN ALA B . n 
B 1 3  VAL 3  3  3  VAL VAL B . n 
B 1 4  THR 4  4  4  THR THR B . n 
B 1 5  VAL 5  5  5  VAL VAL B . n 
B 1 6  SER 6  6  6  SER SER B . n 
B 1 7  ILE 7  7  7  ILE ILE B . n 
B 1 8  PRO 8  8  8  PRO PRO B . n 
B 1 9  THR 9  9  9  THR THR B . n 
B 1 10 ILE 10 10 10 ILE ILE B . n 
B 1 11 LEU 11 11 11 LEU LEU B . n 
B 1 12 ARG 12 12 12 ARG ARG B . n 
B 1 13 PRO 13 13 13 PRO PRO B . n 
B 1 14 HIS 14 14 14 HIS HIS B . n 
B 1 15 THR 15 15 15 THR THR B . n 
B 1 16 GLY 16 16 16 GLY GLY B . n 
B 1 17 GLY 17 17 17 GLY GLY B . n 
B 1 18 GLN 18 18 18 GLN GLN B . n 
B 1 19 LYS 19 19 19 LYS LYS B . n 
B 1 20 SER 20 20 20 SER SER B . n 
B 1 21 VAL 21 21 21 VAL VAL B . n 
B 1 22 SER 22 22 22 SER SER B . n 
B 1 23 ALA 23 23 23 ALA ALA B . n 
B 1 24 SER 24 24 24 SER SER B . n 
B 1 25 GLY 25 25 25 GLY GLY B . n 
B 1 26 ASP 26 26 26 ASP ASP B . n 
B 1 27 THR 27 27 27 THR THR B . n 
B 1 28 LEU 28 28 28 LEU LEU B . n 
B 1 29 GLY 29 29 29 GLY GLY B . n 
B 1 30 ALA 30 30 30 ALA ALA B . n 
B 1 31 VAL 31 31 31 VAL VAL B . n 
B 1 32 ILE 32 32 32 ILE ILE B . n 
B 1 33 SER 33 33 33 SER SER B . n 
B 1 34 ASP 34 34 34 ASP ASP B . n 
B 1 35 LEU 35 35 35 LEU LEU B . n 
B 1 36 GLU 36 36 36 GLU GLU B . n 
B 1 37 ALA 37 37 37 ALA ALA B . n 
B 1 38 ASN 38 38 38 ASN ASN B . n 
B 1 39 TYR 39 39 39 TYR TYR B . n 
B 1 40 SER 40 40 40 SER SER B . n 
B 1 41 GLY 41 41 41 GLY GLY B . n 
B 1 42 ILE 42 42 42 ILE ILE B . n 
B 1 43 SER 43 43 43 SER SER B . n 
B 1 44 GLU 44 44 44 GLU ALA B . n 
B 1 45 ARG 45 45 45 ARG ARG B . n 
B 1 46 LEU 46 46 46 LEU LEU B . n 
B 1 47 MET 47 47 47 MET MET B . n 
B 1 48 ASP 48 48 48 ASP ASP B . n 
B 1 49 PRO 49 49 49 PRO PRO B . n 
B 1 50 SER 50 50 50 SER ALA B . n 
B 1 51 SER 51 51 51 SER SER B . n 
B 1 52 PRO 52 52 52 PRO PRO B . n 
B 1 53 GLY 53 53 53 GLY GLY B . n 
B 1 54 LYS 54 54 54 LYS ALA B . n 
B 1 55 LEU 55 55 55 LEU LEU B . n 
B 1 56 HIS 56 56 56 HIS HIS B . n 
B 1 57 ARG 57 57 57 ARG ARG B . n 
B 1 58 PHE 58 58 58 PHE PHE B . n 
B 1 59 VAL 59 59 59 VAL VAL B . n 
B 1 60 ASN 60 60 60 ASN ASN B . n 
B 1 61 ILE 61 61 61 ILE ILE B . n 
B 1 62 TYR 62 62 62 TYR TYR B . n 
B 1 63 VAL 63 63 63 VAL VAL B . n 
B 1 64 ASN 64 64 64 ASN ASN B . n 
B 1 65 ASP 65 65 65 ASP ASP B . n 
B 1 66 GLU 66 66 66 GLU ALA B . n 
B 1 67 ASP 67 67 67 ASP ASP B . n 
B 1 68 VAL 68 68 68 VAL VAL B . n 
B 1 69 ARG 69 69 69 ARG ARG B . n 
B 1 70 PHE 70 70 70 PHE PHE B . n 
B 1 71 SER 71 71 71 SER SER B . n 
B 1 72 GLY 72 72 72 GLY GLY B . n 
B 1 73 GLY 73 73 73 GLY GLY B . n 
B 1 74 LEU 74 74 74 LEU LEU B . n 
B 1 75 ALA 75 75 75 ALA ALA B . n 
B 1 76 THR 76 76 76 THR THR B . n 
B 1 77 ALA 77 77 77 ALA ALA B . n 
B 1 78 ILE 78 78 78 ILE ILE B . n 
B 1 79 ALA 79 79 79 ALA ALA B . n 
B 1 80 ASP 80 80 80 ASP ASP B . n 
B 1 81 GLY 81 81 81 GLY GLY B . n 
B 1 82 ASP 82 82 82 ASP ASP B . n 
B 1 83 SER 83 83 83 SER SER B . n 
B 1 84 VAL 84 84 84 VAL VAL B . n 
B 1 85 THR 85 85 85 THR THR B . n 
B 1 86 ILE 86 86 86 ILE ILE B . n 
B 1 87 LEU 87 87 87 LEU LEU B . n 
B 1 88 PRO 88 88 88 PRO PRO B . n 
B 1 89 ALA 89 89 89 ALA ALA B . n 
B 1 90 VAL 90 90 90 VAL ALA B . n 
B 1 91 ALA 91 91 ?  ?   ?   B . n 
B 1 92 GLY 92 92 ?  ?   ?   B . n 
B 1 93 GLY 93 93 ?  ?   ?   B . n 
# 
loop_
_pdbx_nonpoly_scheme.asym_id 
_pdbx_nonpoly_scheme.entity_id 
_pdbx_nonpoly_scheme.mon_id 
_pdbx_nonpoly_scheme.ndb_seq_num 
_pdbx_nonpoly_scheme.pdb_seq_num 
_pdbx_nonpoly_scheme.auth_seq_num 
_pdbx_nonpoly_scheme.pdb_mon_id 
_pdbx_nonpoly_scheme.auth_mon_id 
_pdbx_nonpoly_scheme.pdb_strand_id 
_pdbx_nonpoly_scheme.pdb_ins_code 
C 2 HOH 1  94  2  HOH HOH A . 
C 2 HOH 2  95  5  HOH HOH A . 
C 2 HOH 3  96  6  HOH HOH A . 
C 2 HOH 4  97  9  HOH HOH A . 
C 2 HOH 5  98  11 HOH HOH A . 
C 2 HOH 6  99  12 HOH HOH A . 
C 2 HOH 7  100 15 HOH HOH A . 
C 2 HOH 8  101 19 HOH HOH A . 
C 2 HOH 9  102 21 HOH HOH A . 
C 2 HOH 10 103 22 HOH HOH A . 
C 2 HOH 11 104 23 HOH HOH A . 
C 2 HOH 12 105 24 HOH HOH A . 
C 2 HOH 13 106 1  HOH HOH A . 
D 2 HOH 1  95  3  HOH HOH B . 
D 2 HOH 2  96  4  HOH HOH B . 
D 2 HOH 3  97  7  HOH HOH B . 
D 2 HOH 4  98  8  HOH HOH B . 
D 2 HOH 5  99  10 HOH HOH B . 
D 2 HOH 6  100 13 HOH HOH B . 
D 2 HOH 7  101 14 HOH HOH B . 
D 2 HOH 8  102 16 HOH HOH B . 
D 2 HOH 9  103 17 HOH HOH B . 
D 2 HOH 10 104 18 HOH HOH B . 
D 2 HOH 11 105 20 HOH HOH B . 
# 
loop_
_pdbx_struct_assembly.id 
_pdbx_struct_assembly.details 
_pdbx_struct_assembly.method_details 
_pdbx_struct_assembly.oligomeric_details 
_pdbx_struct_assembly.oligomeric_count 
1 author_and_software_defined_assembly PISA monomeric 1 
2 author_and_software_defined_assembly PISA monomeric 1 
# 
loop_
_pdbx_struct_assembly_gen.assembly_id 
_pdbx_struct_assembly_gen.oper_expression 
_pdbx_struct_assembly_gen.asym_id_list 
1 1 A,C 
2 1 B,D 
# 
_pdbx_struct_oper_list.id                   1 
_pdbx_struct_oper_list.type                 'identity operation' 
_pdbx_struct_oper_list.name                 1_555 
_pdbx_struct_oper_list.symmetry_operation   x,y,z 
_pdbx_struct_oper_list.matrix[1][1]         1.0000000000 
_pdbx_struct_oper_list.matrix[1][2]         0.0000000000 
_pdbx_struct_oper_list.matrix[1][3]         0.0000000000 
_pdbx_struct_oper_list.vector[1]            0.0000000000 
_pdbx_struct_oper_list.matrix[2][1]         0.0000000000 
_pdbx_struct_oper_list.matrix[2][2]         1.0000000000 
_pdbx_struct_oper_list.matrix[2][3]         0.0000000000 
_pdbx_struct_oper_list.vector[2]            0.0000000000 
_pdbx_struct_oper_list.matrix[3][1]         0.0000000000 
_pdbx_struct_oper_list.matrix[3][2]         0.0000000000 
_pdbx_struct_oper_list.matrix[3][3]         1.0000000000 
_pdbx_struct_oper_list.vector[3]            0.0000000000 
# 
loop_
_pdbx_struct_special_symmetry.id 
_pdbx_struct_special_symmetry.PDB_model_num 
_pdbx_struct_special_symmetry.auth_asym_id 
_pdbx_struct_special_symmetry.auth_comp_id 
_pdbx_struct_special_symmetry.auth_seq_id 
_pdbx_struct_special_symmetry.PDB_ins_code 
_pdbx_struct_special_symmetry.label_asym_id 
_pdbx_struct_special_symmetry.label_comp_id 
_pdbx_struct_special_symmetry.label_seq_id 
1 1 A HOH 102 ? C HOH . 
2 1 B HOH 105 ? D HOH . 
# 
loop_
_pdbx_audit_revision_history.ordinal 
_pdbx_audit_revision_history.data_content_type 
_pdbx_audit_revision_history.major_revision 
_pdbx_audit_revision_history.minor_revision 
_pdbx_audit_revision_history.revision_date 
1 'Structure model' 1 0 2008-09-23 
2 'Structure model' 1 1 2011-07-13 
3 'Structure model' 1 2 2023-08-30 
# 
_pdbx_audit_revision_details.ordinal             1 
_pdbx_audit_revision_details.revision_ordinal    1 
_pdbx_audit_revision_details.data_content_type   'Structure model' 
_pdbx_audit_revision_details.provider            repository 
_pdbx_audit_revision_details.type                'Initial release' 
_pdbx_audit_revision_details.description         ? 
_pdbx_audit_revision_details.details             ? 
# 
loop_
_pdbx_audit_revision_group.ordinal 
_pdbx_audit_revision_group.revision_ordinal 
_pdbx_audit_revision_group.data_content_type 
_pdbx_audit_revision_group.group 
1 2 'Structure model' 'Source and taxonomy'       
2 2 'Structure model' 'Version format compliance' 
3 3 'Structure model' 'Data collection'           
4 3 'Structure model' 'Database references'       
5 3 'Structure model' 'Refinement description'    
# 
loop_
_pdbx_audit_revision_category.ordinal 
_pdbx_audit_revision_category.revision_ordinal 
_pdbx_audit_revision_category.data_content_type 
_pdbx_audit_revision_category.category 
1 3 'Structure model' chem_comp_atom                
2 3 'Structure model' chem_comp_bond                
3 3 'Structure model' database_2                    
4 3 'Structure model' pdbx_initial_refinement_model 
5 3 'Structure model' struct_ncs_dom_lim            
# 
loop_
_pdbx_audit_revision_item.ordinal 
_pdbx_audit_revision_item.revision_ordinal 
_pdbx_audit_revision_item.data_content_type 
_pdbx_audit_revision_item.item 
1 3 'Structure model' '_database_2.pdbx_DOI'                 
2 3 'Structure model' '_database_2.pdbx_database_accession'  
3 3 'Structure model' '_struct_ncs_dom_lim.beg_auth_comp_id' 
4 3 'Structure model' '_struct_ncs_dom_lim.end_auth_comp_id' 
# 
loop_
_software.name 
_software.classification 
_software.version 
_software.citation_id 
_software.pdbx_ordinal 
REFMAC    refinement        5.3.0026 ? 1 
HKL-2000  'data collection' .        ? 2 
HKL-2000  'data reduction'  .        ? 3 
SCALEPACK 'data scaling'    .        ? 4 
CNS       phasing           .        ? 5 
# 
loop_
_pdbx_validate_torsion.id 
_pdbx_validate_torsion.PDB_model_num 
_pdbx_validate_torsion.auth_comp_id 
_pdbx_validate_torsion.auth_asym_id 
_pdbx_validate_torsion.auth_seq_id 
_pdbx_validate_torsion.PDB_ins_code 
_pdbx_validate_torsion.label_alt_id 
_pdbx_validate_torsion.phi 
_pdbx_validate_torsion.psi 
1 1 SER A 50 ? ? -65.18  -72.09 
2 1 ASP A 65 ? ? 81.25   -9.52  
3 1 TYR B 39 ? ? -150.55 72.87  
4 1 SER B 50 ? ? -63.06  -73.63 
5 1 ASP B 65 ? ? 76.49   -8.05  
# 
loop_
_pdbx_unobs_or_zero_occ_atoms.id 
_pdbx_unobs_or_zero_occ_atoms.PDB_model_num 
_pdbx_unobs_or_zero_occ_atoms.polymer_flag 
_pdbx_unobs_or_zero_occ_atoms.occupancy_flag 
_pdbx_unobs_or_zero_occ_atoms.auth_asym_id 
_pdbx_unobs_or_zero_occ_atoms.auth_comp_id 
_pdbx_unobs_or_zero_occ_atoms.auth_seq_id 
_pdbx_unobs_or_zero_occ_atoms.PDB_ins_code 
_pdbx_unobs_or_zero_occ_atoms.auth_atom_id 
_pdbx_unobs_or_zero_occ_atoms.label_alt_id 
_pdbx_unobs_or_zero_occ_atoms.label_asym_id 
_pdbx_unobs_or_zero_occ_atoms.label_comp_id 
_pdbx_unobs_or_zero_occ_atoms.label_seq_id 
_pdbx_unobs_or_zero_occ_atoms.label_atom_id 
1  1 Y 1 A ASN 2  ? CG  ? A ASN 2  CG  
2  1 Y 1 A ASN 2  ? OD1 ? A ASN 2  OD1 
3  1 Y 1 A ASN 2  ? ND2 ? A ASN 2  ND2 
4  1 Y 1 A LYS 19 ? CG  ? A LYS 19 CG  
5  1 Y 1 A LYS 19 ? CD  ? A LYS 19 CD  
6  1 Y 1 A LYS 19 ? CE  ? A LYS 19 CE  
7  1 Y 1 A LYS 19 ? NZ  ? A LYS 19 NZ  
8  1 Y 1 A SER 50 ? OG  ? A SER 50 OG  
9  1 Y 1 A LYS 54 ? CG  ? A LYS 54 CG  
10 1 Y 1 A LYS 54 ? CD  ? A LYS 54 CD  
11 1 Y 1 A LYS 54 ? CE  ? A LYS 54 CE  
12 1 Y 1 A LYS 54 ? NZ  ? A LYS 54 NZ  
13 1 Y 1 A GLU 66 ? CG  ? A GLU 66 CG  
14 1 Y 1 A GLU 66 ? CD  ? A GLU 66 CD  
15 1 Y 1 A GLU 66 ? OE1 ? A GLU 66 OE1 
16 1 Y 1 A GLU 66 ? OE2 ? A GLU 66 OE2 
17 1 Y 1 B ASN 2  ? CG  ? B ASN 2  CG  
18 1 Y 1 B ASN 2  ? OD1 ? B ASN 2  OD1 
19 1 Y 1 B ASN 2  ? ND2 ? B ASN 2  ND2 
20 1 Y 1 B GLU 44 ? CG  ? B GLU 44 CG  
21 1 Y 1 B GLU 44 ? CD  ? B GLU 44 CD  
22 1 Y 1 B GLU 44 ? OE1 ? B GLU 44 OE1 
23 1 Y 1 B GLU 44 ? OE2 ? B GLU 44 OE2 
24 1 Y 1 B SER 50 ? OG  ? B SER 50 OG  
25 1 Y 1 B LYS 54 ? CG  ? B LYS 54 CG  
26 1 Y 1 B LYS 54 ? CD  ? B LYS 54 CD  
27 1 Y 1 B LYS 54 ? CE  ? B LYS 54 CE  
28 1 Y 1 B LYS 54 ? NZ  ? B LYS 54 NZ  
29 1 Y 1 B GLU 66 ? CG  ? B GLU 66 CG  
30 1 Y 1 B GLU 66 ? CD  ? B GLU 66 CD  
31 1 Y 1 B GLU 66 ? OE1 ? B GLU 66 OE1 
32 1 Y 1 B GLU 66 ? OE2 ? B GLU 66 OE2 
33 1 Y 1 B VAL 90 ? CG1 ? B VAL 90 CG1 
34 1 Y 1 B VAL 90 ? CG2 ? B VAL 90 CG2 
# 
loop_
_pdbx_unobs_or_zero_occ_residues.id 
_pdbx_unobs_or_zero_occ_residues.PDB_model_num 
_pdbx_unobs_or_zero_occ_residues.polymer_flag 
_pdbx_unobs_or_zero_occ_residues.occupancy_flag 
_pdbx_unobs_or_zero_occ_residues.auth_asym_id 
_pdbx_unobs_or_zero_occ_residues.auth_comp_id 
_pdbx_unobs_or_zero_occ_residues.auth_seq_id 
_pdbx_unobs_or_zero_occ_residues.PDB_ins_code 
_pdbx_unobs_or_zero_occ_residues.label_asym_id 
_pdbx_unobs_or_zero_occ_residues.label_comp_id 
_pdbx_unobs_or_zero_occ_residues.label_seq_id 
1 1 Y 1 A MET 1  ? A MET 1  
2 1 Y 1 A ALA 91 ? A ALA 91 
3 1 Y 1 A GLY 92 ? A GLY 92 
4 1 Y 1 A GLY 93 ? A GLY 93 
5 1 Y 1 B MET 1  ? B MET 1  
6 1 Y 1 B ALA 91 ? B ALA 91 
7 1 Y 1 B GLY 92 ? B GLY 92 
8 1 Y 1 B GLY 93 ? B GLY 93 
# 
loop_
_chem_comp_atom.comp_id 
_chem_comp_atom.atom_id 
_chem_comp_atom.type_symbol 
_chem_comp_atom.pdbx_aromatic_flag 
_chem_comp_atom.pdbx_stereo_config 
_chem_comp_atom.pdbx_ordinal 
ALA N    N N N 1   
ALA CA   C N S 2   
ALA C    C N N 3   
ALA O    O N N 4   
ALA CB   C N N 5   
ALA OXT  O N N 6   
ALA H    H N N 7   
ALA H2   H N N 8   
ALA HA   H N N 9   
ALA HB1  H N N 10  
ALA HB2  H N N 11  
ALA HB3  H N N 12  
ALA HXT  H N N 13  
ARG N    N N N 14  
ARG CA   C N S 15  
ARG C    C N N 16  
ARG O    O N N 17  
ARG CB   C N N 18  
ARG CG   C N N 19  
ARG CD   C N N 20  
ARG NE   N N N 21  
ARG CZ   C N N 22  
ARG NH1  N N N 23  
ARG NH2  N N N 24  
ARG OXT  O N N 25  
ARG H    H N N 26  
ARG H2   H N N 27  
ARG HA   H N N 28  
ARG HB2  H N N 29  
ARG HB3  H N N 30  
ARG HG2  H N N 31  
ARG HG3  H N N 32  
ARG HD2  H N N 33  
ARG HD3  H N N 34  
ARG HE   H N N 35  
ARG HH11 H N N 36  
ARG HH12 H N N 37  
ARG HH21 H N N 38  
ARG HH22 H N N 39  
ARG HXT  H N N 40  
ASN N    N N N 41  
ASN CA   C N S 42  
ASN C    C N N 43  
ASN O    O N N 44  
ASN CB   C N N 45  
ASN CG   C N N 46  
ASN OD1  O N N 47  
ASN ND2  N N N 48  
ASN OXT  O N N 49  
ASN H    H N N 50  
ASN H2   H N N 51  
ASN HA   H N N 52  
ASN HB2  H N N 53  
ASN HB3  H N N 54  
ASN HD21 H N N 55  
ASN HD22 H N N 56  
ASN HXT  H N N 57  
ASP N    N N N 58  
ASP CA   C N S 59  
ASP C    C N N 60  
ASP O    O N N 61  
ASP CB   C N N 62  
ASP CG   C N N 63  
ASP OD1  O N N 64  
ASP OD2  O N N 65  
ASP OXT  O N N 66  
ASP H    H N N 67  
ASP H2   H N N 68  
ASP HA   H N N 69  
ASP HB2  H N N 70  
ASP HB3  H N N 71  
ASP HD2  H N N 72  
ASP HXT  H N N 73  
GLN N    N N N 74  
GLN CA   C N S 75  
GLN C    C N N 76  
GLN O    O N N 77  
GLN CB   C N N 78  
GLN CG   C N N 79  
GLN CD   C N N 80  
GLN OE1  O N N 81  
GLN NE2  N N N 82  
GLN OXT  O N N 83  
GLN H    H N N 84  
GLN H2   H N N 85  
GLN HA   H N N 86  
GLN HB2  H N N 87  
GLN HB3  H N N 88  
GLN HG2  H N N 89  
GLN HG3  H N N 90  
GLN HE21 H N N 91  
GLN HE22 H N N 92  
GLN HXT  H N N 93  
GLU N    N N N 94  
GLU CA   C N S 95  
GLU C    C N N 96  
GLU O    O N N 97  
GLU CB   C N N 98  
GLU CG   C N N 99  
GLU CD   C N N 100 
GLU OE1  O N N 101 
GLU OE2  O N N 102 
GLU OXT  O N N 103 
GLU H    H N N 104 
GLU H2   H N N 105 
GLU HA   H N N 106 
GLU HB2  H N N 107 
GLU HB3  H N N 108 
GLU HG2  H N N 109 
GLU HG3  H N N 110 
GLU HE2  H N N 111 
GLU HXT  H N N 112 
GLY N    N N N 113 
GLY CA   C N N 114 
GLY C    C N N 115 
GLY O    O N N 116 
GLY OXT  O N N 117 
GLY H    H N N 118 
GLY H2   H N N 119 
GLY HA2  H N N 120 
GLY HA3  H N N 121 
GLY HXT  H N N 122 
HIS N    N N N 123 
HIS CA   C N S 124 
HIS C    C N N 125 
HIS O    O N N 126 
HIS CB   C N N 127 
HIS CG   C Y N 128 
HIS ND1  N Y N 129 
HIS CD2  C Y N 130 
HIS CE1  C Y N 131 
HIS NE2  N Y N 132 
HIS OXT  O N N 133 
HIS H    H N N 134 
HIS H2   H N N 135 
HIS HA   H N N 136 
HIS HB2  H N N 137 
HIS HB3  H N N 138 
HIS HD1  H N N 139 
HIS HD2  H N N 140 
HIS HE1  H N N 141 
HIS HE2  H N N 142 
HIS HXT  H N N 143 
HOH O    O N N 144 
HOH H1   H N N 145 
HOH H2   H N N 146 
ILE N    N N N 147 
ILE CA   C N S 148 
ILE C    C N N 149 
ILE O    O N N 150 
ILE CB   C N S 151 
ILE CG1  C N N 152 
ILE CG2  C N N 153 
ILE CD1  C N N 154 
ILE OXT  O N N 155 
ILE H    H N N 156 
ILE H2   H N N 157 
ILE HA   H N N 158 
ILE HB   H N N 159 
ILE HG12 H N N 160 
ILE HG13 H N N 161 
ILE HG21 H N N 162 
ILE HG22 H N N 163 
ILE HG23 H N N 164 
ILE HD11 H N N 165 
ILE HD12 H N N 166 
ILE HD13 H N N 167 
ILE HXT  H N N 168 
LEU N    N N N 169 
LEU CA   C N S 170 
LEU C    C N N 171 
LEU O    O N N 172 
LEU CB   C N N 173 
LEU CG   C N N 174 
LEU CD1  C N N 175 
LEU CD2  C N N 176 
LEU OXT  O N N 177 
LEU H    H N N 178 
LEU H2   H N N 179 
LEU HA   H N N 180 
LEU HB2  H N N 181 
LEU HB3  H N N 182 
LEU HG   H N N 183 
LEU HD11 H N N 184 
LEU HD12 H N N 185 
LEU HD13 H N N 186 
LEU HD21 H N N 187 
LEU HD22 H N N 188 
LEU HD23 H N N 189 
LEU HXT  H N N 190 
LYS N    N N N 191 
LYS CA   C N S 192 
LYS C    C N N 193 
LYS O    O N N 194 
LYS CB   C N N 195 
LYS CG   C N N 196 
LYS CD   C N N 197 
LYS CE   C N N 198 
LYS NZ   N N N 199 
LYS OXT  O N N 200 
LYS H    H N N 201 
LYS H2   H N N 202 
LYS HA   H N N 203 
LYS HB2  H N N 204 
LYS HB3  H N N 205 
LYS HG2  H N N 206 
LYS HG3  H N N 207 
LYS HD2  H N N 208 
LYS HD3  H N N 209 
LYS HE2  H N N 210 
LYS HE3  H N N 211 
LYS HZ1  H N N 212 
LYS HZ2  H N N 213 
LYS HZ3  H N N 214 
LYS HXT  H N N 215 
MET N    N N N 216 
MET CA   C N S 217 
MET C    C N N 218 
MET O    O N N 219 
MET CB   C N N 220 
MET CG   C N N 221 
MET SD   S N N 222 
MET CE   C N N 223 
MET OXT  O N N 224 
MET H    H N N 225 
MET H2   H N N 226 
MET HA   H N N 227 
MET HB2  H N N 228 
MET HB3  H N N 229 
MET HG2  H N N 230 
MET HG3  H N N 231 
MET HE1  H N N 232 
MET HE2  H N N 233 
MET HE3  H N N 234 
MET HXT  H N N 235 
PHE N    N N N 236 
PHE CA   C N S 237 
PHE C    C N N 238 
PHE O    O N N 239 
PHE CB   C N N 240 
PHE CG   C Y N 241 
PHE CD1  C Y N 242 
PHE CD2  C Y N 243 
PHE CE1  C Y N 244 
PHE CE2  C Y N 245 
PHE CZ   C Y N 246 
PHE OXT  O N N 247 
PHE H    H N N 248 
PHE H2   H N N 249 
PHE HA   H N N 250 
PHE HB2  H N N 251 
PHE HB3  H N N 252 
PHE HD1  H N N 253 
PHE HD2  H N N 254 
PHE HE1  H N N 255 
PHE HE2  H N N 256 
PHE HZ   H N N 257 
PHE HXT  H N N 258 
PRO N    N N N 259 
PRO CA   C N S 260 
PRO C    C N N 261 
PRO O    O N N 262 
PRO CB   C N N 263 
PRO CG   C N N 264 
PRO CD   C N N 265 
PRO OXT  O N N 266 
PRO H    H N N 267 
PRO HA   H N N 268 
PRO HB2  H N N 269 
PRO HB3  H N N 270 
PRO HG2  H N N 271 
PRO HG3  H N N 272 
PRO HD2  H N N 273 
PRO HD3  H N N 274 
PRO HXT  H N N 275 
SER N    N N N 276 
SER CA   C N S 277 
SER C    C N N 278 
SER O    O N N 279 
SER CB   C N N 280 
SER OG   O N N 281 
SER OXT  O N N 282 
SER H    H N N 283 
SER H2   H N N 284 
SER HA   H N N 285 
SER HB2  H N N 286 
SER HB3  H N N 287 
SER HG   H N N 288 
SER HXT  H N N 289 
THR N    N N N 290 
THR CA   C N S 291 
THR C    C N N 292 
THR O    O N N 293 
THR CB   C N R 294 
THR OG1  O N N 295 
THR CG2  C N N 296 
THR OXT  O N N 297 
THR H    H N N 298 
THR H2   H N N 299 
THR HA   H N N 300 
THR HB   H N N 301 
THR HG1  H N N 302 
THR HG21 H N N 303 
THR HG22 H N N 304 
THR HG23 H N N 305 
THR HXT  H N N 306 
TYR N    N N N 307 
TYR CA   C N S 308 
TYR C    C N N 309 
TYR O    O N N 310 
TYR CB   C N N 311 
TYR CG   C Y N 312 
TYR CD1  C Y N 313 
TYR CD2  C Y N 314 
TYR CE1  C Y N 315 
TYR CE2  C Y N 316 
TYR CZ   C Y N 317 
TYR OH   O N N 318 
TYR OXT  O N N 319 
TYR H    H N N 320 
TYR H2   H N N 321 
TYR HA   H N N 322 
TYR HB2  H N N 323 
TYR HB3  H N N 324 
TYR HD1  H N N 325 
TYR HD2  H N N 326 
TYR HE1  H N N 327 
TYR HE2  H N N 328 
TYR HH   H N N 329 
TYR HXT  H N N 330 
VAL N    N N N 331 
VAL CA   C N S 332 
VAL C    C N N 333 
VAL O    O N N 334 
VAL CB   C N N 335 
VAL CG1  C N N 336 
VAL CG2  C N N 337 
VAL OXT  O N N 338 
VAL H    H N N 339 
VAL H2   H N N 340 
VAL HA   H N N 341 
VAL HB   H N N 342 
VAL HG11 H N N 343 
VAL HG12 H N N 344 
VAL HG13 H N N 345 
VAL HG21 H N N 346 
VAL HG22 H N N 347 
VAL HG23 H N N 348 
VAL HXT  H N N 349 
# 
loop_
_chem_comp_bond.comp_id 
_chem_comp_bond.atom_id_1 
_chem_comp_bond.atom_id_2 
_chem_comp_bond.value_order 
_chem_comp_bond.pdbx_aromatic_flag 
_chem_comp_bond.pdbx_stereo_config 
_chem_comp_bond.pdbx_ordinal 
ALA N   CA   sing N N 1   
ALA N   H    sing N N 2   
ALA N   H2   sing N N 3   
ALA CA  C    sing N N 4   
ALA CA  CB   sing N N 5   
ALA CA  HA   sing N N 6   
ALA C   O    doub N N 7   
ALA C   OXT  sing N N 8   
ALA CB  HB1  sing N N 9   
ALA CB  HB2  sing N N 10  
ALA CB  HB3  sing N N 11  
ALA OXT HXT  sing N N 12  
ARG N   CA   sing N N 13  
ARG N   H    sing N N 14  
ARG N   H2   sing N N 15  
ARG CA  C    sing N N 16  
ARG CA  CB   sing N N 17  
ARG CA  HA   sing N N 18  
ARG C   O    doub N N 19  
ARG C   OXT  sing N N 20  
ARG CB  CG   sing N N 21  
ARG CB  HB2  sing N N 22  
ARG CB  HB3  sing N N 23  
ARG CG  CD   sing N N 24  
ARG CG  HG2  sing N N 25  
ARG CG  HG3  sing N N 26  
ARG CD  NE   sing N N 27  
ARG CD  HD2  sing N N 28  
ARG CD  HD3  sing N N 29  
ARG NE  CZ   sing N N 30  
ARG NE  HE   sing N N 31  
ARG CZ  NH1  sing N N 32  
ARG CZ  NH2  doub N N 33  
ARG NH1 HH11 sing N N 34  
ARG NH1 HH12 sing N N 35  
ARG NH2 HH21 sing N N 36  
ARG NH2 HH22 sing N N 37  
ARG OXT HXT  sing N N 38  
ASN N   CA   sing N N 39  
ASN N   H    sing N N 40  
ASN N   H2   sing N N 41  
ASN CA  C    sing N N 42  
ASN CA  CB   sing N N 43  
ASN CA  HA   sing N N 44  
ASN C   O    doub N N 45  
ASN C   OXT  sing N N 46  
ASN CB  CG   sing N N 47  
ASN CB  HB2  sing N N 48  
ASN CB  HB3  sing N N 49  
ASN CG  OD1  doub N N 50  
ASN CG  ND2  sing N N 51  
ASN ND2 HD21 sing N N 52  
ASN ND2 HD22 sing N N 53  
ASN OXT HXT  sing N N 54  
ASP N   CA   sing N N 55  
ASP N   H    sing N N 56  
ASP N   H2   sing N N 57  
ASP CA  C    sing N N 58  
ASP CA  CB   sing N N 59  
ASP CA  HA   sing N N 60  
ASP C   O    doub N N 61  
ASP C   OXT  sing N N 62  
ASP CB  CG   sing N N 63  
ASP CB  HB2  sing N N 64  
ASP CB  HB3  sing N N 65  
ASP CG  OD1  doub N N 66  
ASP CG  OD2  sing N N 67  
ASP OD2 HD2  sing N N 68  
ASP OXT HXT  sing N N 69  
GLN N   CA   sing N N 70  
GLN N   H    sing N N 71  
GLN N   H2   sing N N 72  
GLN CA  C    sing N N 73  
GLN CA  CB   sing N N 74  
GLN CA  HA   sing N N 75  
GLN C   O    doub N N 76  
GLN C   OXT  sing N N 77  
GLN CB  CG   sing N N 78  
GLN CB  HB2  sing N N 79  
GLN CB  HB3  sing N N 80  
GLN CG  CD   sing N N 81  
GLN CG  HG2  sing N N 82  
GLN CG  HG3  sing N N 83  
GLN CD  OE1  doub N N 84  
GLN CD  NE2  sing N N 85  
GLN NE2 HE21 sing N N 86  
GLN NE2 HE22 sing N N 87  
GLN OXT HXT  sing N N 88  
GLU N   CA   sing N N 89  
GLU N   H    sing N N 90  
GLU N   H2   sing N N 91  
GLU CA  C    sing N N 92  
GLU CA  CB   sing N N 93  
GLU CA  HA   sing N N 94  
GLU C   O    doub N N 95  
GLU C   OXT  sing N N 96  
GLU CB  CG   sing N N 97  
GLU CB  HB2  sing N N 98  
GLU CB  HB3  sing N N 99  
GLU CG  CD   sing N N 100 
GLU CG  HG2  sing N N 101 
GLU CG  HG3  sing N N 102 
GLU CD  OE1  doub N N 103 
GLU CD  OE2  sing N N 104 
GLU OE2 HE2  sing N N 105 
GLU OXT HXT  sing N N 106 
GLY N   CA   sing N N 107 
GLY N   H    sing N N 108 
GLY N   H2   sing N N 109 
GLY CA  C    sing N N 110 
GLY CA  HA2  sing N N 111 
GLY CA  HA3  sing N N 112 
GLY C   O    doub N N 113 
GLY C   OXT  sing N N 114 
GLY OXT HXT  sing N N 115 
HIS N   CA   sing N N 116 
HIS N   H    sing N N 117 
HIS N   H2   sing N N 118 
HIS CA  C    sing N N 119 
HIS CA  CB   sing N N 120 
HIS CA  HA   sing N N 121 
HIS C   O    doub N N 122 
HIS C   OXT  sing N N 123 
HIS CB  CG   sing N N 124 
HIS CB  HB2  sing N N 125 
HIS CB  HB3  sing N N 126 
HIS CG  ND1  sing Y N 127 
HIS CG  CD2  doub Y N 128 
HIS ND1 CE1  doub Y N 129 
HIS ND1 HD1  sing N N 130 
HIS CD2 NE2  sing Y N 131 
HIS CD2 HD2  sing N N 132 
HIS CE1 NE2  sing Y N 133 
HIS CE1 HE1  sing N N 134 
HIS NE2 HE2  sing N N 135 
HIS OXT HXT  sing N N 136 
HOH O   H1   sing N N 137 
HOH O   H2   sing N N 138 
ILE N   CA   sing N N 139 
ILE N   H    sing N N 140 
ILE N   H2   sing N N 141 
ILE CA  C    sing N N 142 
ILE CA  CB   sing N N 143 
ILE CA  HA   sing N N 144 
ILE C   O    doub N N 145 
ILE C   OXT  sing N N 146 
ILE CB  CG1  sing N N 147 
ILE CB  CG2  sing N N 148 
ILE CB  HB   sing N N 149 
ILE CG1 CD1  sing N N 150 
ILE CG1 HG12 sing N N 151 
ILE CG1 HG13 sing N N 152 
ILE CG2 HG21 sing N N 153 
ILE CG2 HG22 sing N N 154 
ILE CG2 HG23 sing N N 155 
ILE CD1 HD11 sing N N 156 
ILE CD1 HD12 sing N N 157 
ILE CD1 HD13 sing N N 158 
ILE OXT HXT  sing N N 159 
LEU N   CA   sing N N 160 
LEU N   H    sing N N 161 
LEU N   H2   sing N N 162 
LEU CA  C    sing N N 163 
LEU CA  CB   sing N N 164 
LEU CA  HA   sing N N 165 
LEU C   O    doub N N 166 
LEU C   OXT  sing N N 167 
LEU CB  CG   sing N N 168 
LEU CB  HB2  sing N N 169 
LEU CB  HB3  sing N N 170 
LEU CG  CD1  sing N N 171 
LEU CG  CD2  sing N N 172 
LEU CG  HG   sing N N 173 
LEU CD1 HD11 sing N N 174 
LEU CD1 HD12 sing N N 175 
LEU CD1 HD13 sing N N 176 
LEU CD2 HD21 sing N N 177 
LEU CD2 HD22 sing N N 178 
LEU CD2 HD23 sing N N 179 
LEU OXT HXT  sing N N 180 
LYS N   CA   sing N N 181 
LYS N   H    sing N N 182 
LYS N   H2   sing N N 183 
LYS CA  C    sing N N 184 
LYS CA  CB   sing N N 185 
LYS CA  HA   sing N N 186 
LYS C   O    doub N N 187 
LYS C   OXT  sing N N 188 
LYS CB  CG   sing N N 189 
LYS CB  HB2  sing N N 190 
LYS CB  HB3  sing N N 191 
LYS CG  CD   sing N N 192 
LYS CG  HG2  sing N N 193 
LYS CG  HG3  sing N N 194 
LYS CD  CE   sing N N 195 
LYS CD  HD2  sing N N 196 
LYS CD  HD3  sing N N 197 
LYS CE  NZ   sing N N 198 
LYS CE  HE2  sing N N 199 
LYS CE  HE3  sing N N 200 
LYS NZ  HZ1  sing N N 201 
LYS NZ  HZ2  sing N N 202 
LYS NZ  HZ3  sing N N 203 
LYS OXT HXT  sing N N 204 
MET N   CA   sing N N 205 
MET N   H    sing N N 206 
MET N   H2   sing N N 207 
MET CA  C    sing N N 208 
MET CA  CB   sing N N 209 
MET CA  HA   sing N N 210 
MET C   O    doub N N 211 
MET C   OXT  sing N N 212 
MET CB  CG   sing N N 213 
MET CB  HB2  sing N N 214 
MET CB  HB3  sing N N 215 
MET CG  SD   sing N N 216 
MET CG  HG2  sing N N 217 
MET CG  HG3  sing N N 218 
MET SD  CE   sing N N 219 
MET CE  HE1  sing N N 220 
MET CE  HE2  sing N N 221 
MET CE  HE3  sing N N 222 
MET OXT HXT  sing N N 223 
PHE N   CA   sing N N 224 
PHE N   H    sing N N 225 
PHE N   H2   sing N N 226 
PHE CA  C    sing N N 227 
PHE CA  CB   sing N N 228 
PHE CA  HA   sing N N 229 
PHE C   O    doub N N 230 
PHE C   OXT  sing N N 231 
PHE CB  CG   sing N N 232 
PHE CB  HB2  sing N N 233 
PHE CB  HB3  sing N N 234 
PHE CG  CD1  doub Y N 235 
PHE CG  CD2  sing Y N 236 
PHE CD1 CE1  sing Y N 237 
PHE CD1 HD1  sing N N 238 
PHE CD2 CE2  doub Y N 239 
PHE CD2 HD2  sing N N 240 
PHE CE1 CZ   doub Y N 241 
PHE CE1 HE1  sing N N 242 
PHE CE2 CZ   sing Y N 243 
PHE CE2 HE2  sing N N 244 
PHE CZ  HZ   sing N N 245 
PHE OXT HXT  sing N N 246 
PRO N   CA   sing N N 247 
PRO N   CD   sing N N 248 
PRO N   H    sing N N 249 
PRO CA  C    sing N N 250 
PRO CA  CB   sing N N 251 
PRO CA  HA   sing N N 252 
PRO C   O    doub N N 253 
PRO C   OXT  sing N N 254 
PRO CB  CG   sing N N 255 
PRO CB  HB2  sing N N 256 
PRO CB  HB3  sing N N 257 
PRO CG  CD   sing N N 258 
PRO CG  HG2  sing N N 259 
PRO CG  HG3  sing N N 260 
PRO CD  HD2  sing N N 261 
PRO CD  HD3  sing N N 262 
PRO OXT HXT  sing N N 263 
SER N   CA   sing N N 264 
SER N   H    sing N N 265 
SER N   H2   sing N N 266 
SER CA  C    sing N N 267 
SER CA  CB   sing N N 268 
SER CA  HA   sing N N 269 
SER C   O    doub N N 270 
SER C   OXT  sing N N 271 
SER CB  OG   sing N N 272 
SER CB  HB2  sing N N 273 
SER CB  HB3  sing N N 274 
SER OG  HG   sing N N 275 
SER OXT HXT  sing N N 276 
THR N   CA   sing N N 277 
THR N   H    sing N N 278 
THR N   H2   sing N N 279 
THR CA  C    sing N N 280 
THR CA  CB   sing N N 281 
THR CA  HA   sing N N 282 
THR C   O    doub N N 283 
THR C   OXT  sing N N 284 
THR CB  OG1  sing N N 285 
THR CB  CG2  sing N N 286 
THR CB  HB   sing N N 287 
THR OG1 HG1  sing N N 288 
THR CG2 HG21 sing N N 289 
THR CG2 HG22 sing N N 290 
THR CG2 HG23 sing N N 291 
THR OXT HXT  sing N N 292 
TYR N   CA   sing N N 293 
TYR N   H    sing N N 294 
TYR N   H2   sing N N 295 
TYR CA  C    sing N N 296 
TYR CA  CB   sing N N 297 
TYR CA  HA   sing N N 298 
TYR C   O    doub N N 299 
TYR C   OXT  sing N N 300 
TYR CB  CG   sing N N 301 
TYR CB  HB2  sing N N 302 
TYR CB  HB3  sing N N 303 
TYR CG  CD1  doub Y N 304 
TYR CG  CD2  sing Y N 305 
TYR CD1 CE1  sing Y N 306 
TYR CD1 HD1  sing N N 307 
TYR CD2 CE2  doub Y N 308 
TYR CD2 HD2  sing N N 309 
TYR CE1 CZ   doub Y N 310 
TYR CE1 HE1  sing N N 311 
TYR CE2 CZ   sing Y N 312 
TYR CE2 HE2  sing N N 313 
TYR CZ  OH   sing N N 314 
TYR OH  HH   sing N N 315 
TYR OXT HXT  sing N N 316 
VAL N   CA   sing N N 317 
VAL N   H    sing N N 318 
VAL N   H2   sing N N 319 
VAL CA  C    sing N N 320 
VAL CA  CB   sing N N 321 
VAL CA  HA   sing N N 322 
VAL C   O    doub N N 323 
VAL C   OXT  sing N N 324 
VAL CB  CG1  sing N N 325 
VAL CB  CG2  sing N N 326 
VAL CB  HB   sing N N 327 
VAL CG1 HG11 sing N N 328 
VAL CG1 HG12 sing N N 329 
VAL CG1 HG13 sing N N 330 
VAL CG2 HG21 sing N N 331 
VAL CG2 HG22 sing N N 332 
VAL CG2 HG23 sing N N 333 
VAL OXT HXT  sing N N 334 
# 
_pdbx_entity_nonpoly.entity_id   2 
_pdbx_entity_nonpoly.name        water 
_pdbx_entity_nonpoly.comp_id     HOH 
# 
_pdbx_initial_refinement_model.id               1 
_pdbx_initial_refinement_model.entity_id_list   ? 
_pdbx_initial_refinement_model.type             'experimental model' 
_pdbx_initial_refinement_model.source_name      PDB 
_pdbx_initial_refinement_model.accession_code   3DWG 
_pdbx_initial_refinement_model.details          'PDB entry 3DWG, chain C' 
# 
